data_6L6A
# 
_entry.id   6L6A 
# 
_audit_conform.dict_name       mmcif_pdbx.dic 
_audit_conform.dict_version    5.380 
_audit_conform.dict_location   http://mmcif.pdb.org/dictionaries/ascii/mmcif_pdbx.dic 
# 
loop_
_database_2.database_id 
_database_2.database_code 
_database_2.pdbx_database_accession 
_database_2.pdbx_DOI 
PDB   6L6A         pdb_00006l6a 10.2210/pdb6l6a/pdb 
WWPDB D_1300014289 ?            ?                   
# 
_pdbx_database_status.status_code                     REL 
_pdbx_database_status.status_code_sf                  REL 
_pdbx_database_status.status_code_mr                  ? 
_pdbx_database_status.entry_id                        6L6A 
_pdbx_database_status.recvd_initial_deposition_date   2019-10-28 
_pdbx_database_status.SG_entry                        N 
_pdbx_database_status.deposit_site                    PDBJ 
_pdbx_database_status.process_site                    PDBJ 
_pdbx_database_status.status_code_cs                  ? 
_pdbx_database_status.methods_development_category    ? 
_pdbx_database_status.pdb_format_compatible           Y 
_pdbx_database_status.status_code_nmr_data            ? 
# 
_audit_author.name               'Kamitori, S.' 
_audit_author.pdbx_ordinal       1 
_audit_author.identifier_ORCID   0000-0002-3950-3372 
# 
_citation.abstract                  ? 
_citation.abstract_id_CAS           ? 
_citation.book_id_ISBN              ? 
_citation.book_publisher            ? 
_citation.book_publisher_city       ? 
_citation.book_title                ? 
_citation.coordinate_linkage        ? 
_citation.country                   US 
_citation.database_id_Medline       ? 
_citation.details                   ? 
_citation.id                        primary 
_citation.journal_abbrev            Biochem.Biophys.Res.Commun. 
_citation.journal_id_ASTM           BBRCA9 
_citation.journal_id_CSD            0146 
_citation.journal_id_ISSN           1090-2104 
_citation.journal_full              ? 
_citation.journal_issue             ? 
_citation.journal_volume            ? 
_citation.language                  ? 
_citation.page_first                ? 
_citation.page_last                 ? 
_citation.title                     
;Structures of human galectin-10/monosaccharide complexes demonstrate potential of monosaccharides as effectors in forming Charcot-Leyden crystals.
;
_citation.year                      2020 
_citation.database_id_CSD           ? 
_citation.pdbx_database_id_DOI      10.1016/j.bbrc.2020.02.037 
_citation.pdbx_database_id_PubMed   32081418 
_citation.unpublished_flag          ? 
# 
loop_
_citation_author.citation_id 
_citation_author.name 
_citation_author.ordinal 
_citation_author.identifier_ORCID 
primary 'Itoh, A.'       1 ? 
primary 'Nonaka, Y.'     2 ? 
primary 'Nakakita, S.I.' 3 ? 
primary 'Yoshida, H.'    4 ? 
primary 'Nishi, N.'      5 ? 
primary 'Nakamura, T.'   6 ? 
primary 'Kamitori, S.'   7 ? 
# 
_cell.angle_alpha                  90.000 
_cell.angle_alpha_esd              ? 
_cell.angle_beta                   90.000 
_cell.angle_beta_esd               ? 
_cell.angle_gamma                  120.000 
_cell.angle_gamma_esd              ? 
_cell.entry_id                     6L6A 
_cell.details                      ? 
_cell.formula_units_Z              ? 
_cell.length_a                     48.830 
_cell.length_a_esd                 ? 
_cell.length_b                     48.830 
_cell.length_b_esd                 ? 
_cell.length_c                     260.940 
_cell.length_c_esd                 ? 
_cell.volume                       ? 
_cell.volume_esd                   ? 
_cell.Z_PDB                        12 
_cell.reciprocal_angle_alpha       ? 
_cell.reciprocal_angle_beta        ? 
_cell.reciprocal_angle_gamma       ? 
_cell.reciprocal_angle_alpha_esd   ? 
_cell.reciprocal_angle_beta_esd    ? 
_cell.reciprocal_angle_gamma_esd   ? 
_cell.reciprocal_length_a          ? 
_cell.reciprocal_length_b          ? 
_cell.reciprocal_length_c          ? 
_cell.reciprocal_length_a_esd      ? 
_cell.reciprocal_length_b_esd      ? 
_cell.reciprocal_length_c_esd      ? 
_cell.pdbx_unique_axis             ? 
# 
_symmetry.entry_id                         6L6A 
_symmetry.cell_setting                     ? 
_symmetry.Int_Tables_number                179 
_symmetry.space_group_name_Hall            ? 
_symmetry.space_group_name_H-M             'P 65 2 2' 
_symmetry.pdbx_full_space_group_name_H-M   ? 
# 
loop_
_entity.id 
_entity.type 
_entity.src_method 
_entity.pdbx_description 
_entity.formula_weight 
_entity.pdbx_number_of_molecules 
_entity.pdbx_ec 
_entity.pdbx_mutation 
_entity.pdbx_fragment 
_entity.details 
1 polymer     man Galectin-10          16644.016 1  ? ? ? ? 
2 non-polymer man beta-D-mannopyranose 180.156   1  ? ? ? ? 
3 water       nat water                18.015    85 ? ? ? ? 
# 
_entity_name_com.entity_id   1 
_entity_name_com.name        'Gal-10,Charcot-Leyden crystal protein,CLC,Eosinophil lysophospholipase,Lysolecithin acylhydrolase' 
# 
_entity_poly.entity_id                      1 
_entity_poly.type                           'polypeptide(L)' 
_entity_poly.nstd_linkage                   no 
_entity_poly.nstd_monomer                   no 
_entity_poly.pdbx_seq_one_letter_code       
;GSMSLLPVPYTEAASLSTGSTVTIKGRPLVCFLNEPYLQVDFHTEMKEESDIVFHFQVCFGRRVVMNSREYGAWKQQVES
KNMPFQDGQEFELSISVLPDKYQVMVNGQSSYTFDHRIKPEAVKMVQVWRDISLTKFNVSYLKR
;
_entity_poly.pdbx_seq_one_letter_code_can   
;GSMSLLPVPYTEAASLSTGSTVTIKGRPLVCFLNEPYLQVDFHTEMKEESDIVFHFQVCFGRRVVMNSREYGAWKQQVES
KNMPFQDGQEFELSISVLPDKYQVMVNGQSSYTFDHRIKPEAVKMVQVWRDISLTKFNVSYLKR
;
_entity_poly.pdbx_strand_id                 A 
_entity_poly.pdbx_target_identifier         ? 
# 
loop_
_entity_poly_seq.entity_id 
_entity_poly_seq.num 
_entity_poly_seq.mon_id 
_entity_poly_seq.hetero 
1 1   GLY n 
1 2   SER n 
1 3   MET n 
1 4   SER n 
1 5   LEU n 
1 6   LEU n 
1 7   PRO n 
1 8   VAL n 
1 9   PRO n 
1 10  TYR n 
1 11  THR n 
1 12  GLU n 
1 13  ALA n 
1 14  ALA n 
1 15  SER n 
1 16  LEU n 
1 17  SER n 
1 18  THR n 
1 19  GLY n 
1 20  SER n 
1 21  THR n 
1 22  VAL n 
1 23  THR n 
1 24  ILE n 
1 25  LYS n 
1 26  GLY n 
1 27  ARG n 
1 28  PRO n 
1 29  LEU n 
1 30  VAL n 
1 31  CYS n 
1 32  PHE n 
1 33  LEU n 
1 34  ASN n 
1 35  GLU n 
1 36  PRO n 
1 37  TYR n 
1 38  LEU n 
1 39  GLN n 
1 40  VAL n 
1 41  ASP n 
1 42  PHE n 
1 43  HIS n 
1 44  THR n 
1 45  GLU n 
1 46  MET n 
1 47  LYS n 
1 48  GLU n 
1 49  GLU n 
1 50  SER n 
1 51  ASP n 
1 52  ILE n 
1 53  VAL n 
1 54  PHE n 
1 55  HIS n 
1 56  PHE n 
1 57  GLN n 
1 58  VAL n 
1 59  CYS n 
1 60  PHE n 
1 61  GLY n 
1 62  ARG n 
1 63  ARG n 
1 64  VAL n 
1 65  VAL n 
1 66  MET n 
1 67  ASN n 
1 68  SER n 
1 69  ARG n 
1 70  GLU n 
1 71  TYR n 
1 72  GLY n 
1 73  ALA n 
1 74  TRP n 
1 75  LYS n 
1 76  GLN n 
1 77  GLN n 
1 78  VAL n 
1 79  GLU n 
1 80  SER n 
1 81  LYS n 
1 82  ASN n 
1 83  MET n 
1 84  PRO n 
1 85  PHE n 
1 86  GLN n 
1 87  ASP n 
1 88  GLY n 
1 89  GLN n 
1 90  GLU n 
1 91  PHE n 
1 92  GLU n 
1 93  LEU n 
1 94  SER n 
1 95  ILE n 
1 96  SER n 
1 97  VAL n 
1 98  LEU n 
1 99  PRO n 
1 100 ASP n 
1 101 LYS n 
1 102 TYR n 
1 103 GLN n 
1 104 VAL n 
1 105 MET n 
1 106 VAL n 
1 107 ASN n 
1 108 GLY n 
1 109 GLN n 
1 110 SER n 
1 111 SER n 
1 112 TYR n 
1 113 THR n 
1 114 PHE n 
1 115 ASP n 
1 116 HIS n 
1 117 ARG n 
1 118 ILE n 
1 119 LYS n 
1 120 PRO n 
1 121 GLU n 
1 122 ALA n 
1 123 VAL n 
1 124 LYS n 
1 125 MET n 
1 126 VAL n 
1 127 GLN n 
1 128 VAL n 
1 129 TRP n 
1 130 ARG n 
1 131 ASP n 
1 132 ILE n 
1 133 SER n 
1 134 LEU n 
1 135 THR n 
1 136 LYS n 
1 137 PHE n 
1 138 ASN n 
1 139 VAL n 
1 140 SER n 
1 141 TYR n 
1 142 LEU n 
1 143 LYS n 
1 144 ARG n 
# 
_entity_src_gen.entity_id                          1 
_entity_src_gen.pdbx_src_id                        1 
_entity_src_gen.pdbx_alt_source_flag               sample 
_entity_src_gen.pdbx_seq_type                      'Biological sequence' 
_entity_src_gen.pdbx_beg_seq_num                   1 
_entity_src_gen.pdbx_end_seq_num                   144 
_entity_src_gen.gene_src_common_name               Human 
_entity_src_gen.gene_src_genus                     ? 
_entity_src_gen.pdbx_gene_src_gene                 'CLC, LGALS10, LGALS10A' 
_entity_src_gen.gene_src_species                   ? 
_entity_src_gen.gene_src_strain                    ? 
_entity_src_gen.gene_src_tissue                    ? 
_entity_src_gen.gene_src_tissue_fraction           ? 
_entity_src_gen.gene_src_details                   ? 
_entity_src_gen.pdbx_gene_src_fragment             ? 
_entity_src_gen.pdbx_gene_src_scientific_name      'Homo sapiens' 
_entity_src_gen.pdbx_gene_src_ncbi_taxonomy_id     9606 
_entity_src_gen.pdbx_gene_src_variant              ? 
_entity_src_gen.pdbx_gene_src_cell_line            ? 
_entity_src_gen.pdbx_gene_src_atcc                 ? 
_entity_src_gen.pdbx_gene_src_organ                ? 
_entity_src_gen.pdbx_gene_src_organelle            ? 
_entity_src_gen.pdbx_gene_src_cell                 ? 
_entity_src_gen.pdbx_gene_src_cellular_location    ? 
_entity_src_gen.host_org_common_name               ? 
_entity_src_gen.pdbx_host_org_scientific_name      'Escherichia coli' 
_entity_src_gen.pdbx_host_org_ncbi_taxonomy_id     562 
_entity_src_gen.host_org_genus                     ? 
_entity_src_gen.pdbx_host_org_gene                 ? 
_entity_src_gen.pdbx_host_org_organ                ? 
_entity_src_gen.host_org_species                   ? 
_entity_src_gen.pdbx_host_org_tissue               ? 
_entity_src_gen.pdbx_host_org_tissue_fraction      ? 
_entity_src_gen.pdbx_host_org_strain               ? 
_entity_src_gen.pdbx_host_org_variant              ? 
_entity_src_gen.pdbx_host_org_cell_line            ? 
_entity_src_gen.pdbx_host_org_atcc                 ? 
_entity_src_gen.pdbx_host_org_culture_collection   ? 
_entity_src_gen.pdbx_host_org_cell                 ? 
_entity_src_gen.pdbx_host_org_organelle            ? 
_entity_src_gen.pdbx_host_org_cellular_location    ? 
_entity_src_gen.pdbx_host_org_vector_type          ? 
_entity_src_gen.pdbx_host_org_vector               ? 
_entity_src_gen.host_org_details                   ? 
_entity_src_gen.expression_system_id               ? 
_entity_src_gen.plasmid_name                       ? 
_entity_src_gen.plasmid_details                    ? 
_entity_src_gen.pdbx_description                   ? 
# 
_struct_ref.id                         1 
_struct_ref.db_name                    UNP 
_struct_ref.db_code                    LEG10_HUMAN 
_struct_ref.pdbx_db_accession          Q05315 
_struct_ref.pdbx_db_isoform            ? 
_struct_ref.entity_id                  1 
_struct_ref.pdbx_seq_one_letter_code   
;MSLLPVPYTEAASLSTGSTVTIKGRPLACFLNEPYLQVDFHTEMKEESDIVFHFQVCFGRRVVMNSREYGAWKQQVESKN
MPFQDGQEFELSISVLPDKYQVMVNGQSSYTFDHRIKPEAVKMVQVWRDISLTKFNVSYLKR
;
_struct_ref.pdbx_align_begin           1 
# 
_struct_ref_seq.align_id                      1 
_struct_ref_seq.ref_id                        1 
_struct_ref_seq.pdbx_PDB_id_code              6L6A 
_struct_ref_seq.pdbx_strand_id                A 
_struct_ref_seq.seq_align_beg                 3 
_struct_ref_seq.pdbx_seq_align_beg_ins_code   ? 
_struct_ref_seq.seq_align_end                 144 
_struct_ref_seq.pdbx_seq_align_end_ins_code   ? 
_struct_ref_seq.pdbx_db_accession             Q05315 
_struct_ref_seq.db_align_beg                  1 
_struct_ref_seq.pdbx_db_align_beg_ins_code    ? 
_struct_ref_seq.db_align_end                  142 
_struct_ref_seq.pdbx_db_align_end_ins_code    ? 
_struct_ref_seq.pdbx_auth_seq_align_beg       1 
_struct_ref_seq.pdbx_auth_seq_align_end       142 
# 
loop_
_struct_ref_seq_dif.align_id 
_struct_ref_seq_dif.pdbx_pdb_id_code 
_struct_ref_seq_dif.mon_id 
_struct_ref_seq_dif.pdbx_pdb_strand_id 
_struct_ref_seq_dif.seq_num 
_struct_ref_seq_dif.pdbx_pdb_ins_code 
_struct_ref_seq_dif.pdbx_seq_db_name 
_struct_ref_seq_dif.pdbx_seq_db_accession_code 
_struct_ref_seq_dif.db_mon_id 
_struct_ref_seq_dif.pdbx_seq_db_seq_num 
_struct_ref_seq_dif.details 
_struct_ref_seq_dif.pdbx_auth_seq_num 
_struct_ref_seq_dif.pdbx_ordinal 
1 6L6A GLY A 1  ? UNP Q05315 ?   ?  'expression tag' -1 1 
1 6L6A SER A 2  ? UNP Q05315 ?   ?  'expression tag' 0  2 
1 6L6A VAL A 30 ? UNP Q05315 ALA 28 variant          28 3 
# 
loop_
_chem_comp.id 
_chem_comp.type 
_chem_comp.mon_nstd_flag 
_chem_comp.name 
_chem_comp.pdbx_synonyms 
_chem_comp.formula 
_chem_comp.formula_weight 
ALA 'L-peptide linking'          y ALANINE              ?                                    'C3 H7 N O2'     89.093  
ARG 'L-peptide linking'          y ARGININE             ?                                    'C6 H15 N4 O2 1' 175.209 
ASN 'L-peptide linking'          y ASPARAGINE           ?                                    'C4 H8 N2 O3'    132.118 
ASP 'L-peptide linking'          y 'ASPARTIC ACID'      ?                                    'C4 H7 N O4'     133.103 
BMA 'D-saccharide, beta linking' . beta-D-mannopyranose 'beta-D-mannose; D-mannose; mannose' 'C6 H12 O6'      180.156 
CYS 'L-peptide linking'          y CYSTEINE             ?                                    'C3 H7 N O2 S'   121.158 
GLN 'L-peptide linking'          y GLUTAMINE            ?                                    'C5 H10 N2 O3'   146.144 
GLU 'L-peptide linking'          y 'GLUTAMIC ACID'      ?                                    'C5 H9 N O4'     147.129 
GLY 'peptide linking'            y GLYCINE              ?                                    'C2 H5 N O2'     75.067  
HIS 'L-peptide linking'          y HISTIDINE            ?                                    'C6 H10 N3 O2 1' 156.162 
HOH non-polymer                  . WATER                ?                                    'H2 O'           18.015  
ILE 'L-peptide linking'          y ISOLEUCINE           ?                                    'C6 H13 N O2'    131.173 
LEU 'L-peptide linking'          y LEUCINE              ?                                    'C6 H13 N O2'    131.173 
LYS 'L-peptide linking'          y LYSINE               ?                                    'C6 H15 N2 O2 1' 147.195 
MET 'L-peptide linking'          y METHIONINE           ?                                    'C5 H11 N O2 S'  149.211 
PHE 'L-peptide linking'          y PHENYLALANINE        ?                                    'C9 H11 N O2'    165.189 
PRO 'L-peptide linking'          y PROLINE              ?                                    'C5 H9 N O2'     115.130 
SER 'L-peptide linking'          y SERINE               ?                                    'C3 H7 N O3'     105.093 
THR 'L-peptide linking'          y THREONINE            ?                                    'C4 H9 N O3'     119.119 
TRP 'L-peptide linking'          y TRYPTOPHAN           ?                                    'C11 H12 N2 O2'  204.225 
TYR 'L-peptide linking'          y TYROSINE             ?                                    'C9 H11 N O3'    181.189 
VAL 'L-peptide linking'          y VALINE               ?                                    'C5 H11 N O2'    117.146 
# 
_exptl.absorpt_coefficient_mu     ? 
_exptl.absorpt_correction_T_max   ? 
_exptl.absorpt_correction_T_min   ? 
_exptl.absorpt_correction_type    ? 
_exptl.absorpt_process_details    ? 
_exptl.entry_id                   6L6A 
_exptl.crystals_number            1 
_exptl.details                    ? 
_exptl.method                     'X-RAY DIFFRACTION' 
_exptl.method_details             ? 
# 
_exptl_crystal.colour                      ? 
_exptl_crystal.density_diffrn              ? 
_exptl_crystal.density_Matthews            2.70 
_exptl_crystal.density_method              ? 
_exptl_crystal.density_percent_sol         54.41 
_exptl_crystal.description                 ? 
_exptl_crystal.F_000                       ? 
_exptl_crystal.id                          1 
_exptl_crystal.preparation                 ? 
_exptl_crystal.size_max                    ? 
_exptl_crystal.size_mid                    ? 
_exptl_crystal.size_min                    ? 
_exptl_crystal.size_rad                    ? 
_exptl_crystal.colour_lustre               ? 
_exptl_crystal.colour_modifier             ? 
_exptl_crystal.colour_primary              ? 
_exptl_crystal.density_meas                ? 
_exptl_crystal.density_meas_esd            ? 
_exptl_crystal.density_meas_gt             ? 
_exptl_crystal.density_meas_lt             ? 
_exptl_crystal.density_meas_temp           ? 
_exptl_crystal.density_meas_temp_esd       ? 
_exptl_crystal.density_meas_temp_gt        ? 
_exptl_crystal.density_meas_temp_lt        ? 
_exptl_crystal.pdbx_crystal_image_url      ? 
_exptl_crystal.pdbx_crystal_image_format   ? 
_exptl_crystal.pdbx_mosaicity              ? 
_exptl_crystal.pdbx_mosaicity_esd          ? 
# 
_exptl_crystal_grow.apparatus       ? 
_exptl_crystal_grow.atmosphere      ? 
_exptl_crystal_grow.crystal_id      1 
_exptl_crystal_grow.details         ? 
_exptl_crystal_grow.method          'VAPOR DIFFUSION, SITTING DROP' 
_exptl_crystal_grow.method_ref      ? 
_exptl_crystal_grow.pH              ? 
_exptl_crystal_grow.pressure        ? 
_exptl_crystal_grow.pressure_esd    ? 
_exptl_crystal_grow.seeding         ? 
_exptl_crystal_grow.seeding_ref     ? 
_exptl_crystal_grow.temp            293 
_exptl_crystal_grow.temp_details    ? 
_exptl_crystal_grow.temp_esd        ? 
_exptl_crystal_grow.time            ? 
_exptl_crystal_grow.pdbx_details    '1.6 M ammonium sulfate, 0.1 M MES monohydrate pH 6.5, 10 % (v/v) 1,4-dioxane' 
_exptl_crystal_grow.pdbx_pH_range   ? 
# 
_diffrn.ambient_environment              ? 
_diffrn.ambient_temp                     100 
_diffrn.ambient_temp_details             ? 
_diffrn.ambient_temp_esd                 ? 
_diffrn.crystal_id                       1 
_diffrn.crystal_support                  ? 
_diffrn.crystal_treatment                ? 
_diffrn.details                          ? 
_diffrn.id                               1 
_diffrn.ambient_pressure                 ? 
_diffrn.ambient_pressure_esd             ? 
_diffrn.ambient_pressure_gt              ? 
_diffrn.ambient_pressure_lt              ? 
_diffrn.ambient_temp_gt                  ? 
_diffrn.ambient_temp_lt                  ? 
_diffrn.pdbx_serial_crystal_experiment   N 
# 
_diffrn_detector.details                      ? 
_diffrn_detector.detector                     'IMAGE PLATE' 
_diffrn_detector.diffrn_id                    1 
_diffrn_detector.type                         RIGAKU 
_diffrn_detector.area_resol_mean              ? 
_diffrn_detector.dtime                        ? 
_diffrn_detector.pdbx_frames_total            ? 
_diffrn_detector.pdbx_collection_time_total   ? 
_diffrn_detector.pdbx_collection_date         2018-10-02 
_diffrn_detector.pdbx_frequency               ? 
# 
_diffrn_radiation.collimation                      ? 
_diffrn_radiation.diffrn_id                        1 
_diffrn_radiation.filter_edge                      ? 
_diffrn_radiation.inhomogeneity                    ? 
_diffrn_radiation.monochromator                    ? 
_diffrn_radiation.polarisn_norm                    ? 
_diffrn_radiation.polarisn_ratio                   ? 
_diffrn_radiation.probe                            ? 
_diffrn_radiation.type                             ? 
_diffrn_radiation.xray_symbol                      ? 
_diffrn_radiation.wavelength_id                    1 
_diffrn_radiation.pdbx_monochromatic_or_laue_m_l   M 
_diffrn_radiation.pdbx_wavelength_list             ? 
_diffrn_radiation.pdbx_wavelength                  ? 
_diffrn_radiation.pdbx_diffrn_protocol             'SINGLE WAVELENGTH' 
_diffrn_radiation.pdbx_analyzer                    ? 
_diffrn_radiation.pdbx_scattering_type             x-ray 
# 
_diffrn_radiation_wavelength.id           1 
_diffrn_radiation_wavelength.wavelength   1.5418 
_diffrn_radiation_wavelength.wt           1.0 
# 
_diffrn_source.current                     ? 
_diffrn_source.details                     ? 
_diffrn_source.diffrn_id                   1 
_diffrn_source.power                       ? 
_diffrn_source.size                        ? 
_diffrn_source.source                      'ROTATING ANODE' 
_diffrn_source.target                      ? 
_diffrn_source.type                        RIGAKU 
_diffrn_source.voltage                     ? 
_diffrn_source.take-off_angle              ? 
_diffrn_source.pdbx_wavelength_list        1.5418 
_diffrn_source.pdbx_wavelength             ? 
_diffrn_source.pdbx_synchrotron_beamline   ? 
_diffrn_source.pdbx_synchrotron_site       ? 
# 
_reflns.B_iso_Wilson_estimate            ? 
_reflns.entry_id                         6L6A 
_reflns.data_reduction_details           ? 
_reflns.data_reduction_method            ? 
_reflns.d_resolution_high                1.81 
_reflns.d_resolution_low                 19.34 
_reflns.details                          ? 
_reflns.limit_h_max                      ? 
_reflns.limit_h_min                      ? 
_reflns.limit_k_max                      ? 
_reflns.limit_k_min                      ? 
_reflns.limit_l_max                      ? 
_reflns.limit_l_min                      ? 
_reflns.number_all                       ? 
_reflns.number_obs                       17615 
_reflns.observed_criterion               ? 
_reflns.observed_criterion_F_max         ? 
_reflns.observed_criterion_F_min         ? 
_reflns.observed_criterion_I_max         ? 
_reflns.observed_criterion_I_min         ? 
_reflns.observed_criterion_sigma_F       ? 
_reflns.observed_criterion_sigma_I       ? 
_reflns.percent_possible_obs             98.0 
_reflns.R_free_details                   ? 
_reflns.Rmerge_F_all                     ? 
_reflns.Rmerge_F_obs                     ? 
_reflns.Friedel_coverage                 ? 
_reflns.number_gt                        ? 
_reflns.threshold_expression             ? 
_reflns.pdbx_redundancy                  19.2 
_reflns.pdbx_Rmerge_I_obs                ? 
_reflns.pdbx_Rmerge_I_all                ? 
_reflns.pdbx_Rsym_value                  ? 
_reflns.pdbx_netI_over_av_sigmaI         ? 
_reflns.pdbx_netI_over_sigmaI            23.1 
_reflns.pdbx_res_netI_over_av_sigmaI_2   ? 
_reflns.pdbx_res_netI_over_sigmaI_2      ? 
_reflns.pdbx_chi_squared                 ? 
_reflns.pdbx_scaling_rejects             ? 
_reflns.pdbx_d_res_high_opt              ? 
_reflns.pdbx_d_res_low_opt               ? 
_reflns.pdbx_d_res_opt_method            ? 
_reflns.phase_calculation_details        ? 
_reflns.pdbx_Rrim_I_all                  ? 
_reflns.pdbx_Rpim_I_all                  ? 
_reflns.pdbx_d_opt                       ? 
_reflns.pdbx_number_measured_all         ? 
_reflns.pdbx_diffrn_id                   1 
_reflns.pdbx_ordinal                     1 
_reflns.pdbx_CC_half                     0.997 
_reflns.pdbx_CC_star                     ? 
_reflns.pdbx_R_split                     ? 
# 
_reflns_shell.d_res_high                  1.81 
_reflns_shell.d_res_low                   1.86 
_reflns_shell.meanI_over_sigI_all         ? 
_reflns_shell.meanI_over_sigI_obs         ? 
_reflns_shell.number_measured_all         ? 
_reflns_shell.number_measured_obs         ? 
_reflns_shell.number_possible             ? 
_reflns_shell.number_unique_all           ? 
_reflns_shell.number_unique_obs           1196 
_reflns_shell.percent_possible_all        ? 
_reflns_shell.percent_possible_obs        ? 
_reflns_shell.Rmerge_F_all                ? 
_reflns_shell.Rmerge_F_obs                ? 
_reflns_shell.Rmerge_I_all                ? 
_reflns_shell.Rmerge_I_obs                ? 
_reflns_shell.meanI_over_sigI_gt          ? 
_reflns_shell.meanI_over_uI_all           ? 
_reflns_shell.meanI_over_uI_gt            ? 
_reflns_shell.number_measured_gt          ? 
_reflns_shell.number_unique_gt            ? 
_reflns_shell.percent_possible_gt         ? 
_reflns_shell.Rmerge_F_gt                 ? 
_reflns_shell.Rmerge_I_gt                 ? 
_reflns_shell.pdbx_redundancy             ? 
_reflns_shell.pdbx_Rsym_value             ? 
_reflns_shell.pdbx_chi_squared            ? 
_reflns_shell.pdbx_netI_over_sigmaI_all   ? 
_reflns_shell.pdbx_netI_over_sigmaI_obs   ? 
_reflns_shell.pdbx_Rrim_I_all             ? 
_reflns_shell.pdbx_Rpim_I_all             ? 
_reflns_shell.pdbx_rejects                ? 
_reflns_shell.pdbx_ordinal                1 
_reflns_shell.pdbx_diffrn_id              1 
_reflns_shell.pdbx_CC_half                0.918 
_reflns_shell.pdbx_CC_star                ? 
_reflns_shell.pdbx_R_split                ? 
# 
_refine.aniso_B[1][1]                            -0.004 
_refine.aniso_B[1][2]                            -0.002 
_refine.aniso_B[1][3]                            0.000 
_refine.aniso_B[2][2]                            -0.004 
_refine.aniso_B[2][3]                            0.000 
_refine.aniso_B[3][3]                            0.012 
_refine.B_iso_max                                ? 
_refine.B_iso_mean                               16.726 
_refine.B_iso_min                                ? 
_refine.correlation_coeff_Fo_to_Fc               0.949 
_refine.correlation_coeff_Fo_to_Fc_free          0.928 
_refine.details                                  'Hydrogens have been added in their riding positions' 
_refine.diff_density_max                         ? 
_refine.diff_density_max_esd                     ? 
_refine.diff_density_min                         ? 
_refine.diff_density_min_esd                     ? 
_refine.diff_density_rms                         ? 
_refine.diff_density_rms_esd                     ? 
_refine.entry_id                                 6L6A 
_refine.pdbx_refine_id                           'X-RAY DIFFRACTION' 
_refine.ls_abs_structure_details                 ? 
_refine.ls_abs_structure_Flack                   ? 
_refine.ls_abs_structure_Flack_esd               ? 
_refine.ls_abs_structure_Rogers                  ? 
_refine.ls_abs_structure_Rogers_esd              ? 
_refine.ls_d_res_high                            1.810 
_refine.ls_d_res_low                             19.338 
_refine.ls_extinction_coef                       ? 
_refine.ls_extinction_coef_esd                   ? 
_refine.ls_extinction_expression                 ? 
_refine.ls_extinction_method                     ? 
_refine.ls_goodness_of_fit_all                   ? 
_refine.ls_goodness_of_fit_all_esd               ? 
_refine.ls_goodness_of_fit_obs                   ? 
_refine.ls_goodness_of_fit_obs_esd               ? 
_refine.ls_hydrogen_treatment                    ? 
_refine.ls_matrix_type                           ? 
_refine.ls_number_constraints                    ? 
_refine.ls_number_parameters                     ? 
_refine.ls_number_reflns_all                     ? 
_refine.ls_number_reflns_obs                     17615 
_refine.ls_number_reflns_R_free                  908 
_refine.ls_number_reflns_R_work                  ? 
_refine.ls_number_restraints                     ? 
_refine.ls_percent_reflns_obs                    98.041 
_refine.ls_percent_reflns_R_free                 5.155 
_refine.ls_R_factor_all                          0.190 
_refine.ls_R_factor_obs                          ? 
_refine.ls_R_factor_R_free                       0.2222 
_refine.ls_R_factor_R_free_error                 ? 
_refine.ls_R_factor_R_free_error_details         ? 
_refine.ls_R_factor_R_work                       0.1886 
_refine.ls_R_Fsqd_factor_obs                     ? 
_refine.ls_R_I_factor_obs                        ? 
_refine.ls_redundancy_reflns_all                 ? 
_refine.ls_redundancy_reflns_obs                 ? 
_refine.ls_restrained_S_all                      ? 
_refine.ls_restrained_S_obs                      ? 
_refine.ls_shift_over_esd_max                    ? 
_refine.ls_shift_over_esd_mean                   ? 
_refine.ls_structure_factor_coef                 ? 
_refine.ls_weighting_details                     ? 
_refine.ls_weighting_scheme                      ? 
_refine.ls_wR_factor_all                         ? 
_refine.ls_wR_factor_obs                         ? 
_refine.ls_wR_factor_R_free                      ? 
_refine.ls_wR_factor_R_work                      ? 
_refine.occupancy_max                            ? 
_refine.occupancy_min                            ? 
_refine.solvent_model_details                    ? 
_refine.solvent_model_param_bsol                 ? 
_refine.solvent_model_param_ksol                 ? 
_refine.pdbx_R_complete                          ? 
_refine.ls_R_factor_gt                           ? 
_refine.ls_goodness_of_fit_gt                    ? 
_refine.ls_goodness_of_fit_ref                   ? 
_refine.ls_shift_over_su_max                     ? 
_refine.ls_shift_over_su_max_lt                  ? 
_refine.ls_shift_over_su_mean                    ? 
_refine.ls_shift_over_su_mean_lt                 ? 
_refine.pdbx_ls_sigma_I                          ? 
_refine.pdbx_ls_sigma_F                          ? 
_refine.pdbx_ls_sigma_Fsqd                       ? 
_refine.pdbx_data_cutoff_high_absF               ? 
_refine.pdbx_data_cutoff_high_rms_absF           ? 
_refine.pdbx_data_cutoff_low_absF                ? 
_refine.pdbx_isotropic_thermal_model             ? 
_refine.pdbx_ls_cross_valid_method               'FREE R-VALUE' 
_refine.pdbx_method_to_determine_struct          'MOLECULAR REPLACEMENT' 
_refine.pdbx_starting_model                      1QKQ 
_refine.pdbx_stereochemistry_target_values       ? 
_refine.pdbx_R_Free_selection_details            ? 
_refine.pdbx_stereochem_target_val_spec_case     ? 
_refine.pdbx_overall_ESU_R                       0.115 
_refine.pdbx_overall_ESU_R_Free                  0.113 
_refine.pdbx_solvent_vdw_probe_radii             1.200 
_refine.pdbx_solvent_ion_probe_radii             0.800 
_refine.pdbx_solvent_shrinkage_radii             0.800 
_refine.pdbx_real_space_R                        ? 
_refine.pdbx_density_correlation                 ? 
_refine.pdbx_pd_number_of_powder_patterns        ? 
_refine.pdbx_pd_number_of_points                 ? 
_refine.pdbx_pd_meas_number_of_points            ? 
_refine.pdbx_pd_proc_ls_prof_R_factor            ? 
_refine.pdbx_pd_proc_ls_prof_wR_factor           ? 
_refine.pdbx_pd_Marquardt_correlation_coeff      ? 
_refine.pdbx_pd_Fsqrd_R_factor                   ? 
_refine.pdbx_pd_ls_matrix_band_width             ? 
_refine.pdbx_overall_phase_error                 ? 
_refine.pdbx_overall_SU_R_free_Cruickshank_DPI   ? 
_refine.pdbx_overall_SU_R_free_Blow_DPI          ? 
_refine.pdbx_overall_SU_R_Blow_DPI               ? 
_refine.pdbx_TLS_residual_ADP_flag               ? 
_refine.pdbx_diffrn_id                           1 
_refine.overall_SU_B                             2.190 
_refine.overall_SU_ML                            0.068 
_refine.overall_SU_R_Cruickshank_DPI             ? 
_refine.overall_SU_R_free                        ? 
_refine.overall_FOM_free_R_set                   ? 
_refine.overall_FOM_work_R_set                   ? 
_refine.pdbx_average_fsc_overall                 ? 
_refine.pdbx_average_fsc_work                    ? 
_refine.pdbx_average_fsc_free                    ? 
# 
_refine_hist.pdbx_refine_id                   'X-RAY DIFFRACTION' 
_refine_hist.cycle_id                         LAST 
_refine_hist.pdbx_number_atoms_protein        1159 
_refine_hist.pdbx_number_atoms_nucleic_acid   0 
_refine_hist.pdbx_number_atoms_ligand         12 
_refine_hist.number_atoms_solvent             85 
_refine_hist.number_atoms_total               1256 
_refine_hist.d_res_high                       1.810 
_refine_hist.d_res_low                        19.338 
# 
loop_
_refine_ls_restr.pdbx_refine_id 
_refine_ls_restr.criterion 
_refine_ls_restr.dev_ideal 
_refine_ls_restr.dev_ideal_target 
_refine_ls_restr.number 
_refine_ls_restr.rejects 
_refine_ls_restr.type 
_refine_ls_restr.weight 
_refine_ls_restr.pdbx_restraint_function 
'X-RAY DIFFRACTION' ? 0.007  0.013  1199 ? r_bond_refined_d               ? ? 
'X-RAY DIFFRACTION' ? 0.002  0.017  1095 ? r_bond_other_d                 ? ? 
'X-RAY DIFFRACTION' ? 1.442  1.662  1622 ? r_angle_refined_deg            ? ? 
'X-RAY DIFFRACTION' ? 1.271  1.584  2550 ? r_angle_other_deg              ? ? 
'X-RAY DIFFRACTION' ? 9.076  5.000  141  ? r_dihedral_angle_1_deg         ? ? 
'X-RAY DIFFRACTION' ? 34.900 22.500 64   ? r_dihedral_angle_2_deg         ? ? 
'X-RAY DIFFRACTION' ? 14.198 15.000 212  ? r_dihedral_angle_3_deg         ? ? 
'X-RAY DIFFRACTION' ? 23.579 15.000 7    ? r_dihedral_angle_4_deg         ? ? 
'X-RAY DIFFRACTION' ? 0.072  0.200  153  ? r_chiral_restr                 ? ? 
'X-RAY DIFFRACTION' ? 0.007  0.020  1313 ? r_gen_planes_refined           ? ? 
'X-RAY DIFFRACTION' ? 0.002  0.020  256  ? r_gen_planes_other             ? ? 
'X-RAY DIFFRACTION' ? 0.175  0.150  158  ? r_nbd_refined                  ? ? 
'X-RAY DIFFRACTION' ? 0.168  0.150  954  ? r_symmetry_nbd_other           ? ? 
'X-RAY DIFFRACTION' ? 0.162  0.150  547  ? r_nbtor_refined                ? ? 
'X-RAY DIFFRACTION' ? 0.074  0.150  574  ? r_symmetry_nbtor_other         ? ? 
'X-RAY DIFFRACTION' ? 0.092  0.150  58   ? r_xyhbond_nbd_refined          ? ? 
'X-RAY DIFFRACTION' ? 0.126  0.150  10   ? r_symmetry_nbd_refined         ? ? 
'X-RAY DIFFRACTION' ? 0.177  0.150  26   ? r_nbd_other                    ? ? 
'X-RAY DIFFRACTION' ? 0.125  0.150  14   ? r_symmetry_xyhbond_nbd_refined ? ? 
'X-RAY DIFFRACTION' ? 1.070  1.572  567  ? r_mcbond_it                    ? ? 
'X-RAY DIFFRACTION' ? 1.071  1.569  566  ? r_mcbond_other                 ? ? 
'X-RAY DIFFRACTION' ? 1.712  2.343  707  ? r_mcangle_it                   ? ? 
'X-RAY DIFFRACTION' ? 1.711  2.346  708  ? r_mcangle_other                ? ? 
'X-RAY DIFFRACTION' ? 1.986  1.862  632  ? r_scbond_it                    ? ? 
'X-RAY DIFFRACTION' ? 1.986  1.862  632  ? r_scbond_other                 ? ? 
'X-RAY DIFFRACTION' ? 3.121  2.681  915  ? r_scangle_it                   ? ? 
'X-RAY DIFFRACTION' ? 3.119  2.683  916  ? r_scangle_other                ? ? 
'X-RAY DIFFRACTION' ? 4.193  17.841 1226 ? r_lrange_it                    ? ? 
'X-RAY DIFFRACTION' ? 4.162  17.725 1216 ? r_lrange_other                 ? ? 
# 
loop_
_refine_ls_shell.pdbx_refine_id 
_refine_ls_shell.d_res_high 
_refine_ls_shell.d_res_low 
_refine_ls_shell.number_reflns_all 
_refine_ls_shell.number_reflns_obs 
_refine_ls_shell.number_reflns_R_free 
_refine_ls_shell.number_reflns_R_work 
_refine_ls_shell.percent_reflns_obs 
_refine_ls_shell.percent_reflns_R_free 
_refine_ls_shell.R_factor_all 
_refine_ls_shell.R_factor_obs 
_refine_ls_shell.R_factor_R_free 
_refine_ls_shell.R_factor_R_free_error 
_refine_ls_shell.R_factor_R_work 
_refine_ls_shell.redundancy_reflns_all 
_refine_ls_shell.redundancy_reflns_obs 
_refine_ls_shell.wR_factor_all 
_refine_ls_shell.wR_factor_obs 
_refine_ls_shell.wR_factor_R_free 
_refine_ls_shell.wR_factor_R_work 
_refine_ls_shell.pdbx_R_complete 
_refine_ls_shell.pdbx_total_number_of_bins_used 
_refine_ls_shell.pdbx_phase_error 
_refine_ls_shell.pdbx_fsc_work 
_refine_ls_shell.pdbx_fsc_free 
'X-RAY DIFFRACTION' 1.810 1.857  1250 . 58 1113 93.6800  . 0.283 . 0.334 . 0.281 . . . . . 0.216 . 20 . 0.902 0.895 
'X-RAY DIFFRACTION' 1.857 1.907  1241 . 72 1130 96.8574  . 0.205 . 0.205 . 0.205 . . . . . 0.174 . 20 . 0.936 0.936 
'X-RAY DIFFRACTION' 1.907 1.962  1226 . 48 1143 97.1452  . 0.191 . 0.302 . 0.187 . . . . . 0.156 . 20 . 0.937 0.898 
'X-RAY DIFFRACTION' 1.962 2.022  1181 . 67 1081 97.2058  . 0.192 . 0.225 . 0.190 . . . . . 0.163 . 20 . 0.944 0.940 
'X-RAY DIFFRACTION' 2.022 2.087  1133 . 53 1050 97.3522  . 0.173 . 0.207 . 0.171 . . . . . 0.149 . 20 . 0.961 0.952 
'X-RAY DIFFRACTION' 2.087 2.159  1109 . 59 1026 97.8359  . 0.162 . 0.171 . 0.162 . . . . . 0.144 . 20 . 0.966 0.969 
'X-RAY DIFFRACTION' 2.159 2.240  1089 . 51 1018 98.1635  . 0.188 . 0.228 . 0.186 . . . . . 0.164 . 20 . 0.958 0.937 
'X-RAY DIFFRACTION' 2.240 2.330  1034 . 57 960  98.3559  . 0.182 . 0.220 . 0.180 . . . . . 0.162 . 20 . 0.956 0.952 
'X-RAY DIFFRACTION' 2.330 2.432  1009 . 45 949  98.5134  . 0.188 . 0.235 . 0.186 . . . . . 0.164 . 20 . 0.954 0.946 
'X-RAY DIFFRACTION' 2.432 2.549  959  . 46 903  98.9572  . 0.196 . 0.256 . 0.194 . . . . . 0.177 . 20 . 0.949 0.921 
'X-RAY DIFFRACTION' 2.549 2.684  920  . 55 857  99.1304  . 0.199 . 0.248 . 0.195 . . . . . 0.178 . 20 . 0.948 0.937 
'X-RAY DIFFRACTION' 2.684 2.843  882  . 39 836  99.2063  . 0.191 . 0.252 . 0.188 . . . . . 0.178 . 20 . 0.957 0.942 
'X-RAY DIFFRACTION' 2.843 3.035  840  . 48 790  99.7619  . 0.210 . 0.229 . 0.209 . . . . . 0.200 . 20 . 0.947 0.947 
'X-RAY DIFFRACTION' 3.035 3.272  781  . 47 732  99.7439  . 0.210 . 0.211 . 0.209 . . . . . 0.209 . 20 . 0.954 0.955 
'X-RAY DIFFRACTION' 3.272 3.574  722  . 31 690  99.8615  . 0.190 . 0.252 . 0.188 . . . . . 0.193 . 20 . 0.964 0.938 
'X-RAY DIFFRACTION' 3.574 3.978  668  . 35 632  99.8503  . 0.186 . 0.186 . 0.186 . . . . . 0.197 . 20 . 0.965 0.966 
'X-RAY DIFFRACTION' 3.978 4.562  606  . 31 575  100.0000 . 0.150 . 0.154 . 0.150 . . . . . 0.167 . 20 . 0.982 0.983 
'X-RAY DIFFRACTION' 4.562 5.511  540  . 24 516  100.0000 . 0.171 . 0.221 . 0.169 . . . . . 0.190 . 20 . 0.978 0.961 
'X-RAY DIFFRACTION' 5.511 7.495  435  . 20 415  100.0000 . 0.212 . 0.251 . 0.210 . . . . . 0.221 . 20 . 0.965 0.947 
'X-RAY DIFFRACTION' 7.495 19.338 313  . 22 291  100.0000 . 0.208 . 0.237 . 0.206 . . . . . 0.235 . 20 . 0.969 0.963 
# 
_struct.entry_id                     6L6A 
_struct.title                        'X-ray structure of human galectin-10 in complex with D-mannose' 
_struct.pdbx_model_details           ? 
_struct.pdbx_formula_weight          ? 
_struct.pdbx_formula_weight_method   ? 
_struct.pdbx_model_type_details      ? 
_struct.pdbx_CASP_flag               N 
# 
_struct_keywords.entry_id        6L6A 
_struct_keywords.text            'beta-sandwich structure, lectin, SUGAR BINDING PROTEIN' 
_struct_keywords.pdbx_keywords   'SUGAR BINDING PROTEIN' 
# 
loop_
_struct_asym.id 
_struct_asym.pdbx_blank_PDB_chainid_flag 
_struct_asym.pdbx_modified 
_struct_asym.entity_id 
_struct_asym.details 
A N N 1 ? 
B N N 2 ? 
C N N 3 ? 
# 
loop_
_struct_conf.conf_type_id 
_struct_conf.id 
_struct_conf.pdbx_PDB_helix_id 
_struct_conf.beg_label_comp_id 
_struct_conf.beg_label_asym_id 
_struct_conf.beg_label_seq_id 
_struct_conf.pdbx_beg_PDB_ins_code 
_struct_conf.end_label_comp_id 
_struct_conf.end_label_asym_id 
_struct_conf.end_label_seq_id 
_struct_conf.pdbx_end_PDB_ins_code 
_struct_conf.beg_auth_comp_id 
_struct_conf.beg_auth_asym_id 
_struct_conf.beg_auth_seq_id 
_struct_conf.end_auth_comp_id 
_struct_conf.end_auth_asym_id 
_struct_conf.end_auth_seq_id 
_struct_conf.pdbx_PDB_helix_class 
_struct_conf.details 
_struct_conf.pdbx_PDB_helix_length 
HELX_P HELX_P1 AA1 CYS A 31  ? GLU A 35  ? CYS A 29  GLU A 33  5 ? 5 
HELX_P HELX_P2 AA2 LYS A 119 ? VAL A 123 ? LYS A 117 VAL A 121 5 ? 5 
# 
_struct_conf_type.id          HELX_P 
_struct_conf_type.criteria    ? 
_struct_conf_type.reference   ? 
# 
_struct_mon_prot_cis.pdbx_id                1 
_struct_mon_prot_cis.label_comp_id          VAL 
_struct_mon_prot_cis.label_seq_id           8 
_struct_mon_prot_cis.label_asym_id          A 
_struct_mon_prot_cis.label_alt_id           . 
_struct_mon_prot_cis.pdbx_PDB_ins_code      ? 
_struct_mon_prot_cis.auth_comp_id           VAL 
_struct_mon_prot_cis.auth_seq_id            6 
_struct_mon_prot_cis.auth_asym_id           A 
_struct_mon_prot_cis.pdbx_label_comp_id_2   PRO 
_struct_mon_prot_cis.pdbx_label_seq_id_2    9 
_struct_mon_prot_cis.pdbx_label_asym_id_2   A 
_struct_mon_prot_cis.pdbx_PDB_ins_code_2    ? 
_struct_mon_prot_cis.pdbx_auth_comp_id_2    PRO 
_struct_mon_prot_cis.pdbx_auth_seq_id_2     7 
_struct_mon_prot_cis.pdbx_auth_asym_id_2    A 
_struct_mon_prot_cis.pdbx_PDB_model_num     1 
_struct_mon_prot_cis.pdbx_omega_angle       -1.22 
# 
loop_
_struct_sheet.id 
_struct_sheet.type 
_struct_sheet.number_strands 
_struct_sheet.details 
AA1 ? 6 ? 
AA2 ? 6 ? 
AA3 ? 5 ? 
# 
loop_
_struct_sheet_order.sheet_id 
_struct_sheet_order.range_id_1 
_struct_sheet_order.range_id_2 
_struct_sheet_order.offset 
_struct_sheet_order.sense 
AA1 1 2 ? anti-parallel 
AA1 2 3 ? anti-parallel 
AA1 3 4 ? anti-parallel 
AA1 4 5 ? anti-parallel 
AA1 5 6 ? anti-parallel 
AA2 1 2 ? anti-parallel 
AA2 2 3 ? anti-parallel 
AA2 3 4 ? anti-parallel 
AA2 4 5 ? anti-parallel 
AA2 5 6 ? anti-parallel 
AA3 1 2 ? anti-parallel 
AA3 2 3 ? anti-parallel 
AA3 3 4 ? anti-parallel 
AA3 4 5 ? anti-parallel 
# 
loop_
_struct_sheet_range.sheet_id 
_struct_sheet_range.id 
_struct_sheet_range.beg_label_comp_id 
_struct_sheet_range.beg_label_asym_id 
_struct_sheet_range.beg_label_seq_id 
_struct_sheet_range.pdbx_beg_PDB_ins_code 
_struct_sheet_range.end_label_comp_id 
_struct_sheet_range.end_label_asym_id 
_struct_sheet_range.end_label_seq_id 
_struct_sheet_range.pdbx_end_PDB_ins_code 
_struct_sheet_range.beg_auth_comp_id 
_struct_sheet_range.beg_auth_asym_id 
_struct_sheet_range.beg_auth_seq_id 
_struct_sheet_range.end_auth_comp_id 
_struct_sheet_range.end_auth_asym_id 
_struct_sheet_range.end_auth_seq_id 
AA1 1 TYR A 10  ? ALA A 13  ? TYR A 8   ALA A 11  
AA1 2 MET A 125 ? ARG A 130 ? MET A 123 ARG A 128 
AA1 3 TYR A 37  ? HIS A 43  ? TYR A 35  HIS A 41  
AA1 4 ILE A 52  ? CYS A 59  ? ILE A 50  CYS A 57  
AA1 5 ARG A 63  ? GLU A 70  ? ARG A 61  GLU A 68  
AA1 6 ALA A 73  ? TRP A 74  ? ALA A 71  TRP A 72  
AA2 1 TYR A 10  ? ALA A 13  ? TYR A 8   ALA A 11  
AA2 2 MET A 125 ? ARG A 130 ? MET A 123 ARG A 128 
AA2 3 TYR A 37  ? HIS A 43  ? TYR A 35  HIS A 41  
AA2 4 ILE A 52  ? CYS A 59  ? ILE A 50  CYS A 57  
AA2 5 ARG A 63  ? GLU A 70  ? ARG A 61  GLU A 68  
AA2 6 VAL A 78  ? SER A 80  ? VAL A 76  SER A 78  
AA3 1 GLN A 109 ? ASP A 115 ? GLN A 107 ASP A 113 
AA3 2 LYS A 101 ? VAL A 106 ? LYS A 99  VAL A 104 
AA3 3 PHE A 91  ? VAL A 97  ? PHE A 89  VAL A 95  
AA3 4 THR A 21  ? PRO A 28  ? THR A 19  PRO A 26  
AA3 5 ILE A 132 ? VAL A 139 ? ILE A 130 VAL A 137 
# 
loop_
_pdbx_struct_sheet_hbond.sheet_id 
_pdbx_struct_sheet_hbond.range_id_1 
_pdbx_struct_sheet_hbond.range_id_2 
_pdbx_struct_sheet_hbond.range_1_label_atom_id 
_pdbx_struct_sheet_hbond.range_1_label_comp_id 
_pdbx_struct_sheet_hbond.range_1_label_asym_id 
_pdbx_struct_sheet_hbond.range_1_label_seq_id 
_pdbx_struct_sheet_hbond.range_1_PDB_ins_code 
_pdbx_struct_sheet_hbond.range_1_auth_atom_id 
_pdbx_struct_sheet_hbond.range_1_auth_comp_id 
_pdbx_struct_sheet_hbond.range_1_auth_asym_id 
_pdbx_struct_sheet_hbond.range_1_auth_seq_id 
_pdbx_struct_sheet_hbond.range_2_label_atom_id 
_pdbx_struct_sheet_hbond.range_2_label_comp_id 
_pdbx_struct_sheet_hbond.range_2_label_asym_id 
_pdbx_struct_sheet_hbond.range_2_label_seq_id 
_pdbx_struct_sheet_hbond.range_2_PDB_ins_code 
_pdbx_struct_sheet_hbond.range_2_auth_atom_id 
_pdbx_struct_sheet_hbond.range_2_auth_comp_id 
_pdbx_struct_sheet_hbond.range_2_auth_asym_id 
_pdbx_struct_sheet_hbond.range_2_auth_seq_id 
AA1 1 2 N TYR A 10  ? N TYR A 8   O VAL A 128 ? O VAL A 126 
AA1 2 3 O MET A 125 ? O MET A 123 N HIS A 43  ? N HIS A 41  
AA1 3 4 N LEU A 38  ? N LEU A 36  O VAL A 58  ? O VAL A 56  
AA1 4 5 N CYS A 59  ? N CYS A 57  O ARG A 63  ? O ARG A 61  
AA1 5 6 N GLU A 70  ? N GLU A 68  O ALA A 73  ? O ALA A 71  
AA2 1 2 N TYR A 10  ? N TYR A 8   O VAL A 128 ? O VAL A 126 
AA2 2 3 O MET A 125 ? O MET A 123 N HIS A 43  ? N HIS A 41  
AA2 3 4 N LEU A 38  ? N LEU A 36  O VAL A 58  ? O VAL A 56  
AA2 4 5 N CYS A 59  ? N CYS A 57  O ARG A 63  ? O ARG A 61  
AA2 5 6 N VAL A 64  ? N VAL A 62  O SER A 80  ? O SER A 78  
AA3 1 2 O TYR A 112 ? O TYR A 110 N VAL A 104 ? N VAL A 102 
AA3 2 3 O MET A 105 ? O MET A 103 N SER A 94  ? N SER A 92  
AA3 3 4 O LEU A 93  ? O LEU A 91  N ILE A 24  ? N ILE A 22  
AA3 4 5 N THR A 23  ? N THR A 21  O ASN A 138 ? O ASN A 136 
# 
_atom_sites.entry_id                    6L6A 
_atom_sites.Cartn_transf_matrix[1][1]   ? 
_atom_sites.Cartn_transf_matrix[1][2]   ? 
_atom_sites.Cartn_transf_matrix[1][3]   ? 
_atom_sites.Cartn_transf_matrix[2][1]   ? 
_atom_sites.Cartn_transf_matrix[2][2]   ? 
_atom_sites.Cartn_transf_matrix[2][3]   ? 
_atom_sites.Cartn_transf_matrix[3][1]   ? 
_atom_sites.Cartn_transf_matrix[3][2]   ? 
_atom_sites.Cartn_transf_matrix[3][3]   ? 
_atom_sites.Cartn_transf_vector[1]      ? 
_atom_sites.Cartn_transf_vector[2]      ? 
_atom_sites.Cartn_transf_vector[3]      ? 
_atom_sites.fract_transf_matrix[1][1]   0.01235633 
_atom_sites.fract_transf_matrix[1][2]   0.01832370 
_atom_sites.fract_transf_matrix[1][3]   0.00841186 
_atom_sites.fract_transf_matrix[2][1]   -0.00678013 
_atom_sites.fract_transf_matrix[2][2]   0.01065286 
_atom_sites.fract_transf_matrix[2][3]   0.01999317 
_atom_sites.fract_transf_matrix[3][1]   0.00218983 
_atom_sites.fract_transf_matrix[3][2]   -0.00240615 
_atom_sites.fract_transf_matrix[3][3]   0.00202468 
_atom_sites.fract_transf_vector[1]      0.282919 
_atom_sites.fract_transf_vector[2]      0.709149 
_atom_sites.fract_transf_vector[3]      0.302947 
_atom_sites.solution_primary            ? 
_atom_sites.solution_secondary          ? 
_atom_sites.solution_hydrogens          ? 
_atom_sites.special_details             ? 
# 
loop_
_atom_type.symbol 
_atom_type.pdbx_scat_Z 
_atom_type.pdbx_N_electrons 
_atom_type.scat_Cromer_Mann_a1 
_atom_type.scat_Cromer_Mann_b1 
_atom_type.scat_Cromer_Mann_a2 
_atom_type.scat_Cromer_Mann_b2 
_atom_type.scat_Cromer_Mann_a3 
_atom_type.scat_Cromer_Mann_b3 
_atom_type.scat_Cromer_Mann_a4 
_atom_type.scat_Cromer_Mann_b4 
_atom_type.scat_Cromer_Mann_c 
C 6  6  2.310  20.844 1.020 10.208 1.589 0.569  0.865 51.651 0.216   
H 1  1  0.493  10.511 0.323 26.126 0.140 3.142  0.041 57.800 0.003   
N 7  7  12.222 0.006  3.135 9.893  2.014 28.997 1.167 0.583  -11.538 
O 8  8  3.049  13.277 2.287 5.701  1.546 0.324  0.867 32.909 0.251   
S 16 16 6.905  1.468  5.203 22.215 1.438 0.254  1.586 56.172 1.184   
# 
loop_
_atom_site.group_PDB 
_atom_site.id 
_atom_site.type_symbol 
_atom_site.label_atom_id 
_atom_site.label_alt_id 
_atom_site.label_comp_id 
_atom_site.label_asym_id 
_atom_site.label_entity_id 
_atom_site.label_seq_id 
_atom_site.pdbx_PDB_ins_code 
_atom_site.Cartn_x 
_atom_site.Cartn_y 
_atom_site.Cartn_z 
_atom_site.occupancy 
_atom_site.B_iso_or_equiv 
_atom_site.pdbx_formal_charge 
_atom_site.auth_seq_id 
_atom_site.auth_comp_id 
_atom_site.auth_asym_id 
_atom_site.auth_atom_id 
_atom_site.pdbx_PDB_model_num 
ATOM   1    N N   . MET A 1 3   ? -15.917 5.945   12.269  1.000 56.093 ? 1   MET A N   1 
ATOM   2    C CA  . MET A 1 3   ? -15.216 6.804   13.279  1.000 56.344 ? 1   MET A CA  1 
ATOM   3    C C   . MET A 1 3   ? -14.309 7.828   12.562  1.000 49.307 ? 1   MET A C   1 
ATOM   4    O O   . MET A 1 3   ? -14.618 8.162   11.394  1.000 44.917 ? 1   MET A O   1 
ATOM   5    C CB  . MET A 1 3   ? -14.434 5.936   14.277  1.000 61.833 ? 1   MET A CB  1 
ATOM   6    C CG  . MET A 1 3   ? -13.490 4.926   13.646  1.000 65.368 ? 1   MET A CG  1 
ATOM   7    S SD  . MET A 1 3   ? -13.249 3.470   14.706  1.000 77.383 ? 1   MET A SD  1 
ATOM   8    C CE  . MET A 1 3   ? -14.865 2.694   14.638  1.000 75.612 ? 1   MET A CE  1 
ATOM   9    N N   . SER A 1 4   ? -13.284 8.367   13.241  1.000 43.192 ? 2   SER A N   1 
ATOM   10   C CA  . SER A 1 4   ? -12.635 9.670   12.918  1.000 40.011 ? 2   SER A CA  1 
ATOM   11   C C   . SER A 1 4   ? -11.804 9.516   11.640  1.000 34.613 ? 2   SER A C   1 
ATOM   12   O O   . SER A 1 4   ? -11.080 8.501   11.529  1.000 34.613 ? 2   SER A O   1 
ATOM   13   C CB  . SER A 1 4   ? -11.769 10.173  14.058  1.000 41.105 ? 2   SER A CB  1 
ATOM   14   O OG  . SER A 1 4   ? -12.567 10.645  15.133  1.000 42.715 ? 2   SER A OG  1 
ATOM   15   N N   . LEU A 1 5   ? -11.886 10.484  10.724  1.000 28.839 ? 3   LEU A N   1 
ATOM   16   C CA  . LEU A 1 5   ? -11.096 10.448  9.465   1.000 26.539 ? 3   LEU A CA  1 
ATOM   17   C C   . LEU A 1 5   ? -9.645  10.828  9.784   1.000 24.758 ? 3   LEU A C   1 
ATOM   18   O O   . LEU A 1 5   ? -9.431  11.835  10.487  1.000 23.039 ? 3   LEU A O   1 
ATOM   19   C CB  . LEU A 1 5   ? -11.725 11.387  8.430   1.000 27.072 ? 3   LEU A CB  1 
ATOM   20   C CG  . LEU A 1 5   ? -13.075 10.942  7.866   1.000 27.746 ? 3   LEU A CG  1 
ATOM   21   C CD1 . LEU A 1 5   ? -13.555 11.909  6.786   1.000 29.054 ? 3   LEU A CD1 1 
ATOM   22   C CD2 . LEU A 1 5   ? -13.024 9.516   7.328   1.000 27.466 ? 3   LEU A CD2 1 
ATOM   23   N N   . LEU A 1 6   ? -8.684  10.022  9.322   1.000 20.843 ? 4   LEU A N   1 
ATOM   24   C CA  . LEU A 1 6   ? -7.240  10.343  9.421   1.000 20.144 ? 4   LEU A CA  1 
ATOM   25   C C   . LEU A 1 6   ? -6.904  11.319  8.297   1.000 18.456 ? 4   LEU A C   1 
ATOM   26   O O   . LEU A 1 6   ? -7.595  11.348  7.277   1.000 19.339 ? 4   LEU A O   1 
ATOM   27   C CB  . LEU A 1 6   ? -6.408  9.059   9.314   1.000 19.435 ? 4   LEU A CB  1 
ATOM   28   C CG  . LEU A 1 6   ? -6.531  8.089   10.486  1.000 20.423 ? 4   LEU A CG  1 
ATOM   29   C CD1 . LEU A 1 6   ? -5.781  6.792   10.178  1.000 20.307 ? 4   LEU A CD1 1 
ATOM   30   C CD2 . LEU A 1 6   ? -6.019  8.711   11.778  1.000 22.144 ? 4   LEU A CD2 1 
ATOM   31   N N   . PRO A 1 7   ? -5.841  12.136  8.443   1.000 17.473 ? 5   PRO A N   1 
ATOM   32   C CA  . PRO A 1 7   ? -5.392  13.007  7.354   1.000 17.938 ? 5   PRO A CA  1 
ATOM   33   C C   . PRO A 1 7   ? -4.988  12.200  6.110   1.000 17.319 ? 5   PRO A C   1 
ATOM   34   O O   . PRO A 1 7   ? -4.415  11.140  6.260   1.000 19.197 ? 5   PRO A O   1 
ATOM   35   C CB  . PRO A 1 7   ? -4.208  13.790  7.958   1.000 18.833 ? 5   PRO A CB  1 
ATOM   36   C CG  . PRO A 1 7   ? -3.797  13.025  9.193   1.000 19.227 ? 5   PRO A CG  1 
ATOM   37   C CD  . PRO A 1 7   ? -5.033  12.285  9.662   1.000 18.439 ? 5   PRO A CD  1 
ATOM   38   N N   . VAL A 1 8   ? -5.352  12.678  4.915   1.000 16.966 ? 6   VAL A N   1 
ATOM   39   C CA  . VAL A 1 8   ? -4.897  12.111  3.603   1.000 15.779 ? 6   VAL A CA  1 
ATOM   40   C C   . VAL A 1 8   ? -4.361  13.273  2.769   1.000 15.944 ? 6   VAL A C   1 
ATOM   41   O O   . VAL A 1 8   ? -5.064  14.271  2.626   1.000 16.332 ? 6   VAL A O   1 
ATOM   42   C CB  . VAL A 1 8   ? -6.033  11.353  2.892   1.000 15.198 ? 6   VAL A CB  1 
ATOM   43   C CG1 . VAL A 1 8   ? -5.602  10.832  1.527   1.000 15.184 ? 6   VAL A CG1 1 
ATOM   44   C CG2 . VAL A 1 8   ? -6.561  10.214  3.754   1.000 15.429 ? 6   VAL A CG2 1 
ATOM   45   N N   . PRO A 1 9   ? -3.109  13.239  2.240   1.000 16.770 ? 7   PRO A N   1 
ATOM   46   C CA  . PRO A 1 9   ? -2.157  12.138  2.423   1.000 15.712 ? 7   PRO A CA  1 
ATOM   47   C C   . PRO A 1 9   ? -1.785  11.806  3.872   1.000 15.206 ? 7   PRO A C   1 
ATOM   48   O O   . PRO A 1 9   ? -1.640  12.699  4.692   1.000 15.680 ? 7   PRO A O   1 
ATOM   49   C CB  . PRO A 1 9   ? -0.880  12.619  1.714   1.000 16.242 ? 7   PRO A CB  1 
ATOM   50   C CG  . PRO A 1 9   ? -1.380  13.615  0.688   1.000 16.384 ? 7   PRO A CG  1 
ATOM   51   C CD  . PRO A 1 9   ? -2.553  14.286  1.368   1.000 16.768 ? 7   PRO A CD  1 
ATOM   52   N N   . TYR A 1 10  ? -1.659  10.514  4.143   1.000 14.412 ? 8   TYR A N   1 
ATOM   53   C CA  . TYR A 1 10  ? -1.357  9.953   5.473   1.000 14.340 ? 8   TYR A CA  1 
ATOM   54   C C   . TYR A 1 10  ? 0.101   9.503   5.500   1.000 14.211 ? 8   TYR A C   1 
ATOM   55   O O   . TYR A 1 10  ? 0.481   8.671   4.666   1.000 13.149 ? 8   TYR A O   1 
ATOM   56   C CB  . TYR A 1 10  ? -2.280  8.780   5.799   1.000 15.160 ? 8   TYR A CB  1 
ATOM   57   C CG  . TYR A 1 10  ? -2.050  8.261   7.190   1.000 15.866 ? 8   TYR A CG  1 
ATOM   58   C CD1 . TYR A 1 10  ? -2.588  8.929   8.275   1.000 16.898 ? 8   TYR A CD1 1 
ATOM   59   C CD2 . TYR A 1 10  ? -1.206  7.183   7.429   1.000 16.414 ? 8   TYR A CD2 1 
ATOM   60   C CE1 . TYR A 1 10  ? -2.342  8.509   9.573   1.000 17.404 ? 8   TYR A CE1 1 
ATOM   61   C CE2 . TYR A 1 10  ? -0.944  6.751   8.721   1.000 16.156 ? 8   TYR A CE2 1 
ATOM   62   C CZ  . TYR A 1 10  ? -1.524  7.407   9.792   1.000 17.037 ? 8   TYR A CZ  1 
ATOM   63   O OH  . TYR A 1 10  ? -1.279  6.963   11.061  1.000 18.500 ? 8   TYR A OH  1 
ATOM   64   N N   . THR A 1 11  ? 0.880   10.008  6.456   1.000 14.126 ? 9   THR A N   1 
ATOM   65   C CA  . THR A 1 11  ? 2.307   9.648   6.639   1.000 14.446 ? 9   THR A CA  1 
ATOM   66   C C   . THR A 1 11  ? 2.528   9.103   8.051   1.000 14.775 ? 9   THR A C   1 
ATOM   67   O O   . THR A 1 11  ? 2.135   9.794   9.000   1.000 15.051 ? 9   THR A O   1 
ATOM   68   C CB  . THR A 1 11  ? 3.209   10.852  6.369   1.000 15.816 ? 9   THR A CB  1 
ATOM   69   O OG1 . THR A 1 11  ? 2.901   11.293  5.044   1.000 16.357 ? 9   THR A OG1 1 
ATOM   70   C CG2 . THR A 1 11  ? 4.670   10.489  6.486   1.000 16.237 ? 9   THR A CG2 1 
ATOM   71   N N   . GLU A 1 12  ? 3.144   7.921   8.174   1.000 14.204 ? 10  GLU A N   1 
ATOM   72   C CA  . GLU A 1 12  ? 3.562   7.355   9.484   1.000 14.222 ? 10  GLU A CA  1 
ATOM   73   C C   . GLU A 1 12  ? 4.992   6.826   9.325   1.000 13.782 ? 10  GLU A C   1 
ATOM   74   O O   . GLU A 1 12  ? 5.263   6.024   8.385   1.000 13.983 ? 10  GLU A O   1 
ATOM   75   C CB  . GLU A 1 12  ? 2.525   6.331   9.985   1.000 14.616 ? 10  GLU A CB  1 
ATOM   76   C CG  . GLU A 1 12  ? 2.777   5.839   11.413  1.000 14.693 ? 10  GLU A CG  1 
ATOM   77   C CD  . GLU A 1 12  ? 1.700   4.969   12.053  1.000 15.135 ? 10  GLU A CD  1 
ATOM   78   O OE1 . GLU A 1 12  ? 0.512   5.353   12.042  1.000 14.831 ? 10  GLU A OE1 1 
ATOM   79   O OE2 . GLU A 1 12  ? 2.056   3.899   12.596  1.000 16.270 ? 10  GLU A OE2 1 
ATOM   80   N N   . ALA A 1 13  ? 5.904   7.276   10.188  1.000 13.514 ? 11  ALA A N   1 
ATOM   81   C CA  . ALA A 1 13  ? 7.229   6.650   10.384  1.000 13.224 ? 11  ALA A CA  1 
ATOM   82   C C   . ALA A 1 13  ? 6.979   5.169   10.681  1.000 12.973 ? 11  ALA A C   1 
ATOM   83   O O   . ALA A 1 13  ? 6.000   4.875   11.387  1.000 13.169 ? 11  ALA A O   1 
ATOM   84   C CB  . ALA A 1 13  ? 7.962   7.332   11.521  1.000 14.405 ? 11  ALA A CB  1 
ATOM   85   N N   . ALA A 1 14  ? 7.775   4.262   10.129  1.000 13.199 ? 12  ALA A N   1 
ATOM   86   C CA  . ALA A 1 14  ? 7.497   2.813   10.226  1.000 14.005 ? 12  ALA A CA  1 
ATOM   87   C C   . ALA A 1 14  ? 8.789   2.001   10.178  1.000 15.000 ? 12  ALA A C   1 
ATOM   88   O O   . ALA A 1 14  ? 9.742   2.443   9.568   1.000 14.057 ? 12  ALA A O   1 
ATOM   89   C CB  . ALA A 1 14  ? 6.546   2.382   9.137   1.000 14.580 ? 12  ALA A CB  1 
ATOM   90   N N   . SER A 1 15  ? 8.771   0.821   10.793  1.000 14.897 ? 13  SER A N   1 
ATOM   91   C CA  . SER A 1 15  ? 9.776   -0.244  10.574  1.000 15.250 ? 13  SER A CA  1 
ATOM   92   C C   . SER A 1 15  ? 9.042   -1.515  10.181  1.000 15.434 ? 13  SER A C   1 
ATOM   93   O O   . SER A 1 15  ? 7.968   -1.769  10.733  1.000 16.100 ? 13  SER A O   1 
ATOM   94   C CB  . SER A 1 15  ? 10.638  -0.450  11.786  1.000 15.274 ? 13  SER A CB  1 
ATOM   95   O OG  . SER A 1 15  ? 11.237  0.781   12.139  1.000 16.710 ? 13  SER A OG  1 
ATOM   96   N N   . LEU A 1 16  ? 9.628   -2.268  9.259   1.000 15.496 ? 14  LEU A N   1 
ATOM   97   C CA  . LEU A 1 16  ? 9.074   -3.545  8.765   1.000 15.707 ? 14  LEU A CA  1 
ATOM   98   C C   . LEU A 1 16  ? 10.150  -4.608  8.856   1.000 16.617 ? 14  LEU A C   1 
ATOM   99   O O   . LEU A 1 16  ? 11.330  -4.293  8.603   1.000 17.859 ? 14  LEU A O   1 
ATOM   100  C CB  . LEU A 1 16  ? 8.602   -3.366  7.322   1.000 14.813 ? 14  LEU A CB  1 
ATOM   101  C CG  . LEU A 1 16  ? 7.464   -2.370  7.112   1.000 14.209 ? 14  LEU A CG  1 
ATOM   102  C CD1 . LEU A 1 16  ? 7.108   -2.281  5.644   1.000 15.105 ? 14  LEU A CD1 1 
ATOM   103  C CD2 . LEU A 1 16  ? 6.244   -2.728  7.913   1.000 13.164 ? 14  LEU A CD2 1 
ATOM   104  N N   . SER A 1 17  ? 9.735   -5.833  9.165   1.000 17.854 ? 15  SER A N   1 
ATOM   105  C CA  . SER A 1 17  ? 10.523  -7.057  8.902   1.000 18.120 ? 15  SER A CA  1 
ATOM   106  C C   . SER A 1 17  ? 9.583   -8.259  8.760   1.000 17.488 ? 15  SER A C   1 
ATOM   107  O O   . SER A 1 17  ? 8.351   -8.081  8.901   1.000 16.416 ? 15  SER A O   1 
ATOM   108  C CB  . SER A 1 17  ? 11.530  -7.251  10.007  1.000 19.185 ? 15  SER A CB  1 
ATOM   109  O OG  . SER A 1 17  ? 10.883  -7.205  11.265  1.000 20.449 ? 15  SER A OG  1 
ATOM   110  N N   . THR A 1 18  ? 10.129  -9.451  8.511   1.000 17.334 ? 16  THR A N   1 
ATOM   111  C CA  . THR A 1 18  ? 9.315   -10.677 8.327   1.000 17.663 ? 16  THR A CA  1 
ATOM   112  C C   . THR A 1 18  ? 8.323   -10.789 9.491   1.000 18.146 ? 16  THR A C   1 
ATOM   113  O O   . THR A 1 18  ? 8.785   -10.764 10.642  1.000 18.539 ? 16  THR A O   1 
ATOM   114  C CB  . THR A 1 18  ? 10.180  -11.931 8.207   1.000 17.866 ? 16  THR A CB  1 
ATOM   115  O OG1 . THR A 1 18  ? 11.090  -11.692 7.137   1.000 17.927 ? 16  THR A OG1 1 
ATOM   116  C CG2 . THR A 1 18  ? 9.349   -13.161 7.939   1.000 17.835 ? 16  THR A CG2 1 
ATOM   117  N N   . GLY A 1 19  ? 7.022   -10.908 9.192   1.000 16.885 ? 17  GLY A N   1 
ATOM   118  C CA  . GLY A 1 19  ? 5.955   -11.020 10.206  1.000 17.769 ? 17  GLY A CA  1 
ATOM   119  C C   . GLY A 1 19  ? 5.213   -9.720  10.466  1.000 17.502 ? 17  GLY A C   1 
ATOM   120  O O   . GLY A 1 19  ? 4.131   -9.795  11.057  1.000 17.375 ? 17  GLY A O   1 
ATOM   121  N N   . SER A 1 20  ? 5.725   -8.567  10.019  1.000 16.746 ? 18  SER A N   1 
ATOM   122  C CA  . SER A 1 20  ? 5.017   -7.263  10.124  1.000 16.204 ? 18  SER A CA  1 
ATOM   123  C C   . SER A 1 20  ? 3.756   -7.302  9.251   1.000 16.102 ? 18  SER A C   1 
ATOM   124  O O   . SER A 1 20  ? 3.795   -7.870  8.120   1.000 15.441 ? 18  SER A O   1 
ATOM   125  C CB  . SER A 1 20  ? 5.895   -6.098  9.741   1.000 15.145 ? 18  SER A CB  1 
ATOM   126  O OG  . SER A 1 20  ? 7.050   -5.987  10.572  1.000 14.370 ? 18  SER A OG  1 
ATOM   127  N N   . THR A 1 21  ? 2.674   -6.702  9.744   1.000 15.279 ? 19  THR A N   1 
ATOM   128  C CA  . THR A 1 21  ? 1.440   -6.470  8.957   1.000 15.483 ? 19  THR A CA  1 
ATOM   129  C C   . THR A 1 21  ? 1.121   -4.975  8.953   1.000 15.075 ? 19  THR A C   1 
ATOM   130  O O   . THR A 1 21  ? 1.175   -4.338  10.017  1.000 15.079 ? 19  THR A O   1 
ATOM   131  C CB  . THR A 1 21  ? 0.273   -7.303  9.491   1.000 15.916 ? 19  THR A CB  1 
ATOM   132  O OG1 . THR A 1 21  ? 0.691   -8.673  9.450   1.000 18.082 ? 19  THR A OG1 1 
ATOM   133  C CG2 . THR A 1 21  ? -0.980  -7.103  8.670   1.000 16.498 ? 19  THR A CG2 1 
ATOM   134  N N   . VAL A 1 22  ? 0.739   -4.454  7.794   1.000 14.529 ? 20  VAL A N   1 
ATOM   135  C CA  . VAL A 1 22  ? 0.214   -3.073  7.641   1.000 14.344 ? 20  VAL A CA  1 
ATOM   136  C C   . VAL A 1 22  ? -1.283  -3.178  7.325   1.000 14.636 ? 20  VAL A C   1 
ATOM   137  O O   . VAL A 1 22  ? -1.615  -3.764  6.267   1.000 14.671 ? 20  VAL A O   1 
ATOM   138  C CB  . VAL A 1 22  ? 0.955   -2.305  6.537   1.000 14.548 ? 20  VAL A CB  1 
ATOM   139  C CG1 . VAL A 1 22  ? 0.486   -0.855  6.492   1.000 14.992 ? 20  VAL A CG1 1 
ATOM   140  C CG2 . VAL A 1 22  ? 2.475   -2.390  6.681   1.000 15.601 ? 20  VAL A CG2 1 
ATOM   141  N N   . THR A 1 23  ? -2.147  -2.646  8.192   1.000 14.669 ? 21  THR A N   1 
ATOM   142  C CA  . THR A 1 23  ? -3.616  -2.756  8.062   1.000 15.568 ? 21  THR A CA  1 
ATOM   143  C C   . THR A 1 23  ? -4.186  -1.371  7.762   1.000 15.929 ? 21  THR A C   1 
ATOM   144  O O   . THR A 1 23  ? -3.891  -0.420  8.516   1.000 14.165 ? 21  THR A O   1 
ATOM   145  C CB  . THR A 1 23  ? -4.272  -3.369  9.305   1.000 17.698 ? 21  THR A CB  1 
ATOM   146  O OG1 . THR A 1 23  ? -3.636  -4.632  9.464   1.000 18.458 ? 21  THR A OG1 1 
ATOM   147  C CG2 . THR A 1 23  ? -5.772  -3.539  9.178   1.000 17.680 ? 21  THR A CG2 1 
ATOM   148  N N   . ILE A 1 24  ? -5.000  -1.284  6.710   1.000 16.117 ? 22  ILE A N   1 
ATOM   149  C CA  . ILE A 1 24  ? -5.545  -0.007  6.179   1.000 16.197 ? 22  ILE A CA  1 
ATOM   150  C C   . ILE A 1 24  ? -7.049  -0.207  6.002   1.000 16.288 ? 22  ILE A C   1 
ATOM   151  O O   . ILE A 1 24  ? -7.420  -1.182  5.332   1.000 16.691 ? 22  ILE A O   1 
ATOM   152  C CB  . ILE A 1 24  ? -4.830  0.363   4.862   1.000 17.491 ? 22  ILE A CB  1 
ATOM   153  C CG1 . ILE A 1 24  ? -3.328  0.571   5.086   1.000 17.916 ? 22  ILE A CG1 1 
ATOM   154  C CG2 . ILE A 1 24  ? -5.482  1.566   4.203   1.000 19.202 ? 22  ILE A CG2 1 
ATOM   155  C CD1 . ILE A 1 24  ? -2.485  0.662   3.828   1.000 18.352 ? 22  ILE A CD1 1 
ATOM   156  N N   . LYS A 1 25  ? -7.873  0.644   6.616   1.000 15.788 ? 23  LYS A N   1 
ATOM   157  C CA  . LYS A 1 25  ? -9.324  0.673   6.351   1.000 16.792 ? 23  LYS A CA  1 
ATOM   158  C C   . LYS A 1 25  ? -9.693  2.047   5.817   1.000 15.510 ? 23  LYS A C   1 
ATOM   159  O O   . LYS A 1 25  ? -9.393  3.068   6.479   1.000 14.202 ? 23  LYS A O   1 
ATOM   160  C CB  . LYS A 1 25  ? -10.135 0.321   7.597   1.000 20.020 ? 23  LYS A CB  1 
ATOM   161  C CG  . LYS A 1 25  ? -11.616 0.092   7.328   1.000 22.890 ? 23  LYS A CG  1 
ATOM   162  C CD  . LYS A 1 25  ? -12.441 -0.214  8.573   1.000 27.078 ? 23  LYS A CD  1 
ATOM   163  C CE  . LYS A 1 25  ? -12.410 -1.671  8.968   1.000 30.414 ? 23  LYS A CE  1 
ATOM   164  N NZ  . LYS A 1 25  ? -13.581 -2.011  9.813   1.000 33.233 ? 23  LYS A NZ  1 
ATOM   165  N N   . GLY A 1 26  ? -10.340 2.071   4.657   1.000 15.073 ? 24  GLY A N   1 
ATOM   166  C CA  . GLY A 1 26  ? -10.740 3.332   4.020   1.000 14.841 ? 24  GLY A CA  1 
ATOM   167  C C   . GLY A 1 26  ? -11.856 3.140   3.026   1.000 14.935 ? 24  GLY A C   1 
ATOM   168  O O   . GLY A 1 26  ? -12.371 2.015   2.891   1.000 14.189 ? 24  GLY A O   1 
ATOM   169  N N   . ARG A 1 27  ? -12.196 4.196   2.296   1.000 16.377 ? 25  ARG A N   1 
ATOM   170  C CA  . ARG A 1 27  ? -13.128 4.063   1.155   1.000 17.756 ? 25  ARG A CA  1 
ATOM   171  C C   . ARG A 1 27  ? -12.758 5.033   0.049   1.000 16.174 ? 25  ARG A C   1 
ATOM   172  O O   . ARG A 1 27  ? -12.207 6.104   0.297   1.000 15.696 ? 25  ARG A O   1 
ATOM   173  C CB  . ARG A 1 27  ? -14.587 4.242   1.583   1.000 23.545 ? 25  ARG A CB  1 
ATOM   174  C CG  . ARG A 1 27  ? -14.855 5.417   2.502   1.000 28.490 ? 25  ARG A CG  1 
ATOM   175  C CD  . ARG A 1 27  ? -16.178 5.313   3.270   1.000 32.901 ? 25  ARG A CD  1 
ATOM   176  N NE  . ARG A 1 27  ? -17.203 4.503   2.610   1.000 36.635 ? 25  ARG A NE  1 
ATOM   177  C CZ  . ARG A 1 27  ? -18.080 3.692   3.219   1.000 37.701 ? 25  ARG A CZ  1 
ATOM   178  N NH1 . ARG A 1 27  ? -18.098 3.554   4.536   1.000 41.833 ? 25  ARG A NH1 1 
ATOM   179  N NH2 . ARG A 1 27  ? -18.947 3.008   2.495   1.000 38.384 ? 25  ARG A NH2 1 
ATOM   180  N N   . PRO A 1 28  ? -13.069 4.665   -1.210  1.000 15.674 ? 26  PRO A N   1 
ATOM   181  C CA  . PRO A 1 28  ? -12.832 5.551   -2.338  1.000 14.675 ? 26  PRO A CA  1 
ATOM   182  C C   . PRO A 1 28  ? -13.725 6.784   -2.175  1.000 14.680 ? 26  PRO A C   1 
ATOM   183  O O   . PRO A 1 28  ? -14.829 6.656   -1.687  1.000 13.559 ? 26  PRO A O   1 
ATOM   184  C CB  . PRO A 1 28  ? -13.189 4.719   -3.574  1.000 15.417 ? 26  PRO A CB  1 
ATOM   185  C CG  . PRO A 1 28  ? -13.290 3.287   -3.077  1.000 15.889 ? 26  PRO A CG  1 
ATOM   186  C CD  . PRO A 1 28  ? -13.674 3.383   -1.618  1.000 15.428 ? 26  PRO A CD  1 
ATOM   187  N N   . LEU A 1 29  ? -13.220 7.958   -2.533  1.000 14.594 ? 27  LEU A N   1 
ATOM   188  C CA  . LEU A 1 29  ? -13.981 9.219   -2.337  1.000 14.384 ? 27  LEU A CA  1 
ATOM   189  C C   . LEU A 1 29  ? -15.167 9.297   -3.305  1.000 14.895 ? 27  LEU A C   1 
ATOM   190  O O   . LEU A 1 29  ? -16.115 10.047  -2.987  1.000 14.904 ? 27  LEU A O   1 
ATOM   191  C CB  . LEU A 1 29  ? -13.042 10.417  -2.482  1.000 14.172 ? 27  LEU A CB  1 
ATOM   192  C CG  . LEU A 1 29  ? -12.028 10.570  -1.344  1.000 13.876 ? 27  LEU A CG  1 
ATOM   193  C CD1 . LEU A 1 29  ? -11.009 11.642  -1.641  1.000 13.697 ? 27  LEU A CD1 1 
ATOM   194  C CD2 . LEU A 1 29  ? -12.706 10.841  -0.017  1.000 14.685 ? 27  LEU A CD2 1 
ATOM   195  N N   . VAL A 1 30  ? -15.093 8.632   -4.465  1.000 14.712 ? 28  VAL A N   1 
ATOM   196  C CA  . VAL A 1 30  ? -16.087 8.780   -5.579  1.000 14.947 ? 28  VAL A CA  1 
ATOM   197  C C   . VAL A 1 30  ? -16.301 7.419   -6.252  1.000 15.907 ? 28  VAL A C   1 
ATOM   198  O O   . VAL A 1 30  ? -15.525 6.478   -5.978  1.000 15.428 ? 28  VAL A O   1 
ATOM   199  C CB  . VAL A 1 30  ? -15.644 9.840   -6.608  1.000 14.440 ? 28  VAL A CB  1 
ATOM   200  C CG1 . VAL A 1 30  ? -15.492 11.212  -5.980  1.000 14.675 ? 28  VAL A CG1 1 
ATOM   201  C CG2 . VAL A 1 30  ? -14.359 9.452   -7.322  1.000 14.219 ? 28  VAL A CG2 1 
ATOM   202  N N   . CYS A 1 31  ? -17.308 7.342   -7.119  1.000 15.297 ? 29  CYS A N   1 
ATOM   203  C CA  . CYS A 1 31  ? -17.707 6.119   -7.857  1.000 16.298 ? 29  CYS A CA  1 
ATOM   204  C C   . CYS A 1 31  ? -16.563 5.673   -8.780  1.000 15.533 ? 29  CYS A C   1 
ATOM   205  O O   . CYS A 1 31  ? -15.723 6.510   -9.183  1.000 16.612 ? 29  CYS A O   1 
ATOM   206  C CB  . CYS A 1 31  ? -18.989 6.361   -8.639  1.000 18.133 ? 29  CYS A CB  1 
ATOM   207  S SG  . CYS A 1 31  ? -18.778 7.570   -9.969  1.000 21.297 ? 29  CYS A SG  1 
ATOM   208  N N   . PHE A 1 32  ? -16.505 4.383   -9.070  1.000 15.510 ? 30  PHE A N   1 
ATOM   209  C CA  . PHE A 1 32  ? -15.480 3.744   -9.929  1.000 15.707 ? 30  PHE A CA  1 
ATOM   210  C C   . PHE A 1 32  ? -15.536 4.317   -11.350 1.000 15.788 ? 30  PHE A C   1 
ATOM   211  O O   . PHE A 1 32  ? -14.484 4.402   -11.969 1.000 15.833 ? 30  PHE A O   1 
ATOM   212  C CB  . PHE A 1 32  ? -15.650 2.224   -9.905  1.000 16.542 ? 30  PHE A CB  1 
ATOM   213  C CG  . PHE A 1 32  ? -15.073 1.523   -8.699  1.000 16.561 ? 30  PHE A CG  1 
ATOM   214  C CD1 . PHE A 1 32  ? -14.785 2.192   -7.515  1.000 17.101 ? 30  PHE A CD1 1 
ATOM   215  C CD2 . PHE A 1 32  ? -14.855 0.155   -8.753  1.000 17.549 ? 30  PHE A CD2 1 
ATOM   216  C CE1 . PHE A 1 32  ? -14.268 1.503   -6.428  1.000 18.182 ? 30  PHE A CE1 1 
ATOM   217  C CE2 . PHE A 1 32  ? -14.332 -0.527  -7.664  1.000 17.952 ? 30  PHE A CE2 1 
ATOM   218  C CZ  . PHE A 1 32  ? -14.057 0.147   -6.501  1.000 17.620 ? 30  PHE A CZ  1 
ATOM   219  N N   . LEU A 1 33  ? -16.703 4.746   -11.851 1.000 15.993 ? 31  LEU A N   1 
ATOM   220  C CA  . LEU A 1 33  ? -16.781 5.388   -13.198 1.000 15.671 ? 31  LEU A CA  1 
ATOM   221  C C   . LEU A 1 33  ? -15.790 6.558   -13.315 1.000 14.830 ? 31  LEU A C   1 
ATOM   222  O O   . LEU A 1 33  ? -15.261 6.757   -14.405 1.000 14.369 ? 31  LEU A O   1 
ATOM   223  C CB  . LEU A 1 33  ? -18.206 5.865   -13.490 1.000 16.270 ? 31  LEU A CB  1 
ATOM   224  C CG  . LEU A 1 33  ? -18.476 6.206   -14.957 1.000 17.602 ? 31  LEU A CG  1 
ATOM   225  C CD1 . LEU A 1 33  ? -18.370 4.974   -15.857 1.000 18.097 ? 31  LEU A CD1 1 
ATOM   226  C CD2 . LEU A 1 33  ? -19.838 6.866   -15.103 1.000 17.483 ? 31  LEU A CD2 1 
ATOM   227  N N   . ASN A 1 34  ? -15.530 7.285   -12.226 1.000 14.648 ? 32  ASN A N   1 
ATOM   228  C CA  . ASN A 1 34  ? -14.627 8.464   -12.184 1.000 14.021 ? 32  ASN A CA  1 
ATOM   229  C C   . ASN A 1 34  ? -13.164 8.061   -11.916 1.000 13.682 ? 32  ASN A C   1 
ATOM   230  O O   . ASN A 1 34  ? -12.315 8.957   -11.904 1.000 12.532 ? 32  ASN A O   1 
ATOM   231  C CB  . ASN A 1 34  ? -15.150 9.491   -11.174 1.000 14.327 ? 32  ASN A CB  1 
ATOM   232  C CG  . ASN A 1 34  ? -16.442 10.140  -11.634 1.000 15.350 ? 32  ASN A CG  1 
ATOM   233  O OD1 . ASN A 1 34  ? -16.961 9.802   -12.695 1.000 15.416 ? 32  ASN A OD1 1 
ATOM   234  N ND2 . ASN A 1 34  ? -16.955 11.086  -10.858 1.000 14.910 ? 32  ASN A ND2 1 
ATOM   235  N N   . GLU A 1 35  ? -12.877 6.769   -11.742 1.000 13.603 ? 33  GLU A N   1 
ATOM   236  C CA  . GLU A 1 35  ? -11.499 6.211   -11.650 1.000 14.263 ? 33  GLU A CA  1 
ATOM   237  C C   . GLU A 1 35  ? -10.723 6.926   -10.547 1.000 13.008 ? 33  GLU A C   1 
ATOM   238  O O   . GLU A 1 35  ? -9.637  7.472   -10.790 1.000 12.805 ? 33  GLU A O   1 
ATOM   239  C CB  . GLU A 1 35  ? -10.795 6.288   -13.003 1.000 16.191 ? 33  GLU A CB  1 
ATOM   240  C CG  . GLU A 1 35  ? -11.446 5.413   -14.060 1.000 17.815 ? 33  GLU A CG  1 
ATOM   241  C CD  . GLU A 1 35  ? -10.736 5.445   -15.399 1.000 21.176 ? 33  GLU A CD  1 
ATOM   242  O OE1 . GLU A 1 35  ? -9.528  5.756   -15.422 1.000 25.401 ? 33  GLU A OE1 1 
ATOM   243  O OE2 . GLU A 1 35  ? -11.405 5.219   -16.420 1.000 24.649 ? 33  GLU A OE2 1 
ATOM   244  N N   . PRO A 1 36  ? -11.201 6.831   -9.288  1.000 12.703 ? 34  PRO A N   1 
ATOM   245  C CA  . PRO A 1 36  ? -10.393 7.225   -8.134  1.000 12.466 ? 34  PRO A CA  1 
ATOM   246  C C   . PRO A 1 36  ? -9.166  6.302   -8.058  1.000 13.461 ? 34  PRO A C   1 
ATOM   247  O O   . PRO A 1 36  ? -9.261  5.144   -8.471  1.000 14.377 ? 34  PRO A O   1 
ATOM   248  C CB  . PRO A 1 36  ? -11.300 7.051   -6.912  1.000 12.513 ? 34  PRO A CB  1 
ATOM   249  C CG  . PRO A 1 36  ? -12.344 6.035   -7.365  1.000 12.043 ? 34  PRO A CG  1 
ATOM   250  C CD  . PRO A 1 36  ? -12.454 6.178   -8.872  1.000 12.601 ? 34  PRO A CD  1 
ATOM   251  N N   . TYR A 1 37  ? -8.047  6.841   -7.573  1.000 13.128 ? 35  TYR A N   1 
ATOM   252  C CA  . TYR A 1 37  ? -6.824  6.069   -7.247  1.000 14.060 ? 35  TYR A CA  1 
ATOM   253  C C   . TYR A 1 37  ? -6.695  5.839   -5.740  1.000 13.253 ? 35  TYR A C   1 
ATOM   254  O O   . TYR A 1 37  ? -7.255  6.592   -4.909  1.000 12.271 ? 35  TYR A O   1 
ATOM   255  C CB  . TYR A 1 37  ? -5.566  6.776   -7.753  1.000 16.202 ? 35  TYR A CB  1 
ATOM   256  C CG  . TYR A 1 37  ? -5.434  6.766   -9.250  1.000 19.553 ? 35  TYR A CG  1 
ATOM   257  C CD1 . TYR A 1 37  ? -4.724  5.761   -9.901  1.000 21.946 ? 35  TYR A CD1 1 
ATOM   258  C CD2 . TYR A 1 37  ? -6.011  7.758   -10.021 1.000 22.473 ? 35  TYR A CD2 1 
ATOM   259  C CE1 . TYR A 1 37  ? -4.598  5.754   -11.279 1.000 23.526 ? 35  TYR A CE1 1 
ATOM   260  C CE2 . TYR A 1 37  ? -5.905  7.764   -11.408 1.000 22.883 ? 35  TYR A CE2 1 
ATOM   261  C CZ  . TYR A 1 37  ? -5.203  6.750   -12.035 1.000 25.430 ? 35  TYR A CZ  1 
ATOM   262  O OH  . TYR A 1 37  ? -5.060  6.734   -13.391 1.000 27.783 ? 35  TYR A OH  1 
ATOM   263  N N   . LEU A 1 38  ? -5.937  4.798   -5.409  1.000 12.553 ? 36  LEU A N   1 
ATOM   264  C CA  . LEU A 1 38  ? -5.332  4.581   -4.070  1.000 12.018 ? 36  LEU A CA  1 
ATOM   265  C C   . LEU A 1 38  ? -3.847  4.319   -4.285  1.000 11.737 ? 36  LEU A C   1 
ATOM   266  O O   . LEU A 1 38  ? -3.518  3.499   -5.159  1.000 11.749 ? 36  LEU A O   1 
ATOM   267  C CB  . LEU A 1 38  ? -6.019  3.387   -3.401  1.000 12.844 ? 36  LEU A CB  1 
ATOM   268  C CG  . LEU A 1 38  ? -5.272  2.784   -2.214  1.000 12.765 ? 36  LEU A CG  1 
ATOM   269  C CD1 . LEU A 1 38  ? -5.228  3.773   -1.061  1.000 13.335 ? 36  LEU A CD1 1 
ATOM   270  C CD2 . LEU A 1 38  ? -5.917  1.491   -1.771  1.000 12.969 ? 36  LEU A CD2 1 
ATOM   271  N N   . GLN A 1 39  ? -2.984  4.904   -3.456  1.000 11.277 ? 37  GLN A N   1 
ATOM   272  C CA  . GLN A 1 39  ? -1.544  4.577   -3.501  1.000 10.879 ? 37  GLN A CA  1 
ATOM   273  C C   . GLN A 1 39  ? -1.033  4.314   -2.087  1.000 10.499 ? 37  GLN A C   1 
ATOM   274  O O   . GLN A 1 39  ? -1.324  5.090   -1.165  1.000 11.006 ? 37  GLN A O   1 
ATOM   275  C CB  . GLN A 1 39  ? -0.765  5.679   -4.204  1.000 11.200 ? 37  GLN A CB  1 
ATOM   276  C CG  . GLN A 1 39  ? 0.664   5.295   -4.525  1.000 10.848 ? 37  GLN A CG  1 
ATOM   277  C CD  . GLN A 1 39  ? 1.263   6.194   -5.579  1.000 11.520 ? 37  GLN A CD  1 
ATOM   278  O OE1 . GLN A 1 39  ? 0.603   6.541   -6.561  1.000 12.573 ? 37  GLN A OE1 1 
ATOM   279  N NE2 . GLN A 1 39  ? 2.538   6.530   -5.413  1.000 10.399 ? 37  GLN A NE2 1 
ATOM   280  N N   . VAL A 1 40  ? -0.257  3.254   -1.951  1.000 10.641 ? 38  VAL A N   1 
ATOM   281  C CA  . VAL A 1 40  ? 0.505   2.930   -0.723  1.000 10.461 ? 38  VAL A CA  1 
ATOM   282  C C   . VAL A 1 40  ? 1.978   2.796   -1.127  1.000 10.888 ? 38  VAL A C   1 
ATOM   283  O O   . VAL A 1 40  ? 2.269   1.984   -2.021  1.000 9.886  ? 38  VAL A O   1 
ATOM   284  C CB  . VAL A 1 40  ? -0.057  1.656   -0.068  1.000 10.933 ? 38  VAL A CB  1 
ATOM   285  C CG1 . VAL A 1 40  ? 0.719   1.253   1.168   1.000 11.544 ? 38  VAL A CG1 1 
ATOM   286  C CG2 . VAL A 1 40  ? -1.539  1.818   0.249   1.000 11.071 ? 38  VAL A CG2 1 
ATOM   287  N N   . ASP A 1 41  ? 2.846   3.584   -0.483  1.000 10.962 ? 39  ASP A N   1 
ATOM   288  C CA  . ASP A 1 41  ? 4.304   3.618   -0.746  1.000 11.358 ? 39  ASP A CA  1 
ATOM   289  C C   . ASP A 1 41  ? 5.041   3.321   0.552   1.000 11.137 ? 39  ASP A C   1 
ATOM   290  O O   . ASP A 1 41  ? 4.816   4.040   1.547   1.000 11.371 ? 39  ASP A O   1 
ATOM   291  C CB  . ASP A 1 41  ? 4.737   4.943   -1.365  1.000 12.010 ? 39  ASP A CB  1 
ATOM   292  C CG  . ASP A 1 41  ? 4.066   5.254   -2.687  1.000 12.684 ? 39  ASP A CG  1 
ATOM   293  O OD1 . ASP A 1 41  ? 4.065   4.368   -3.577  1.000 12.996 ? 39  ASP A OD1 1 
ATOM   294  O OD2 . ASP A 1 41  ? 3.567   6.389   -2.827  1.000 14.447 ? 39  ASP A OD2 1 
ATOM   295  N N   . PHE A 1 42  ? 5.896   2.303   0.523   1.000 10.025 ? 40  PHE A N   1 
ATOM   296  C CA  . PHE A 1 42  ? 6.859   2.011   1.601   1.000 10.167 ? 40  PHE A CA  1 
ATOM   297  C C   . PHE A 1 42  ? 8.182   2.693   1.244   1.000 10.736 ? 40  PHE A C   1 
ATOM   298  O O   . PHE A 1 42  ? 8.846   2.229   0.296   1.000 10.679 ? 40  PHE A O   1 
ATOM   299  C CB  . PHE A 1 42  ? 7.005   0.498   1.776   1.000 9.921  ? 40  PHE A CB  1 
ATOM   300  C CG  . PHE A 1 42  ? 5.797   -0.257  2.250   1.000 10.090 ? 40  PHE A CG  1 
ATOM   301  C CD1 . PHE A 1 42  ? 4.595   0.362   2.572   1.000 10.466 ? 40  PHE A CD1 1 
ATOM   302  C CD2 . PHE A 1 42  ? 5.876   -1.645  2.371   1.000 10.737 ? 40  PHE A CD2 1 
ATOM   303  C CE1 . PHE A 1 42  ? 3.515   -0.401  3.004   1.000 10.992 ? 40  PHE A CE1 1 
ATOM   304  C CE2 . PHE A 1 42  ? 4.805   -2.395  2.823   1.000 10.662 ? 40  PHE A CE2 1 
ATOM   305  C CZ  . PHE A 1 42  ? 3.624   -1.770  3.126   1.000 11.449 ? 40  PHE A CZ  1 
ATOM   306  N N   . HIS A 1 43  ? 8.536   3.761   1.969   1.000 10.871 ? 41  HIS A N   1 
ATOM   307  C CA  . HIS A 1 43  ? 9.680   4.657   1.659   1.000 11.337 ? 41  HIS A CA  1 
ATOM   308  C C   . HIS A 1 43  ? 10.900  4.335   2.525   1.000 11.695 ? 41  HIS A C   1 
ATOM   309  O O   . HIS A 1 43  ? 10.717  3.896   3.679   1.000 12.458 ? 41  HIS A O   1 
ATOM   310  C CB  . HIS A 1 43  ? 9.307   6.112   1.895   1.000 11.515 ? 41  HIS A CB  1 
ATOM   311  C CG  . HIS A 1 43  ? 8.530   6.729   0.795   1.000 11.074 ? 41  HIS A CG  1 
ATOM   312  N ND1 . HIS A 1 43  ? 9.142   7.399   -0.247  1.000 11.606 ? 41  HIS A ND1 1 
ATOM   313  C CD2 . HIS A 1 43  ? 7.195   6.839   0.618   1.000 11.163 ? 41  HIS A CD2 1 
ATOM   314  C CE1 . HIS A 1 43  ? 8.214   7.895   -1.037  1.000 11.175 ? 41  HIS A CE1 1 
ATOM   315  N NE2 . HIS A 1 43  ? 7.005   7.569   -0.524  1.000 11.240 ? 41  HIS A NE2 1 
ATOM   316  N N   . THR A 1 44  ? 12.093  4.641   2.008   1.000 12.216 ? 42  THR A N   1 
ATOM   317  C CA  . THR A 1 44  ? 13.392  4.444   2.703   1.000 12.636 ? 42  THR A CA  1 
ATOM   318  C C   . THR A 1 44  ? 13.751  5.619   3.623   1.000 13.429 ? 42  THR A C   1 
ATOM   319  O O   . THR A 1 44  ? 14.705  5.425   4.433   1.000 13.385 ? 42  THR A O   1 
ATOM   320  C CB  . THR A 1 44  ? 14.535  4.216   1.714   1.000 12.606 ? 42  THR A CB  1 
ATOM   321  O OG1 . THR A 1 44  ? 14.659  5.359   0.865   1.000 11.850 ? 42  THR A OG1 1 
ATOM   322  C CG2 . THR A 1 44  ? 14.334  2.960   0.895   1.000 13.606 ? 42  THR A CG2 1 
ATOM   323  N N   . GLU A 1 45  ? 13.050  6.759   3.532   1.000 13.578 ? 43  GLU A N   1 
ATOM   324  C CA  . GLU A 1 45  ? 13.226  7.928   4.440   1.000 14.900 ? 43  GLU A CA  1 
ATOM   325  C C   . GLU A 1 45  ? 11.875  8.614   4.664   1.000 14.485 ? 43  GLU A C   1 
ATOM   326  O O   . GLU A 1 45  ? 10.901  8.290   3.958   1.000 12.423 ? 43  GLU A O   1 
ATOM   327  C CB  . GLU A 1 45  ? 14.232  8.951   3.890   1.000 16.037 ? 43  GLU A CB  1 
ATOM   328  C CG  . GLU A 1 45  ? 15.611  8.406   3.559   1.000 17.056 ? 43  GLU A CG  1 
ATOM   329  C CD  . GLU A 1 45  ? 16.487  7.954   4.722   1.000 18.912 ? 43  GLU A CD  1 
ATOM   330  O OE1 . GLU A 1 45  ? 16.199  8.318   5.869   1.000 18.049 ? 43  GLU A OE1 1 
ATOM   331  O OE2 . GLU A 1 45  ? 17.427  7.178   4.467   1.000 22.624 ? 43  GLU A OE2 1 
ATOM   332  N N   . MET A 1 46  ? 11.821  9.547   5.615   1.000 15.267 ? 44  MET A N   1 
ATOM   333  C CA  . MET A 1 46  ? 10.606  10.344  5.919   1.000 16.230 ? 44  MET A CA  1 
ATOM   334  C C   . MET A 1 46  ? 10.303  11.309  4.763   1.000 16.381 ? 44  MET A C   1 
ATOM   335  O O   . MET A 1 46  ? 9.119   11.607  4.534   1.000 16.373 ? 44  MET A O   1 
ATOM   336  C CB  . MET A 1 46  ? 10.774  11.102  7.244   1.000 16.670 ? 44  MET A CB  1 
ATOM   337  C CG  . MET A 1 46  ? 10.768  10.187  8.455   1.000 17.882 ? 44  MET A CG  1 
ATOM   338  S SD  . MET A 1 46  ? 9.212   9.273   8.693   1.000 19.269 ? 44  MET A SD  1 
ATOM   339  C CE  . MET A 1 46  ? 8.010   10.599  8.747   1.000 19.254 ? 44  MET A CE  1 
ATOM   340  N N   . LYS A 1 47  ? 11.324  11.732  4.020   1.000 18.557 ? 45  LYS A N   1 
ATOM   341  C CA  . LYS A 1 47  ? 11.191  12.623  2.839   1.000 19.040 ? 45  LYS A CA  1 
ATOM   342  C C   . LYS A 1 47  ? 10.329  11.914  1.785   1.000 18.079 ? 45  LYS A C   1 
ATOM   343  O O   . LYS A 1 47  ? 10.595  10.741  1.485   1.000 16.774 ? 45  LYS A O   1 
ATOM   344  C CB  . LYS A 1 47  ? 12.575  12.962  2.270   1.000 22.644 ? 45  LYS A CB  1 
ATOM   345  C CG  . LYS A 1 47  ? 13.343  14.074  2.975   1.000 26.925 ? 45  LYS A CG  1 
ATOM   346  C CD  . LYS A 1 47  ? 14.825  14.086  2.582   1.000 30.465 ? 45  LYS A CD  1 
ATOM   347  C CE  . LYS A 1 47  ? 15.429  15.475  2.505   1.000 35.599 ? 45  LYS A CE  1 
ATOM   348  N NZ  . LYS A 1 47  ? 15.325  16.195  3.798   1.000 38.055 ? 45  LYS A NZ  1 
ATOM   349  N N   . GLU A 1 48  ? 9.328   12.603  1.240   1.000 17.177 ? 46  GLU A N   1 
ATOM   350  C CA  . GLU A 1 48  ? 8.421   12.035  0.206   1.000 17.232 ? 46  GLU A CA  1 
ATOM   351  C C   . GLU A 1 48  ? 9.149   11.751  -1.110  1.000 16.745 ? 46  GLU A C   1 
ATOM   352  O O   . GLU A 1 48  ? 8.677   10.876  -1.850  1.000 16.997 ? 46  GLU A O   1 
ATOM   353  C CB  . GLU A 1 48  ? 7.243   12.978  -0.023  1.000 18.156 ? 46  GLU A CB  1 
ATOM   354  C CG  . GLU A 1 48  ? 6.357   13.072  1.202   1.000 19.368 ? 46  GLU A CG  1 
ATOM   355  C CD  . GLU A 1 48  ? 5.260   14.118  1.117   1.000 19.987 ? 46  GLU A CD  1 
ATOM   356  O OE1 . GLU A 1 48  ? 5.391   15.055  0.296   1.000 21.329 ? 46  GLU A OE1 1 
ATOM   357  O OE2 . GLU A 1 48  ? 4.292   13.999  1.897   1.000 19.330 ? 46  GLU A OE2 1 
ATOM   358  N N   . GLU A 1 49  ? 10.258  12.434  -1.411  1.000 15.936 ? 47  GLU A N   1 
ATOM   359  C CA  . GLU A 1 49  ? 11.027  12.185  -2.664  1.000 15.926 ? 47  GLU A CA  1 
ATOM   360  C C   . GLU A 1 49  ? 11.977  10.983  -2.496  1.000 14.789 ? 47  GLU A C   1 
ATOM   361  O O   . GLU A 1 49  ? 12.734  10.668  -3.444  1.000 12.528 ? 47  GLU A O   1 
ATOM   362  C CB  . GLU A 1 49  ? 11.770  13.457  -3.082  1.000 18.744 ? 47  GLU A CB  1 
ATOM   363  C CG  . GLU A 1 49  ? 12.872  13.858  -2.124  1.000 20.897 ? 47  GLU A CG  1 
ATOM   364  C CD  . GLU A 1 49  ? 12.508  14.890  -1.064  1.000 23.472 ? 47  GLU A CD  1 
ATOM   365  O OE1 . GLU A 1 49  ? 13.415  15.663  -0.695  1.000 28.386 ? 47  GLU A OE1 1 
ATOM   366  O OE2 . GLU A 1 49  ? 11.336  14.916  -0.603  1.000 21.717 ? 47  GLU A OE2 1 
ATOM   367  N N   . SER A 1 50  ? 11.981  10.328  -1.329  1.000 13.303 ? 48  SER A N   1 
ATOM   368  C CA  . SER A 1 50  ? 12.893  9.196   -1.048  1.000 12.574 ? 48  SER A CA  1 
ATOM   369  C C   . SER A 1 50  ? 12.438  7.978   -1.852  1.000 12.240 ? 48  SER A C   1 
ATOM   370  O O   . SER A 1 50  ? 11.311  7.951   -2.374  1.000 11.884 ? 48  SER A O   1 
ATOM   371  C CB  . SER A 1 50  ? 12.987  8.871   0.418   1.000 12.619 ? 48  SER A CB  1 
ATOM   372  O OG  . SER A 1 50  ? 11.747  8.397   0.905   1.000 12.310 ? 48  SER A OG  1 
ATOM   373  N N   . ASP A 1 51  ? 13.334  7.018   -1.929  1.000 12.280 ? 49  ASP A N   1 
ATOM   374  C CA  . ASP A 1 51  ? 13.172  5.752   -2.668  1.000 12.562 ? 49  ASP A CA  1 
ATOM   375  C C   . ASP A 1 51  ? 11.975  4.988   -2.099  1.000 12.245 ? 49  ASP A C   1 
ATOM   376  O O   . ASP A 1 51  ? 11.577  5.213   -0.921  1.000 11.263 ? 49  ASP A O   1 
ATOM   377  C CB  . ASP A 1 51  ? 14.466  4.937   -2.585  1.000 12.624 ? 49  ASP A CB  1 
ATOM   378  C CG  . ASP A 1 51  ? 15.568  5.469   -3.478  1.000 13.257 ? 49  ASP A CG  1 
ATOM   379  O OD1 . ASP A 1 51  ? 15.321  6.423   -4.253  1.000 12.765 ? 49  ASP A OD1 1 
ATOM   380  O OD2 . ASP A 1 51  ? 16.681  4.944   -3.364  1.000 13.746 ? 49  ASP A OD2 1 
ATOM   381  N N   . ILE A 1 52  ? 11.407  4.126   -2.934  1.000 12.111 ? 50  ILE A N   1 
ATOM   382  C CA  . ILE A 1 52  ? 10.185  3.353   -2.591  1.000 12.076 ? 50  ILE A CA  1 
ATOM   383  C C   . ILE A 1 52  ? 10.505  1.884   -2.822  1.000 12.425 ? 50  ILE A C   1 
ATOM   384  O O   . ILE A 1 52  ? 10.791  1.517   -3.943  1.000 11.056 ? 50  ILE A O   1 
ATOM   385  C CB  . ILE A 1 52  ? 8.970   3.835   -3.398  1.000 11.994 ? 50  ILE A CB  1 
ATOM   386  C CG1 . ILE A 1 52  ? 8.711   5.332   -3.182  1.000 12.254 ? 50  ILE A CG1 1 
ATOM   387  C CG2 . ILE A 1 52  ? 7.756   2.987   -3.047  1.000 11.985 ? 50  ILE A CG2 1 
ATOM   388  C CD1 . ILE A 1 52  ? 7.739   5.944   -4.163  1.000 12.613 ? 50  ILE A CD1 1 
ATOM   389  N N   . VAL A 1 53  ? 10.548  1.133   -1.730  1.000 13.313 ? 51  VAL A N   1 
ATOM   390  C CA  . VAL A 1 53  ? 10.810  -0.327  -1.683  1.000 13.522 ? 51  VAL A CA  1 
ATOM   391  C C   . VAL A 1 53  ? 9.610   -1.046  -2.307  1.000 13.534 ? 51  VAL A C   1 
ATOM   392  O O   . VAL A 1 53  ? 9.795   -2.088  -2.958  1.000 13.228 ? 51  VAL A O   1 
ATOM   393  C CB  . VAL A 1 53  ? 11.032  -0.704  -0.208  1.000 15.626 ? 51  VAL A CB  1 
ATOM   394  C CG1 . VAL A 1 53  ? 10.881  -2.179  0.079   1.000 16.886 ? 51  VAL A CG1 1 
ATOM   395  C CG2 . VAL A 1 53  ? 12.374  -0.184  0.252   1.000 14.959 ? 51  VAL A CG2 1 
ATOM   396  N N   . PHE A 1 54  ? 8.409   -0.528  -2.040  1.000 11.631 ? 52  PHE A N   1 
ATOM   397  C CA  . PHE A 1 54  ? 7.127   -1.135  -2.483  1.000 11.754 ? 52  PHE A CA  1 
ATOM   398  C C   . PHE A 1 54  ? 6.145   -0.012  -2.793  1.000 10.978 ? 52  PHE A C   1 
ATOM   399  O O   . PHE A 1 54  ? 5.758   0.732   -1.866  1.000 9.739  ? 52  PHE A O   1 
ATOM   400  C CB  . PHE A 1 54  ? 6.559   -2.113  -1.456  1.000 11.511 ? 52  PHE A CB  1 
ATOM   401  C CG  . PHE A 1 54  ? 5.271   -2.777  -1.881  1.000 12.331 ? 52  PHE A CG  1 
ATOM   402  C CD1 . PHE A 1 54  ? 5.156   -3.357  -3.141  1.000 12.737 ? 52  PHE A CD1 1 
ATOM   403  C CD2 . PHE A 1 54  ? 4.161   -2.782  -1.059  1.000 13.352 ? 52  PHE A CD2 1 
ATOM   404  C CE1 . PHE A 1 54  ? 3.976   -3.956  -3.549  1.000 13.211 ? 52  PHE A CE1 1 
ATOM   405  C CE2 . PHE A 1 54  ? 2.984   -3.403  -1.460  1.000 13.251 ? 52  PHE A CE2 1 
ATOM   406  C CZ  . PHE A 1 54  ? 2.895   -3.992  -2.701  1.000 13.624 ? 52  PHE A CZ  1 
ATOM   407  N N   . HIS A 1 55  ? 5.802   0.117   -4.073  1.000 11.018 ? 53  HIS A N   1 
ATOM   408  C CA  . HIS A 1 55  ? 4.787   1.064   -4.607  1.000 10.970 ? 53  HIS A CA  1 
ATOM   409  C C   . HIS A 1 55  ? 3.582   0.237   -5.060  1.000 11.585 ? 53  HIS A C   1 
ATOM   410  O O   . HIS A 1 55  ? 3.781   -0.700  -5.845  1.000 11.784 ? 53  HIS A O   1 
ATOM   411  C CB  . HIS A 1 55  ? 5.390   1.886   -5.754  1.000 11.402 ? 53  HIS A CB  1 
ATOM   412  C CG  . HIS A 1 55  ? 4.426   2.529   -6.703  1.000 11.623 ? 53  HIS A CG  1 
ATOM   413  N ND1 . HIS A 1 55  ? 3.750   3.694   -6.406  1.000 11.676 ? 53  HIS A ND1 1 
ATOM   414  C CD2 . HIS A 1 55  ? 4.105   2.231   -7.981  1.000 12.629 ? 53  HIS A CD2 1 
ATOM   415  C CE1 . HIS A 1 55  ? 3.037   4.069   -7.466  1.000 12.459 ? 53  HIS A CE1 1 
ATOM   416  N NE2 . HIS A 1 55  ? 3.237   3.197   -8.440  1.000 11.745 ? 53  HIS A NE2 1 
ATOM   417  N N   . PHE A 1 56  ? 2.405   0.571   -4.552  1.000 11.408 ? 54  PHE A N   1 
ATOM   418  C CA  . PHE A 1 56  ? 1.126   -0.137  -4.808  1.000 11.202 ? 54  PHE A CA  1 
ATOM   419  C C   . PHE A 1 56  ? 0.110   0.916   -5.225  1.000 11.902 ? 54  PHE A C   1 
ATOM   420  O O   . PHE A 1 56  ? -0.277  1.768   -4.365  1.000 11.166 ? 54  PHE A O   1 
ATOM   421  C CB  . PHE A 1 56  ? 0.697   -0.895  -3.555  1.000 11.215 ? 54  PHE A CB  1 
ATOM   422  C CG  . PHE A 1 56  ? -0.618  -1.618  -3.669  1.000 11.478 ? 54  PHE A CG  1 
ATOM   423  C CD1 . PHE A 1 56  ? -0.697  -2.847  -4.307  1.000 11.444 ? 54  PHE A CD1 1 
ATOM   424  C CD2 . PHE A 1 56  ? -1.767  -1.107  -3.086  1.000 11.042 ? 54  PHE A CD2 1 
ATOM   425  C CE1 . PHE A 1 56  ? -1.903  -3.536  -4.378  1.000 11.760 ? 54  PHE A CE1 1 
ATOM   426  C CE2 . PHE A 1 56  ? -2.976  -1.788  -3.173  1.000 11.524 ? 54  PHE A CE2 1 
ATOM   427  C CZ  . PHE A 1 56  ? -3.038  -3.007  -3.813  1.000 11.804 ? 54  PHE A CZ  1 
ATOM   428  N N   . GLN A 1 57  ? -0.329  0.871   -6.481  1.000 12.245 ? 55  GLN A N   1 
ATOM   429  C CA  . GLN A 1 57  ? -1.204  1.937   -7.025  1.000 13.121 ? 55  GLN A CA  1 
ATOM   430  C C   . GLN A 1 57  ? -2.431  1.304   -7.677  1.000 13.702 ? 55  GLN A C   1 
ATOM   431  O O   . GLN A 1 57  ? -2.281  0.641   -8.711  1.000 12.863 ? 55  GLN A O   1 
ATOM   432  C CB  . GLN A 1 57  ? -0.473  2.839   -8.012  1.000 14.849 ? 55  GLN A CB  1 
ATOM   433  C CG  . GLN A 1 57  ? -1.300  4.073   -8.340  1.000 16.037 ? 55  GLN A CG  1 
ATOM   434  C CD  . GLN A 1 57  ? -0.859  4.785   -9.587  1.000 19.307 ? 55  GLN A CD  1 
ATOM   435  O OE1 . GLN A 1 57  ? -0.804  4.185   -10.658 1.000 22.394 ? 55  GLN A OE1 1 
ATOM   436  N NE2 . GLN A 1 57  ? -0.660  6.099   -9.479  1.000 19.621 ? 55  GLN A NE2 1 
ATOM   437  N N   . VAL A 1 58  ? -3.597  1.532   -7.080  1.000 13.341 ? 56  VAL A N   1 
ATOM   438  C CA  . VAL A 1 58  ? -4.901  1.008   -7.578  1.000 14.274 ? 56  VAL A CA  1 
ATOM   439  C C   . VAL A 1 58  ? -5.559  2.117   -8.398  1.000 14.433 ? 56  VAL A C   1 
ATOM   440  O O   . VAL A 1 58  ? -5.700  3.236   -7.879  1.000 14.358 ? 56  VAL A O   1 
ATOM   441  C CB  . VAL A 1 58  ? -5.802  0.564   -6.415  1.000 14.658 ? 56  VAL A CB  1 
ATOM   442  C CG1 . VAL A 1 58  ? -7.110  -0.018  -6.923  1.000 15.245 ? 56  VAL A CG1 1 
ATOM   443  C CG2 . VAL A 1 58  ? -5.099  -0.404  -5.474  1.000 15.064 ? 56  VAL A CG2 1 
ATOM   444  N N   . CYS A 1 59  ? -5.942  1.819   -9.638  1.000 14.042 ? 57  CYS A N   1 
ATOM   445  C CA  . CYS A 1 59  ? -6.985  2.566   -10.380 1.000 14.762 ? 57  CYS A CA  1 
ATOM   446  C C   . CYS A 1 59  ? -8.292  1.787   -10.221 1.000 14.045 ? 57  CYS A C   1 
ATOM   447  O O   . CYS A 1 59  ? -8.445  0.728   -10.878 1.000 13.787 ? 57  CYS A O   1 
ATOM   448  C CB  . CYS A 1 59  ? -6.597  2.738   -11.843 1.000 16.343 ? 57  CYS A CB  1 
ATOM   449  S SG  . CYS A 1 59  ? -7.746  3.813   -12.736 1.000 19.741 ? 57  CYS A SG  1 
ATOM   450  N N   . PHE A 1 60  ? -9.137  2.224   -9.291  1.000 13.897 ? 58  PHE A N   1 
ATOM   451  C CA  . PHE A 1 60  ? -10.321 1.474   -8.831  1.000 14.152 ? 58  PHE A CA  1 
ATOM   452  C C   . PHE A 1 60  ? -11.154 1.142   -10.073 1.000 15.382 ? 58  PHE A C   1 
ATOM   453  O O   . PHE A 1 60  ? -11.431 2.068   -10.883 1.000 15.007 ? 58  PHE A O   1 
ATOM   454  C CB  . PHE A 1 60  ? -11.106 2.271   -7.791  1.000 13.890 ? 58  PHE A CB  1 
ATOM   455  C CG  . PHE A 1 60  ? -10.516 2.250   -6.403  1.000 14.742 ? 58  PHE A CG  1 
ATOM   456  C CD1 . PHE A 1 60  ? -10.603 1.103   -5.625  1.000 14.459 ? 58  PHE A CD1 1 
ATOM   457  C CD2 . PHE A 1 60  ? -9.900  3.366   -5.859  1.000 14.349 ? 58  PHE A CD2 1 
ATOM   458  C CE1 . PHE A 1 60  ? -10.079 1.074   -4.341  1.000 15.090 ? 58  PHE A CE1 1 
ATOM   459  C CE2 . PHE A 1 60  ? -9.399  3.344   -4.567  1.000 14.970 ? 58  PHE A CE2 1 
ATOM   460  C CZ  . PHE A 1 60  ? -9.478  2.187   -3.814  1.000 14.214 ? 58  PHE A CZ  1 
ATOM   461  N N   . GLY A 1 61  ? -11.520 -0.135  -10.211 1.000 16.735 ? 59  GLY A N   1 
ATOM   462  C CA  . GLY A 1 61  ? -12.366 -0.649  -11.304 1.000 17.083 ? 59  GLY A CA  1 
ATOM   463  C C   . GLY A 1 61  ? -11.567 -1.056  -12.536 1.000 18.626 ? 59  GLY A C   1 
ATOM   464  O O   . GLY A 1 61  ? -12.195 -1.612  -13.455 1.000 16.572 ? 59  GLY A O   1 
ATOM   465  N N   . ARG A 1 62  ? -10.257 -0.769  -12.606 1.000 18.634 ? 60  ARG A N   1 
ATOM   466  C CA  . ARG A 1 62  ? -9.465  -0.969  -13.855 1.000 19.748 ? 60  ARG A CA  1 
ATOM   467  C C   . ARG A 1 62  ? -8.225  -1.832  -13.616 1.000 19.166 ? 60  ARG A C   1 
ATOM   468  O O   . ARG A 1 62  ? -8.159  -2.926  -14.197 1.000 19.045 ? 60  ARG A O   1 
ATOM   469  C CB  . ARG A 1 62  ? -9.164  0.394   -14.467 1.000 22.749 ? 60  ARG A CB  1 
ATOM   470  C CG  . ARG A 1 62  ? -10.460 1.120   -14.811 1.000 26.113 ? 60  ARG A CG  1 
ATOM   471  C CD  . ARG A 1 62  ? -10.423 2.054   -15.988 1.000 29.205 ? 60  ARG A CD  1 
ATOM   472  N NE  . ARG A 1 62  ? -9.925  1.462   -17.227 1.000 32.132 ? 60  ARG A NE  1 
ATOM   473  C CZ  . ARG A 1 62  ? -9.859  2.104   -18.390 1.000 34.246 ? 60  ARG A CZ  1 
ATOM   474  N NH1 . ARG A 1 62  ? -9.369  1.491   -19.456 1.000 36.755 ? 60  ARG A NH1 1 
ATOM   475  N NH2 . ARG A 1 62  ? -10.296 3.352   -18.492 1.000 34.167 ? 60  ARG A NH2 1 
ATOM   476  N N   . ARG A 1 63  ? -7.225  -1.351  -12.885 1.000 18.215 ? 61  ARG A N   1 
ATOM   477  C CA  . ARG A 1 63  ? -5.962  -2.112  -12.765 1.000 19.070 ? 61  ARG A CA  1 
ATOM   478  C C   . ARG A 1 63  ? -5.183  -1.688  -11.525 1.000 17.001 ? 61  ARG A C   1 
ATOM   479  O O   . ARG A 1 63  ? -5.541  -0.688  -10.889 1.000 16.333 ? 61  ARG A O   1 
ATOM   480  C CB  . ARG A 1 63  ? -5.110  -1.923  -14.020 1.000 22.627 ? 61  ARG A CB  1 
ATOM   481  C CG  . ARG A 1 63  ? -4.763  -0.466  -14.247 1.000 26.577 ? 61  ARG A CG  1 
ATOM   482  C CD  . ARG A 1 63  ? -3.754  -0.143  -15.328 1.000 32.094 ? 61  ARG A CD  1 
ATOM   483  N NE  . ARG A 1 63  ? -2.971  0.973   -14.809 1.000 37.261 ? 61  ARG A NE  1 
ATOM   484  C CZ  . ARG A 1 63  ? -3.445  2.199   -14.554 1.000 39.760 ? 61  ARG A CZ  1 
ATOM   485  N NH1 . ARG A 1 63  ? -4.702  2.529   -14.838 1.000 43.605 ? 61  ARG A NH1 1 
ATOM   486  N NH2 . ARG A 1 63  ? -2.631  3.106   -14.044 1.000 41.066 ? 61  ARG A NH2 1 
ATOM   487  N N   . VAL A 1 64  ? -4.131  -2.442  -11.240 1.000 16.089 ? 62  VAL A N   1 
ATOM   488  C CA  . VAL A 1 64  ? -3.165  -2.175  -10.145 1.000 15.273 ? 62  VAL A CA  1 
ATOM   489  C C   . VAL A 1 64  ? -1.770  -2.281  -10.754 1.000 15.125 ? 62  VAL A C   1 
ATOM   490  O O   . VAL A 1 64  ? -1.554  -3.178  -11.590 1.000 14.662 ? 62  VAL A O   1 
ATOM   491  C CB  . VAL A 1 64  ? -3.364  -3.152  -8.976  1.000 15.869 ? 62  VAL A CB  1 
ATOM   492  C CG1 . VAL A 1 64  ? -2.343  -2.931  -7.882  1.000 16.191 ? 62  VAL A CG1 1 
ATOM   493  C CG2 . VAL A 1 64  ? -4.785  -3.071  -8.419  1.000 16.237 ? 62  VAL A CG2 1 
ATOM   494  N N   . VAL A 1 65  ? -0.891  -1.346  -10.410 1.000 14.025 ? 63  VAL A N   1 
ATOM   495  C CA  . VAL A 1 65  ? 0.544   -1.414  -10.786 1.000 14.986 ? 63  VAL A CA  1 
ATOM   496  C C   . VAL A 1 65  ? 1.364   -1.444  -9.502  1.000 14.805 ? 63  VAL A C   1 
ATOM   497  O O   . VAL A 1 65  ? 1.021   -0.757  -8.502  1.000 13.674 ? 63  VAL A O   1 
ATOM   498  C CB  . VAL A 1 65  ? 0.976   -0.304  -11.761 1.000 16.956 ? 63  VAL A CB  1 
ATOM   499  C CG1 . VAL A 1 65  ? 0.125   -0.319  -13.020 1.000 17.858 ? 63  VAL A CG1 1 
ATOM   500  C CG2 . VAL A 1 65  ? 0.978   1.072   -11.131 1.000 18.799 ? 63  VAL A CG2 1 
ATOM   501  N N   . MET A 1 66  ? 2.395   -2.270  -9.513  1.000 13.264 ? 64  MET A N   1 
ATOM   502  C CA  . MET A 1 66  ? 3.353   -2.330  -8.408  1.000 13.349 ? 64  MET A CA  1 
ATOM   503  C C   . MET A 1 66  ? 4.741   -2.105  -8.992  1.000 12.946 ? 64  MET A C   1 
ATOM   504  O O   . MET A 1 66  ? 4.954   -2.429  -10.183 1.000 13.865 ? 64  MET A O   1 
ATOM   505  C CB  . MET A 1 66  ? 3.240   -3.659  -7.664  1.000 13.152 ? 64  MET A CB  1 
ATOM   506  C CG  . MET A 1 66  ? 1.941   -3.772  -6.884  1.000 13.492 ? 64  MET A CG  1 
ATOM   507  S SD  . MET A 1 66  ? 1.565   -5.469  -6.437  1.000 14.666 ? 64  MET A SD  1 
ATOM   508  C CE  . MET A 1 66  ? 0.806   -6.034  -7.956  1.000 16.170 ? 64  MET A CE  1 
ATOM   509  N N   . ASN A 1 67  ? 5.609   -1.465  -8.215  1.000 12.387 ? 65  ASN A N   1 
ATOM   510  C CA  . ASN A 1 67  ? 6.991   -1.153  -8.659  1.000 12.078 ? 65  ASN A CA  1 
ATOM   511  C C   . ASN A 1 67  ? 7.852   -0.818  -7.445  1.000 11.783 ? 65  ASN A C   1 
ATOM   512  O O   . ASN A 1 67  ? 7.345   -0.818  -6.301  1.000 10.540 ? 65  ASN A O   1 
ATOM   513  C CB  . ASN A 1 67  ? 7.021   -0.012  -9.680  1.000 12.358 ? 65  ASN A CB  1 
ATOM   514  C CG  . ASN A 1 67  ? 8.100   -0.140  -10.737 1.000 13.373 ? 65  ASN A CG  1 
ATOM   515  O OD1 . ASN A 1 67  ? 9.164   -0.725  -10.497 1.000 12.057 ? 65  ASN A OD1 1 
ATOM   516  N ND2 . ASN A 1 67  ? 7.845   0.448   -11.900 1.000 14.149 ? 65  ASN A ND2 1 
ATOM   517  N N   . SER A 1 68  ? 9.115   -0.514  -7.722  1.000 12.206 ? 66  SER A N   1 
ATOM   518  C CA  . SER A 1 68  ? 10.056  0.134   -6.786  1.000 12.364 ? 66  SER A CA  1 
ATOM   519  C C   . SER A 1 68  ? 10.651  1.362   -7.484  1.000 12.111 ? 66  SER A C   1 
ATOM   520  O O   . SER A 1 68  ? 10.735  1.381   -8.757  1.000 12.113 ? 66  SER A O   1 
ATOM   521  C CB  . SER A 1 68  ? 11.118  -0.827  -6.337  1.000 12.127 ? 66  SER A CB  1 
ATOM   522  O OG  . SER A 1 68  ? 11.802  -1.369  -7.464  1.000 12.565 ? 66  SER A OG  1 
ATOM   523  N N   . ARG A 1 69  ? 11.053  2.343   -6.680  1.000 12.141 ? 67  ARG A N   1 
ATOM   524  C CA  . ARG A 1 69  ? 11.802  3.533   -7.143  1.000 12.711 ? 67  ARG A CA  1 
ATOM   525  C C   . ARG A 1 69  ? 13.129  3.541   -6.408  1.000 13.198 ? 67  ARG A C   1 
ATOM   526  O O   . ARG A 1 69  ? 13.119  3.682   -5.177  1.000 12.751 ? 67  ARG A O   1 
ATOM   527  C CB  . ARG A 1 69  ? 11.026  4.830   -6.905  1.000 13.138 ? 67  ARG A CB  1 
ATOM   528  C CG  . ARG A 1 69  ? 11.669  6.039   -7.572  1.000 13.288 ? 67  ARG A CG  1 
ATOM   529  C CD  . ARG A 1 69  ? 10.754  7.229   -7.506  1.000 12.942 ? 67  ARG A CD  1 
ATOM   530  N NE  . ARG A 1 69  ? 10.674  7.747   -6.152  1.000 12.874 ? 67  ARG A NE  1 
ATOM   531  C CZ  . ARG A 1 69  ? 9.695   8.511   -5.680  1.000 12.880 ? 67  ARG A CZ  1 
ATOM   532  N NH1 . ARG A 1 69  ? 8.672   8.841   -6.447  1.000 12.807 ? 67  ARG A NH1 1 
ATOM   533  N NH2 . ARG A 1 69  ? 9.736   8.937   -4.431  1.000 12.887 ? 67  ARG A NH2 1 
ATOM   534  N N   . GLU A 1 70  ? 14.207  3.320   -7.149  1.000 12.915 ? 68  GLU A N   1 
ATOM   535  C CA  . GLU A 1 70  ? 15.530  2.984   -6.578  1.000 13.667 ? 68  GLU A CA  1 
ATOM   536  C C   . GLU A 1 70  ? 16.525  4.028   -7.090  1.000 14.720 ? 68  GLU A C   1 
ATOM   537  O O   . GLU A 1 70  ? 16.623  4.188   -8.335  1.000 14.024 ? 68  GLU A O   1 
ATOM   538  C CB  . GLU A 1 70  ? 15.911  1.550   -6.934  1.000 14.543 ? 68  GLU A CB  1 
ATOM   539  C CG  . GLU A 1 70  ? 14.852  0.501   -6.576  1.000 15.161 ? 68  GLU A CG  1 
ATOM   540  C CD  . GLU A 1 70  ? 15.287  -0.941  -6.800  1.000 15.937 ? 68  GLU A CD  1 
ATOM   541  O OE1 . GLU A 1 70  ? 16.504  -1.166  -6.948  1.000 16.947 ? 68  GLU A OE1 1 
ATOM   542  O OE2 . GLU A 1 70  ? 14.427  -1.836  -6.832  1.000 15.783 ? 68  GLU A OE2 1 
ATOM   543  N N   . TYR A 1 71  ? 17.193  4.735   -6.170  1.000 14.767 ? 69  TYR A N   1 
ATOM   544  C CA  . TYR A 1 71  ? 18.067  5.903   -6.465  1.000 15.533 ? 69  TYR A CA  1 
ATOM   545  C C   . TYR A 1 71  ? 17.363  6.812   -7.478  1.000 15.187 ? 69  TYR A C   1 
ATOM   546  O O   . TYR A 1 71  ? 17.977  7.208   -8.474  1.000 12.738 ? 69  TYR A O   1 
ATOM   547  C CB  . TYR A 1 71  ? 19.451  5.414   -6.905  1.000 16.724 ? 69  TYR A CB  1 
ATOM   548  C CG  . TYR A 1 71  ? 20.037  4.370   -5.987  1.000 19.773 ? 69  TYR A CG  1 
ATOM   549  C CD1 . TYR A 1 71  ? 20.782  4.711   -4.870  1.000 22.915 ? 69  TYR A CD1 1 
ATOM   550  C CD2 . TYR A 1 71  ? 19.809  3.026   -6.229  1.000 23.076 ? 69  TYR A CD2 1 
ATOM   551  C CE1 . TYR A 1 71  ? 21.293  3.734   -4.023  1.000 22.399 ? 69  TYR A CE1 1 
ATOM   552  C CE2 . TYR A 1 71  ? 20.314  2.037   -5.397  1.000 24.803 ? 69  TYR A CE2 1 
ATOM   553  C CZ  . TYR A 1 71  ? 21.065  2.397   -4.291  1.000 23.425 ? 69  TYR A CZ  1 
ATOM   554  O OH  . TYR A 1 71  ? 21.566  1.398   -3.500  1.000 24.619 ? 69  TYR A OH  1 
ATOM   555  N N   . GLY A 1 72  ? 16.083  7.087   -7.205  1.000 15.100 ? 70  GLY A N   1 
ATOM   556  C CA  . GLY A 1 72  ? 15.247  8.084   -7.896  1.000 15.494 ? 70  GLY A CA  1 
ATOM   557  C C   . GLY A 1 72  ? 14.622  7.589   -9.188  1.000 15.957 ? 70  GLY A C   1 
ATOM   558  O O   . GLY A 1 72  ? 13.929  8.398   -9.816  1.000 15.864 ? 70  GLY A O   1 
ATOM   559  N N   . ALA A 1 73  ? 14.863  6.339   -9.595  1.000 16.234 ? 71  ALA A N   1 
ATOM   560  C CA  . ALA A 1 73  ? 14.407  5.759   -10.878 1.000 16.321 ? 71  ALA A CA  1 
ATOM   561  C C   . ALA A 1 73  ? 13.414  4.618   -10.644 1.000 15.478 ? 71  ALA A C   1 
ATOM   562  O O   . ALA A 1 73  ? 13.721  3.682   -9.904  1.000 14.058 ? 71  ALA A O   1 
ATOM   563  C CB  . ALA A 1 73  ? 15.589  5.252   -11.660 1.000 16.740 ? 71  ALA A CB  1 
ATOM   564  N N   . TRP A 1 74  ? 12.284  4.655   -11.344 1.000 16.870 ? 72  TRP A N   1 
ATOM   565  C CA  . TRP A 1 74  ? 11.301  3.546   -11.372 1.000 16.553 ? 72  TRP A CA  1 
ATOM   566  C C   . TRP A 1 74  ? 11.923  2.316   -12.052 1.000 18.188 ? 72  TRP A C   1 
ATOM   567  O O   . TRP A 1 74  ? 12.613  2.471   -13.088 1.000 17.455 ? 72  TRP A O   1 
ATOM   568  C CB  . TRP A 1 74  ? 10.023  4.006   -12.074 1.000 16.741 ? 72  TRP A CB  1 
ATOM   569  C CG  . TRP A 1 74  ? 9.283   5.085   -11.352 1.000 16.449 ? 72  TRP A CG  1 
ATOM   570  C CD1 . TRP A 1 74  ? 9.204   6.396   -11.712 1.000 18.221 ? 72  TRP A CD1 1 
ATOM   571  C CD2 . TRP A 1 74  ? 8.513   4.958   -10.142 1.000 16.887 ? 72  TRP A CD2 1 
ATOM   572  N NE1 . TRP A 1 74  ? 8.436   7.091   -10.812 1.000 18.325 ? 72  TRP A NE1 1 
ATOM   573  C CE2 . TRP A 1 74  ? 7.995   6.238   -9.842  1.000 18.749 ? 72  TRP A CE2 1 
ATOM   574  C CE3 . TRP A 1 74  ? 8.180   3.893   -9.304  1.000 17.750 ? 72  TRP A CE3 1 
ATOM   575  C CZ2 . TRP A 1 74  ? 7.168   6.482   -8.737  1.000 18.672 ? 72  TRP A CZ2 1 
ATOM   576  C CZ3 . TRP A 1 74  ? 7.363   4.130   -8.216  1.000 18.223 ? 72  TRP A CZ3 1 
ATOM   577  C CH2 . TRP A 1 74  ? 6.874   5.410   -7.929  1.000 18.146 ? 72  TRP A CH2 1 
ATOM   578  N N   . LYS A 1 75  ? 11.676  1.132   -11.504 1.000 17.022 ? 73  LYS A N   1 
ATOM   579  C CA  . LYS A 1 75  ? 12.181  -0.158  -12.036 1.000 18.389 ? 73  LYS A CA  1 
ATOM   580  C C   . LYS A 1 75  ? 11.072  -0.836  -12.856 1.000 18.087 ? 73  LYS A C   1 
ATOM   581  O O   . LYS A 1 75  ? 10.279  -0.131  -13.471 1.000 16.909 ? 73  LYS A O   1 
ATOM   582  C CB  . LYS A 1 75  ? 12.695  -0.958  -10.843 1.000 20.746 ? 73  LYS A CB  1 
ATOM   583  C CG  . LYS A 1 75  ? 13.943  -0.372  -10.205 1.000 23.570 ? 73  LYS A CG  1 
ATOM   584  C CD  . LYS A 1 75  ? 15.193  -0.758  -10.976 1.000 27.276 ? 73  LYS A CD  1 
ATOM   585  C CE  . LYS A 1 75  ? 16.192  0.365   -11.087 1.000 31.832 ? 73  LYS A CE  1 
ATOM   586  N NZ  . LYS A 1 75  ? 17.513  -0.166  -11.493 1.000 34.903 ? 73  LYS A NZ  1 
ATOM   587  N N   . GLN A 1 76  ? 11.007  -2.168  -12.856 1.000 19.693 ? 74  GLN A N   1 
ATOM   588  C CA  . GLN A 1 76  ? 10.138  -2.938  -13.777 1.000 22.348 ? 74  GLN A CA  1 
ATOM   589  C C   . GLN A 1 76  ? 8.724   -2.969  -13.182 1.000 19.735 ? 74  GLN A C   1 
ATOM   590  O O   . GLN A 1 76  ? 8.545   -3.497  -12.081 1.000 17.700 ? 74  GLN A O   1 
ATOM   591  C CB  . GLN A 1 76  ? 10.754  -4.312  -14.053 1.000 27.253 ? 74  GLN A CB  1 
ATOM   592  C CG  . GLN A 1 76  ? 10.735  -4.674  -15.526 1.000 34.025 ? 74  GLN A CG  1 
ATOM   593  C CD  . GLN A 1 76  ? 9.323   -4.919  -15.982 1.000 37.605 ? 74  GLN A CD  1 
ATOM   594  O OE1 . GLN A 1 76  ? 8.564   -5.622  -15.323 1.000 48.762 ? 74  GLN A OE1 1 
ATOM   595  N NE2 . GLN A 1 76  ? 8.956   -4.326  -17.105 1.000 42.393 ? 74  GLN A NE2 1 
ATOM   596  N N   . GLN A 1 77  ? 7.769   -2.341  -13.867 1.000 19.497 ? 75  GLN A N   1 
ATOM   597  C CA  . GLN A 1 77  ? 6.336   -2.332  -13.485 1.000 19.514 ? 75  GLN A CA  1 
ATOM   598  C C   . GLN A 1 77  ? 5.779   -3.762  -13.507 1.000 20.404 ? 75  GLN A C   1 
ATOM   599  O O   . GLN A 1 77  ? 6.061   -4.506  -14.468 1.000 19.233 ? 75  GLN A O   1 
ATOM   600  C CB  . GLN A 1 77  ? 5.547   -1.438  -14.437 1.000 21.686 ? 75  GLN A CB  1 
ATOM   601  C CG  . GLN A 1 77  ? 4.140   -1.168  -13.960 1.000 23.339 ? 75  GLN A CG  1 
ATOM   602  C CD  . GLN A 1 77  ? 3.559   0.018   -14.682 1.000 25.117 ? 75  GLN A CD  1 
ATOM   603  O OE1 . GLN A 1 77  ? 3.667   1.151   -14.224 1.000 24.515 ? 75  GLN A OE1 1 
ATOM   604  N NE2 . GLN A 1 77  ? 2.948   -0.243  -15.825 1.000 25.888 ? 75  GLN A NE2 1 
ATOM   605  N N   . VAL A 1 78  ? 4.997   -4.122  -12.494 1.000 18.048 ? 76  VAL A N   1 
ATOM   606  C CA  . VAL A 1 78  ? 4.105   -5.314  -12.502 1.000 18.441 ? 76  VAL A CA  1 
ATOM   607  C C   . VAL A 1 78  ? 2.679   -4.781  -12.561 1.000 18.478 ? 76  VAL A C   1 
ATOM   608  O O   . VAL A 1 78  ? 2.332   -3.984  -11.671 1.000 17.273 ? 76  VAL A O   1 
ATOM   609  C CB  . VAL A 1 78  ? 4.336   -6.191  -11.263 1.000 18.499 ? 76  VAL A CB  1 
ATOM   610  C CG1 . VAL A 1 78  ? 3.335   -7.332  -11.167 1.000 20.107 ? 76  VAL A CG1 1 
ATOM   611  C CG2 . VAL A 1 78  ? 5.754   -6.726  -11.234 1.000 19.393 ? 76  VAL A CG2 1 
ATOM   612  N N   . GLU A 1 79  ? 1.917   -5.176  -13.577 1.000 16.498 ? 77  GLU A N   1 
ATOM   613  C CA  . GLU A 1 79  ? 0.519   -4.714  -13.775 1.000 18.191 ? 77  GLU A CA  1 
ATOM   614  C C   . GLU A 1 79  ? -0.439  -5.890  -13.585 1.000 16.917 ? 77  GLU A C   1 
ATOM   615  O O   . GLU A 1 79  ? -0.230  -6.942  -14.226 1.000 18.334 ? 77  GLU A O   1 
ATOM   616  C CB  . GLU A 1 79  ? 0.343   -4.083  -15.156 1.000 20.904 ? 77  GLU A CB  1 
ATOM   617  C CG  . GLU A 1 79  ? -1.056  -3.553  -15.385 1.000 24.122 ? 77  GLU A CG  1 
ATOM   618  C CD  . GLU A 1 79  ? -1.255  -2.981  -16.775 1.000 27.372 ? 77  GLU A CD  1 
ATOM   619  O OE1 . GLU A 1 79  ? -1.259  -3.758  -17.733 1.000 35.120 ? 77  GLU A OE1 1 
ATOM   620  O OE2 . GLU A 1 79  ? -1.358  -1.763  -16.897 1.000 30.098 ? 77  GLU A OE2 1 
ATOM   621  N N   . SER A 1 80  ? -1.460  -5.708  -12.750 1.000 15.460 ? 78  SER A N   1 
ATOM   622  C CA  . SER A 1 80  ? -2.537  -6.699  -12.491 1.000 15.692 ? 78  SER A CA  1 
ATOM   623  C C   . SER A 1 80  ? -3.873  -6.110  -12.935 1.000 15.365 ? 78  SER A C   1 
ATOM   624  O O   . SER A 1 80  ? -4.119  -4.920  -12.667 1.000 14.745 ? 78  SER A O   1 
ATOM   625  C CB  . SER A 1 80  ? -2.586  -7.087  -11.045 1.000 14.658 ? 78  SER A CB  1 
ATOM   626  O OG  . SER A 1 80  ? -3.648  -7.996  -10.809 1.000 14.186 ? 78  SER A OG  1 
ATOM   627  N N   . LYS A 1 81  ? -4.727  -6.940  -13.519 1.000 16.300 ? 79  LYS A N   1 
ATOM   628  C CA  . LYS A 1 81  ? -6.153  -6.616  -13.788 1.000 17.729 ? 79  LYS A CA  1 
ATOM   629  C C   . LYS A 1 81  ? -7.041  -7.209  -12.686 1.000 16.796 ? 79  LYS A C   1 
ATOM   630  O O   . LYS A 1 81  ? -8.245  -7.003  -12.742 1.000 15.876 ? 79  LYS A O   1 
ATOM   631  C CB  . LYS A 1 81  ? -6.555  -7.181  -15.151 1.000 20.691 ? 79  LYS A CB  1 
ATOM   632  C CG  . LYS A 1 81  ? -5.779  -6.623  -16.335 1.000 24.402 ? 79  LYS A CG  1 
ATOM   633  C CD  . LYS A 1 81  ? -6.058  -5.166  -16.598 1.000 27.996 ? 79  LYS A CD  1 
ATOM   634  C CE  . LYS A 1 81  ? -5.809  -4.785  -18.047 1.000 31.060 ? 79  LYS A CE  1 
ATOM   635  N NZ  . LYS A 1 81  ? -5.220  -3.433  -18.144 1.000 33.756 ? 79  LYS A NZ  1 
ATOM   636  N N   . ASN A 1 82  ? -6.471  -7.879  -11.688 1.000 16.575 ? 80  ASN A N   1 
ATOM   637  C CA  . ASN A 1 82  ? -7.254  -8.395  -10.532 1.000 16.274 ? 80  ASN A CA  1 
ATOM   638  C C   . ASN A 1 82  ? -7.872  -7.214  -9.766  1.000 16.142 ? 80  ASN A C   1 
ATOM   639  O O   . ASN A 1 82  ? -7.146  -6.285  -9.419  1.000 15.666 ? 80  ASN A O   1 
ATOM   640  C CB  . ASN A 1 82  ? -6.404  -9.259  -9.599  1.000 16.522 ? 80  ASN A CB  1 
ATOM   641  C CG  . ASN A 1 82  ? -7.237  -10.033 -8.605  1.000 16.518 ? 80  ASN A CG  1 
ATOM   642  O OD1 . ASN A 1 82  ? -8.406  -10.323 -8.861  1.000 14.305 ? 80  ASN A OD1 1 
ATOM   643  N ND2 . ASN A 1 82  ? -6.657  -10.356 -7.458  1.000 14.683 ? 80  ASN A ND2 1 
ATOM   644  N N   . MET A 1 83  ? -9.186  -7.233  -9.563  1.000 16.617 ? 81  MET A N   1 
ATOM   645  C CA  . MET A 1 83  ? -9.923  -6.060  -9.022  1.000 17.216 ? 81  MET A CA  1 
ATOM   646  C C   . MET A 1 83  ? -10.950 -6.532  -8.008  1.000 17.359 ? 81  MET A C   1 
ATOM   647  O O   . MET A 1 83  ? -12.149 -6.541  -8.291  1.000 18.515 ? 81  MET A O   1 
ATOM   648  C CB  . MET A 1 83  ? -10.603 -5.283  -10.153 1.000 16.791 ? 81  MET A CB  1 
ATOM   649  C CG  . MET A 1 83  ? -11.193 -3.952  -9.727  1.000 16.695 ? 81  MET A CG  1 
ATOM   650  S SD  . MET A 1 83  ? -10.101 -2.904  -8.729  1.000 16.561 ? 81  MET A SD  1 
ATOM   651  C CE  . MET A 1 83  ? -8.619  -2.863  -9.732  1.000 16.230 ? 81  MET A CE  1 
ATOM   652  N N   . PRO A 1 84  ? -10.525 -6.922  -6.790  1.000 17.643 ? 82  PRO A N   1 
ATOM   653  C CA  . PRO A 1 84  ? -11.467 -7.365  -5.762  1.000 17.122 ? 82  PRO A CA  1 
ATOM   654  C C   . PRO A 1 84  ? -12.261 -6.221  -5.108  1.000 17.447 ? 82  PRO A C   1 
ATOM   655  O O   . PRO A 1 84  ? -13.263 -6.495  -4.494  1.000 18.775 ? 82  PRO A O   1 
ATOM   656  C CB  . PRO A 1 84  ? -10.558 -8.040  -4.723  1.000 17.081 ? 82  PRO A CB  1 
ATOM   657  C CG  . PRO A 1 84  ? -9.249  -7.330  -4.874  1.000 17.081 ? 82  PRO A CG  1 
ATOM   658  C CD  . PRO A 1 84  ? -9.123  -7.042  -6.356  1.000 17.132 ? 82  PRO A CD  1 
ATOM   659  N N   . PHE A 1 85  ? -11.792 -4.981  -5.234  1.000 16.617 ? 83  PHE A N   1 
ATOM   660  C CA  . PHE A 1 85  ? -12.440 -3.791  -4.630  1.000 15.886 ? 83  PHE A CA  1 
ATOM   661  C C   . PHE A 1 85  ? -13.817 -3.624  -5.273  1.000 16.723 ? 83  PHE A C   1 
ATOM   662  O O   . PHE A 1 85  ? -13.918 -3.785  -6.500  1.000 15.570 ? 83  PHE A O   1 
ATOM   663  C CB  . PHE A 1 85  ? -11.599 -2.537  -4.850  1.000 15.238 ? 83  PHE A CB  1 
ATOM   664  C CG  . PHE A 1 85  ? -10.226 -2.592  -4.246  1.000 14.606 ? 83  PHE A CG  1 
ATOM   665  C CD1 . PHE A 1 85  ? -10.022 -2.232  -2.931  1.000 14.482 ? 83  PHE A CD1 1 
ATOM   666  C CD2 . PHE A 1 85  ? -9.139  -2.991  -5.002  1.000 14.641 ? 83  PHE A CD2 1 
ATOM   667  C CE1 . PHE A 1 85  ? -8.744  -2.225  -2.392  1.000 14.270 ? 83  PHE A CE1 1 
ATOM   668  C CE2 . PHE A 1 85  ? -7.867  -3.049  -4.446  1.000 14.243 ? 83  PHE A CE2 1 
ATOM   669  C CZ  . PHE A 1 85  ? -7.677  -2.673  -3.138  1.000 14.026 ? 83  PHE A CZ  1 
ATOM   670  N N   . GLN A 1 86  ? -14.815 -3.281  -4.465  1.000 18.136 ? 84  GLN A N   1 
ATOM   671  C CA  . GLN A 1 86  ? -16.232 -3.166  -4.881  1.000 19.628 ? 84  GLN A CA  1 
ATOM   672  C C   . GLN A 1 86  ? -16.613 -1.682  -4.927  1.000 18.838 ? 84  GLN A C   1 
ATOM   673  O O   . GLN A 1 86  ? -16.255 -0.957  -3.982  1.000 18.166 ? 84  GLN A O   1 
ATOM   674  C CB  . GLN A 1 86  ? -17.092 -3.962  -3.898  1.000 23.703 ? 84  GLN A CB  1 
ATOM   675  C CG  . GLN A 1 86  ? -16.762 -5.447  -3.877  1.000 26.691 ? 84  GLN A CG  1 
ATOM   676  C CD  . GLN A 1 86  ? -17.054 -6.094  -5.206  1.000 29.573 ? 84  GLN A CD  1 
ATOM   677  O OE1 . GLN A 1 86  ? -18.161 -5.990  -5.730  1.000 37.135 ? 84  GLN A OE1 1 
ATOM   678  N NE2 . GLN A 1 86  ? -16.063 -6.768  -5.768  1.000 31.897 ? 84  GLN A NE2 1 
ATOM   679  N N   . ASP A 1 87  ? -17.316 -1.271  -5.991  1.000 17.917 ? 85  ASP A N   1 
ATOM   680  C CA  . ASP A 1 87  ? -17.764 0.124   -6.232  1.000 18.029 ? 85  ASP A CA  1 
ATOM   681  C C   . ASP A 1 87  ? -18.518 0.620   -4.992  1.000 17.806 ? 85  ASP A C   1 
ATOM   682  O O   . ASP A 1 87  ? -19.421 -0.102  -4.510  1.000 18.048 ? 85  ASP A O   1 
ATOM   683  C CB  . ASP A 1 87  ? -18.600 0.184   -7.514  1.000 18.238 ? 85  ASP A CB  1 
ATOM   684  C CG  . ASP A 1 87  ? -18.795 1.573   -8.086  1.000 18.583 ? 85  ASP A CG  1 
ATOM   685  O OD1 . ASP A 1 87  ? -18.264 2.555   -7.516  1.000 18.244 ? 85  ASP A OD1 1 
ATOM   686  O OD2 . ASP A 1 87  ? -19.454 1.659   -9.124  1.000 20.643 ? 85  ASP A OD2 1 
ATOM   687  N N   . GLY A 1 88  ? -18.142 1.784   -4.465  1.000 17.806 ? 86  GLY A N   1 
ATOM   688  C CA  . GLY A 1 88  ? -18.887 2.489   -3.406  1.000 19.248 ? 86  GLY A CA  1 
ATOM   689  C C   . GLY A 1 88  ? -18.692 1.888   -2.020  1.000 19.416 ? 86  GLY A C   1 
ATOM   690  O O   . GLY A 1 88  ? -19.352 2.350   -1.098  1.000 20.759 ? 86  GLY A O   1 
ATOM   691  N N   . GLN A 1 89  ? -17.799 0.914   -1.849  1.000 19.460 ? 87  GLN A N   1 
ATOM   692  C CA  . GLN A 1 89  ? -17.670 0.146   -0.592  1.000 19.274 ? 87  GLN A CA  1 
ATOM   693  C C   . GLN A 1 89  ? -16.418 0.580   0.167   1.000 19.210 ? 87  GLN A C   1 
ATOM   694  O O   . GLN A 1 89  ? -15.397 0.923   -0.454  1.000 17.550 ? 87  GLN A O   1 
ATOM   695  C CB  . GLN A 1 89  ? -17.632 -1.352  -0.870  1.000 21.903 ? 87  GLN A CB  1 
ATOM   696  C CG  . GLN A 1 89  ? -18.763 -1.782  -1.780  1.000 24.652 ? 87  GLN A CG  1 
ATOM   697  C CD  . GLN A 1 89  ? -19.961 -2.184  -0.976  1.000 29.515 ? 87  GLN A CD  1 
ATOM   698  O OE1 . GLN A 1 89  ? -20.536 -1.374  -0.241  1.000 33.398 ? 87  GLN A OE1 1 
ATOM   699  N NE2 . GLN A 1 89  ? -20.316 -3.453  -1.112  1.000 33.487 ? 87  GLN A NE2 1 
ATOM   700  N N   . GLU A 1 90  ? -16.504 0.519   1.489   1.000 18.740 ? 88  GLU A N   1 
ATOM   701  C CA  . GLU A 1 90  ? -15.326 0.490   2.389   1.000 18.824 ? 88  GLU A CA  1 
ATOM   702  C C   . GLU A 1 90  ? -14.474 -0.734  2.053   1.000 18.054 ? 88  GLU A C   1 
ATOM   703  O O   . GLU A 1 90  ? -15.050 -1.781  1.709   1.000 18.968 ? 88  GLU A O   1 
ATOM   704  C CB  . GLU A 1 90  ? -15.795 0.487   3.837   1.000 20.953 ? 88  GLU A CB  1 
ATOM   705  C CG  . GLU A 1 90  ? -14.665 0.491   4.840   1.000 22.597 ? 88  GLU A CG  1 
ATOM   706  C CD  . GLU A 1 90  ? -15.184 0.649   6.252   1.000 25.890 ? 88  GLU A CD  1 
ATOM   707  O OE1 . GLU A 1 90  ? -15.676 -0.349  6.791   1.000 29.468 ? 88  GLU A OE1 1 
ATOM   708  O OE2 . GLU A 1 90  ? -15.128 1.777   6.782   1.000 26.623 ? 88  GLU A OE2 1 
ATOM   709  N N   . PHE A 1 91  ? -13.151 -0.599  2.104   1.000 16.712 ? 89  PHE A N   1 
ATOM   710  C CA  . PHE A 1 91  ? -12.210 -1.744  1.961   1.000 16.707 ? 89  PHE A CA  1 
ATOM   711  C C   . PHE A 1 91  ? -11.360 -1.868  3.229   1.000 16.698 ? 89  PHE A C   1 
ATOM   712  O O   . PHE A 1 91  ? -11.110 -0.869  3.950   1.000 14.129 ? 89  PHE A O   1 
ATOM   713  C CB  . PHE A 1 91  ? -11.349 -1.614  0.702   1.000 16.818 ? 89  PHE A CB  1 
ATOM   714  C CG  . PHE A 1 91  ? -10.557 -0.342  0.644   1.000 17.176 ? 89  PHE A CG  1 
ATOM   715  C CD1 . PHE A 1 91  ? -9.371  -0.217  1.346   1.000 16.959 ? 89  PHE A CD1 1 
ATOM   716  C CD2 . PHE A 1 91  ? -11.015 0.746   -0.097  1.000 16.771 ? 89  PHE A CD2 1 
ATOM   717  C CE1 . PHE A 1 91  ? -8.662  0.970   1.324   1.000 17.453 ? 89  PHE A CE1 1 
ATOM   718  C CE2 . PHE A 1 91  ? -10.301 1.934   -0.113  1.000 17.864 ? 89  PHE A CE2 1 
ATOM   719  C CZ  . PHE A 1 91  ? -9.124  2.042   0.596   1.000 17.723 ? 89  PHE A CZ  1 
ATOM   720  N N   . GLU A 1 92  ? -10.916 -3.093  3.480   1.000 18.070 ? 90  GLU A N   1 
ATOM   721  C CA  . GLU A 1 92  ? -9.835  -3.381  4.443   1.000 18.829 ? 90  GLU A CA  1 
ATOM   722  C C   . GLU A 1 92  ? -8.676  -3.992  3.666   1.000 17.406 ? 90  GLU A C   1 
ATOM   723  O O   . GLU A 1 92  ? -8.870  -5.026  3.029   1.000 16.498 ? 90  GLU A O   1 
ATOM   724  C CB  . GLU A 1 92  ? -10.305 -4.316  5.541   1.000 21.179 ? 90  GLU A CB  1 
ATOM   725  C CG  . GLU A 1 92  ? -9.220  -4.562  6.571   1.000 25.101 ? 90  GLU A CG  1 
ATOM   726  C CD  . GLU A 1 92  ? -9.687  -5.267  7.828   1.000 28.402 ? 90  GLU A CD  1 
ATOM   727  O OE1 . GLU A 1 92  ? -10.906 -5.569  7.937   1.000 32.733 ? 90  GLU A OE1 1 
ATOM   728  O OE2 . GLU A 1 92  ? -8.841  -5.470  8.703   1.000 32.529 ? 90  GLU A OE2 1 
ATOM   729  N N   . LEU A 1 93  ? -7.537  -3.329  3.699   1.000 16.358 ? 91  LEU A N   1 
ATOM   730  C CA  . LEU A 1 93  ? -6.308  -3.756  3.000   1.000 19.445 ? 91  LEU A CA  1 
ATOM   731  C C   . LEU A 1 93  ? -5.366  -4.244  4.094   1.000 19.403 ? 91  LEU A C   1 
ATOM   732  O O   . LEU A 1 93  ? -5.199  -3.524  5.103   1.000 19.910 ? 91  LEU A O   1 
ATOM   733  C CB  . LEU A 1 93  ? -5.776  -2.540  2.233   1.000 23.266 ? 91  LEU A CB  1 
ATOM   734  C CG  . LEU A 1 93  ? -4.739  -2.807  1.150   1.000 25.741 ? 91  LEU A CG  1 
ATOM   735  C CD1 . LEU A 1 93  ? -5.367  -3.532  -0.027  1.000 28.133 ? 91  LEU A CD1 1 
ATOM   736  C CD2 . LEU A 1 93  ? -4.122  -1.503  0.682   1.000 27.958 ? 91  LEU A CD2 1 
ATOM   737  N N   . SER A 1 94  ? -4.790  -5.429  3.964   1.000 19.674 ? 92  SER A N   1 
ATOM   738  C CA  . SER A 1 94  ? -3.651  -5.788  4.841   1.000 21.141 ? 92  SER A CA  1 
ATOM   739  C C   . SER A 1 94  ? -2.474  -6.269  3.998   1.000 21.336 ? 92  SER A C   1 
ATOM   740  O O   . SER A 1 94  ? -2.672  -7.059  3.052   1.000 22.744 ? 92  SER A O   1 
ATOM   741  C CB  . SER A 1 94  ? -4.043  -6.707  5.959   1.000 22.712 ? 92  SER A CB  1 
ATOM   742  O OG  . SER A 1 94  ? -4.127  -8.041  5.538   1.000 26.336 ? 92  SER A OG  1 
ATOM   743  N N   . ILE A 1 95  ? -1.303  -5.712  4.291   1.000 17.296 ? 93  ILE A N   1 
ATOM   744  C CA  . ILE A 1 95  ? -0.037  -6.021  3.588   1.000 16.243 ? 93  ILE A CA  1 
ATOM   745  C C   . ILE A 1 95  ? 0.866   -6.730  4.596   1.000 16.260 ? 93  ILE A C   1 
ATOM   746  O O   . ILE A 1 95  ? 1.310   -6.058  5.565   1.000 14.597 ? 93  ILE A O   1 
ATOM   747  C CB  . ILE A 1 95  ? 0.581   -4.747  2.998   1.000 16.253 ? 93  ILE A CB  1 
ATOM   748  C CG1 . ILE A 1 95  ? -0.425  -4.011  2.106   1.000 16.752 ? 93  ILE A CG1 1 
ATOM   749  C CG2 . ILE A 1 95  ? 1.852   -5.092  2.244   1.000 16.402 ? 93  ILE A CG2 1 
ATOM   750  C CD1 . ILE A 1 95  ? -0.041  -2.589  1.797   1.000 17.259 ? 93  ILE A CD1 1 
ATOM   751  N N   . SER A 1 96  ? 1.076   -8.030  4.395   1.000 16.558 ? 94  SER A N   1 
ATOM   752  C CA  . SER A 1 96  ? 1.942   -8.908  5.227   1.000 17.103 ? 94  SER A CA  1 
ATOM   753  C C   . SER A 1 96  ? 3.355   -8.893  4.649   1.000 15.953 ? 94  SER A C   1 
ATOM   754  O O   . SER A 1 96  ? 3.492   -9.056  3.433   1.000 14.548 ? 94  SER A O   1 
ATOM   755  C CB  . SER A 1 96  ? 1.427   -10.333 5.265   1.000 19.211 ? 94  SER A CB  1 
ATOM   756  O OG  . SER A 1 96  ? 0.254   -10.431 6.047   1.000 23.706 ? 94  SER A OG  1 
ATOM   757  N N   . VAL A 1 97  ? 4.372   -8.767  5.503   1.000 14.655 ? 95  VAL A N   1 
ATOM   758  C CA  . VAL A 1 97  ? 5.795   -8.939  5.113   1.000 15.339 ? 95  VAL A CA  1 
ATOM   759  C C   . VAL A 1 97  ? 6.140   -10.423 5.321   1.000 16.165 ? 95  VAL A C   1 
ATOM   760  O O   . VAL A 1 97  ? 6.384   -10.831 6.467   1.000 16.712 ? 95  VAL A O   1 
ATOM   761  C CB  . VAL A 1 97  ? 6.709   -7.985  5.902   1.000 15.563 ? 95  VAL A CB  1 
ATOM   762  C CG1 . VAL A 1 97  ? 8.124   -7.984  5.350   1.000 16.359 ? 95  VAL A CG1 1 
ATOM   763  C CG2 . VAL A 1 97  ? 6.151   -6.563  5.915   1.000 15.780 ? 95  VAL A CG2 1 
ATOM   764  N N   . LEU A 1 98  ? 6.109   -11.199 4.241   1.000 16.223 ? 96  LEU A N   1 
ATOM   765  C CA  . LEU A 1 98  ? 6.535   -12.628 4.219   1.000 16.303 ? 96  LEU A CA  1 
ATOM   766  C C   . LEU A 1 98  ? 8.035   -12.671 3.958   1.000 17.585 ? 96  LEU A C   1 
ATOM   767  O O   . LEU A 1 98  ? 8.608   -11.645 3.598   1.000 17.661 ? 96  LEU A O   1 
ATOM   768  C CB  . LEU A 1 98  ? 5.745   -13.365 3.132   1.000 17.493 ? 96  LEU A CB  1 
ATOM   769  C CG  . LEU A 1 98  ? 4.221   -13.234 3.220   1.000 17.547 ? 96  LEU A CG  1 
ATOM   770  C CD1 . LEU A 1 98  ? 3.552   -14.176 2.233   1.000 18.729 ? 96  LEU A CD1 1 
ATOM   771  C CD2 . LEU A 1 98  ? 3.730   -13.498 4.634   1.000 18.823 ? 96  LEU A CD2 1 
ATOM   772  N N   . PRO A 1 99  ? 8.714   -13.836 4.150   1.000 18.026 ? 97  PRO A N   1 
ATOM   773  C CA  . PRO A 1 99  ? 10.138  -13.965 3.849   1.000 18.803 ? 97  PRO A CA  1 
ATOM   774  C C   . PRO A 1 99  ? 10.583  -13.444 2.469   1.000 17.608 ? 97  PRO A C   1 
ATOM   775  O O   . PRO A 1 99  ? 11.608  -12.779 2.402   1.000 17.028 ? 97  PRO A O   1 
ATOM   776  C CB  . PRO A 1 99  ? 10.369  -15.484 3.989   1.000 18.845 ? 97  PRO A CB  1 
ATOM   777  C CG  . PRO A 1 99  ? 9.419   -15.872 5.092   1.000 19.546 ? 97  PRO A CG  1 
ATOM   778  C CD  . PRO A 1 99  ? 8.170   -15.064 4.778   1.000 18.526 ? 97  PRO A CD  1 
ATOM   779  N N   . ASP A 1 100 ? 9.808   -13.723 1.415   1.000 17.328 ? 98  ASP A N   1 
ATOM   780  C CA  . ASP A 1 100 ? 10.241  -13.511 0.006   1.000 16.960 ? 98  ASP A CA  1 
ATOM   781  C C   . ASP A 1 100 ? 9.418   -12.410 -0.673  1.000 15.760 ? 98  ASP A C   1 
ATOM   782  O O   . ASP A 1 100 ? 9.795   -12.030 -1.797  1.000 14.484 ? 98  ASP A O   1 
ATOM   783  C CB  . ASP A 1 100 ? 10.188  -14.808 -0.812  1.000 19.137 ? 98  ASP A CB  1 
ATOM   784  C CG  . ASP A 1 100 ? 11.388  -15.724 -0.617  1.000 23.637 ? 98  ASP A CG  1 
ATOM   785  O OD1 . ASP A 1 100 ? 12.254  -15.397 0.240   1.000 25.603 ? 98  ASP A OD1 1 
ATOM   786  O OD2 . ASP A 1 100 ? 11.465  -16.765 -1.344  1.000 25.842 ? 98  ASP A OD2 1 
ATOM   787  N N   . LYS A 1 101 ? 8.348   -11.913 -0.048  1.000 14.052 ? 99  LYS A N   1 
ATOM   788  C CA  . LYS A 1 101 ? 7.420   -10.988 -0.737  1.000 14.055 ? 99  LYS A CA  1 
ATOM   789  C C   . LYS A 1 101 ? 6.559   -10.227 0.265   1.000 13.046 ? 99  LYS A C   1 
ATOM   790  O O   . LYS A 1 101 ? 6.376   -10.699 1.417   1.000 11.387 ? 99  LYS A O   1 
ATOM   791  C CB  . LYS A 1 101 ? 6.538   -11.796 -1.696  1.000 15.139 ? 99  LYS A CB  1 
ATOM   792  C CG  . LYS A 1 101 ? 5.476   -12.634 -1.000  1.000 16.056 ? 99  LYS A CG  1 
ATOM   793  C CD  . LYS A 1 101 ? 4.959   -13.778 -1.822  1.000 17.243 ? 99  LYS A CD  1 
ATOM   794  C CE  . LYS A 1 101 ? 5.858   -14.983 -1.718  1.000 19.159 ? 99  LYS A CE  1 
ATOM   795  N NZ  . LYS A 1 101 ? 5.266   -16.146 -2.403  1.000 20.012 ? 99  LYS A NZ  1 
ATOM   796  N N   . TYR A 1 102 ? 5.959   -9.135  -0.214  1.000 12.689 ? 100 TYR A N   1 
ATOM   797  C CA  . TYR A 1 102 ? 4.696   -8.564  0.316   1.000 12.361 ? 100 TYR A CA  1 
ATOM   798  C C   . TYR A 1 102 ? 3.492   -9.349  -0.206  1.000 12.209 ? 100 TYR A C   1 
ATOM   799  O O   . TYR A 1 102 ? 3.419   -9.597  -1.410  1.000 12.094 ? 100 TYR A O   1 
ATOM   800  C CB  . TYR A 1 102 ? 4.572   -7.086  -0.058  1.000 12.123 ? 100 TYR A CB  1 
ATOM   801  C CG  . TYR A 1 102 ? 5.706   -6.263  0.489   1.000 12.026 ? 100 TYR A CG  1 
ATOM   802  C CD1 . TYR A 1 102 ? 5.832   -6.012  1.850   1.000 12.679 ? 100 TYR A CD1 1 
ATOM   803  C CD2 . TYR A 1 102 ? 6.701   -5.801  -0.349  1.000 11.978 ? 100 TYR A CD2 1 
ATOM   804  C CE1 . TYR A 1 102 ? 6.887   -5.265  2.353   1.000 12.134 ? 100 TYR A CE1 1 
ATOM   805  C CE2 . TYR A 1 102 ? 7.783   -5.087  0.140   1.000 12.230 ? 100 TYR A CE2 1 
ATOM   806  C CZ  . TYR A 1 102 ? 7.865   -4.800  1.491   1.000 12.867 ? 100 TYR A CZ  1 
ATOM   807  O OH  . TYR A 1 102 ? 8.926   -4.062  1.926   1.000 12.977 ? 100 TYR A OH  1 
ATOM   808  N N   . GLN A 1 103 ? 2.534   -9.637  0.679   1.000 12.521 ? 101 GLN A N   1 
ATOM   809  C CA  . GLN A 1 103 ? 1.222   -10.194 0.281   1.000 12.543 ? 101 GLN A CA  1 
ATOM   810  C C   . GLN A 1 103 ? 0.124   -9.194  0.639   1.000 12.339 ? 101 GLN A C   1 
ATOM   811  O O   . GLN A 1 103 ? 0.033   -8.776  1.809   1.000 11.775 ? 101 GLN A O   1 
ATOM   812  C CB  . GLN A 1 103 ? 0.975   -11.539 0.949   1.000 12.240 ? 101 GLN A CB  1 
ATOM   813  C CG  . GLN A 1 103 ? -0.438  -12.064 0.724   1.000 12.922 ? 101 GLN A CG  1 
ATOM   814  C CD  . GLN A 1 103 ? -0.563  -13.480 1.236   1.000 12.990 ? 101 GLN A CD  1 
ATOM   815  O OE1 . GLN A 1 103 ? -0.129  -13.774 2.348   1.000 13.924 ? 101 GLN A OE1 1 
ATOM   816  N NE2 . GLN A 1 103 ? -1.105  -14.362 0.406   1.000 13.156 ? 101 GLN A NE2 1 
ATOM   817  N N   . VAL A 1 104 ? -0.713  -8.878  -0.339  1.000 13.259 ? 102 VAL A N   1 
ATOM   818  C CA  . VAL A 1 104 ? -1.792  -7.876  -0.195  1.000 12.937 ? 102 VAL A CA  1 
ATOM   819  C C   . VAL A 1 104 ? -3.093  -8.660  -0.106  1.000 13.440 ? 102 VAL A C   1 
ATOM   820  O O   . VAL A 1 104 ? -3.468  -9.301  -1.093  1.000 14.599 ? 102 VAL A O   1 
ATOM   821  C CB  . VAL A 1 104 ? -1.801  -6.851  -1.343  1.000 13.416 ? 102 VAL A CB  1 
ATOM   822  C CG1 . VAL A 1 104 ? -2.875  -5.802  -1.103  1.000 13.908 ? 102 VAL A CG1 1 
ATOM   823  C CG2 . VAL A 1 104 ? -0.444  -6.186  -1.544  1.000 14.360 ? 102 VAL A CG2 1 
ATOM   824  N N   . MET A 1 105 ? -3.760  -8.564  1.035   1.000 13.628 ? 103 MET A N   1 
ATOM   825  C CA  . MET A 1 105 ? -5.135  -9.065  1.234   1.000 14.439 ? 103 MET A CA  1 
ATOM   826  C C   . MET A 1 105 ? -6.102  -7.889  1.078   1.000 13.819 ? 103 MET A C   1 
ATOM   827  O O   . MET A 1 105 ? -5.847  -6.823  1.677   1.000 13.193 ? 103 MET A O   1 
ATOM   828  C CB  . MET A 1 105 ? -5.297  -9.675  2.630   1.000 14.751 ? 103 MET A CB  1 
ATOM   829  C CG  . MET A 1 105 ? -4.115  -10.514 3.090   1.000 15.731 ? 103 MET A CG  1 
ATOM   830  S SD  . MET A 1 105 ? -4.001  -12.097 2.228   1.000 16.807 ? 103 MET A SD  1 
ATOM   831  C CE  . MET A 1 105 ? -5.374  -12.966 2.987   1.000 16.362 ? 103 MET A CE  1 
ATOM   832  N N   . VAL A 1 106 ? -7.175  -8.093  0.319   1.000 13.099 ? 104 VAL A N   1 
ATOM   833  C CA  . VAL A 1 106 ? -8.287  -7.118  0.167   1.000 13.386 ? 104 VAL A CA  1 
ATOM   834  C C   . VAL A 1 106 ? -9.544  -7.769  0.728   1.000 14.057 ? 104 VAL A C   1 
ATOM   835  O O   . VAL A 1 106 ? -9.948  -8.832  0.206   1.000 14.031 ? 104 VAL A O   1 
ATOM   836  C CB  . VAL A 1 106 ? -8.464  -6.713  -1.304  1.000 13.221 ? 104 VAL A CB  1 
ATOM   837  C CG1 . VAL A 1 106 ? -9.618  -5.736  -1.481  1.000 13.461 ? 104 VAL A CG1 1 
ATOM   838  C CG2 . VAL A 1 106 ? -7.176  -6.151  -1.889  1.000 13.539 ? 104 VAL A CG2 1 
ATOM   839  N N   . ASN A 1 107 ? -10.094 -7.193  1.795   1.000 14.926 ? 105 ASN A N   1 
ATOM   840  C CA  . ASN A 1 107 ? -11.316 -7.701  2.467   1.000 15.099 ? 105 ASN A CA  1 
ATOM   841  C C   . ASN A 1 107 ? -11.149 -9.190  2.774   1.000 15.904 ? 105 ASN A C   1 
ATOM   842  O O   . ASN A 1 107 ? -12.111 -9.944  2.532   1.000 16.575 ? 105 ASN A O   1 
ATOM   843  C CB  . ASN A 1 107 ? -12.550 -7.445  1.601   1.000 15.753 ? 105 ASN A CB  1 
ATOM   844  C CG  . ASN A 1 107 ? -12.753 -5.977  1.308   1.000 15.819 ? 105 ASN A CG  1 
ATOM   845  O OD1 . ASN A 1 107 ? -12.482 -5.133  2.163   1.000 17.556 ? 105 ASN A OD1 1 
ATOM   846  N ND2 . ASN A 1 107 ? -13.229 -5.669  0.111   1.000 16.055 ? 105 ASN A ND2 1 
ATOM   847  N N   . GLY A 1 108 ? -9.982  -9.582  3.290   1.000 15.771 ? 106 GLY A N   1 
ATOM   848  C CA  . GLY A 1 108 ? -9.709  -10.963 3.732   1.000 17.289 ? 106 GLY A CA  1 
ATOM   849  C C   . GLY A 1 108 ? -9.234  -11.901 2.624   1.000 17.835 ? 106 GLY A C   1 
ATOM   850  O O   . GLY A 1 108 ? -8.918  -13.051 2.974   1.000 18.192 ? 106 GLY A O   1 
ATOM   851  N N   . GLN A 1 109 ? -9.139  -11.446 1.369   1.000 16.731 ? 107 GLN A N   1 
ATOM   852  C CA  . GLN A 1 109 ? -8.821  -12.285 0.179   1.000 18.096 ? 107 GLN A CA  1 
ATOM   853  C C   . GLN A 1 109 ? -7.406  -11.947 -0.328  1.000 16.177 ? 107 GLN A C   1 
ATOM   854  O O   . GLN A 1 109 ? -7.152  -10.791 -0.690  1.000 14.238 ? 107 GLN A O   1 
ATOM   855  C CB  . GLN A 1 109 ? -9.869  -12.065 -0.918  1.000 21.490 ? 107 GLN A CB  1 
ATOM   856  C CG  . GLN A 1 109 ? -9.582  -12.871 -2.175  1.000 24.909 ? 107 GLN A CG  1 
ATOM   857  C CD  . GLN A 1 109 ? -10.567 -12.705 -3.306  1.000 28.138 ? 107 GLN A CD  1 
ATOM   858  O OE1 . GLN A 1 109 ? -10.579 -13.503 -4.244  1.000 33.342 ? 107 GLN A OE1 1 
ATOM   859  N NE2 . GLN A 1 109 ? -11.403 -11.687 -3.235  1.000 26.706 ? 107 GLN A NE2 1 
ATOM   860  N N   . SER A 1 110 ? -6.522  -12.938 -0.417  1.000 14.540 ? 108 SER A N   1 
ATOM   861  C CA  . SER A 1 110 ? -5.195  -12.757 -1.051  1.000 13.873 ? 108 SER A CA  1 
ATOM   862  C C   . SER A 1 110 ? -5.394  -12.295 -2.496  1.000 13.854 ? 108 SER A C   1 
ATOM   863  O O   . SER A 1 110 ? -6.153  -12.957 -3.253  1.000 13.383 ? 108 SER A O   1 
ATOM   864  C CB  . SER A 1 110 ? -4.353  -13.990 -0.990  1.000 14.137 ? 108 SER A CB  1 
ATOM   865  O OG  . SER A 1 110 ? -3.155  -13.757 -1.700  1.000 13.643 ? 108 SER A OG  1 
ATOM   866  N N   . SER A 1 111 ? -4.792  -11.160 -2.856  1.000 12.635 ? 109 SER A N   1 
ATOM   867  C CA  . SER A 1 111 ? -5.127  -10.438 -4.110  1.000 12.657 ? 109 SER A CA  1 
ATOM   868  C C   . SER A 1 111 ? -3.882  -10.075 -4.935  1.000 11.585 ? 109 SER A C   1 
ATOM   869  O O   . SER A 1 111 ? -4.012  -9.992  -6.164  1.000 11.015 ? 109 SER A O   1 
ATOM   870  C CB  . SER A 1 111 ? -5.960  -9.238  -3.794  1.000 12.441 ? 109 SER A CB  1 
ATOM   871  O OG  . SER A 1 111 ? -7.216  -9.633  -3.256  1.000 13.293 ? 109 SER A OG  1 
ATOM   872  N N   . TYR A 1 112 ? -2.755  -9.765  -4.295  1.000 11.650 ? 110 TYR A N   1 
ATOM   873  C CA  . TYR A 1 112 ? -1.501  -9.363  -4.986  1.000 11.724 ? 110 TYR A CA  1 
ATOM   874  C C   . TYR A 1 112 ? -0.320  -9.847  -4.157  1.000 11.670 ? 110 TYR A C   1 
ATOM   875  O O   . TYR A 1 112 ? -0.386  -9.826  -2.916  1.000 10.637 ? 110 TYR A O   1 
ATOM   876  C CB  . TYR A 1 112 ? -1.429  -7.848  -5.190  1.000 11.646 ? 110 TYR A CB  1 
ATOM   877  C CG  . TYR A 1 112 ? -2.707  -7.238  -5.708  1.000 11.926 ? 110 TYR A CG  1 
ATOM   878  C CD1 . TYR A 1 112 ? -3.640  -6.714  -4.827  1.000 12.099 ? 110 TYR A CD1 1 
ATOM   879  C CD2 . TYR A 1 112 ? -3.005  -7.201  -7.060  1.000 11.779 ? 110 TYR A CD2 1 
ATOM   880  C CE1 . TYR A 1 112 ? -4.829  -6.163  -5.275  1.000 12.832 ? 110 TYR A CE1 1 
ATOM   881  C CE2 . TYR A 1 112 ? -4.206  -6.685  -7.525  1.000 11.823 ? 110 TYR A CE2 1 
ATOM   882  C CZ  . TYR A 1 112 ? -5.122  -6.158  -6.626  1.000 12.405 ? 110 TYR A CZ  1 
ATOM   883  O OH  . TYR A 1 112 ? -6.302  -5.601  -7.036  1.000 13.159 ? 110 TYR A OH  1 
ATOM   884  N N   . THR A 1 113 ? 0.761   -10.210 -4.820  1.000 12.200 ? 111 THR A N   1 
ATOM   885  C CA  . THR A 1 113 ? 2.060   -10.366 -4.125  1.000 13.240 ? 111 THR A CA  1 
ATOM   886  C C   . THR A 1 113 ? 3.170   -9.732  -4.964  1.000 13.088 ? 111 THR A C   1 
ATOM   887  O O   . THR A 1 113 ? 3.005   -9.559  -6.179  1.000 13.707 ? 111 THR A O   1 
ATOM   888  C CB  . THR A 1 113 ? 2.391   -11.816 -3.732  1.000 13.263 ? 111 THR A CB  1 
ATOM   889  O OG1 . THR A 1 113 ? 2.786   -12.544 -4.896  1.000 13.824 ? 111 THR A OG1 1 
ATOM   890  C CG2 . THR A 1 113 ? 1.275   -12.543 -3.012  1.000 14.070 ? 111 THR A CG2 1 
ATOM   891  N N   . PHE A 1 114 ? 4.239   -9.336  -4.290  1.000 12.811 ? 112 PHE A N   1 
ATOM   892  C CA  . PHE A 1 114 ? 5.361   -8.572  -4.884  1.000 13.159 ? 112 PHE A CA  1 
ATOM   893  C C   . PHE A 1 114 ? 6.635   -8.995  -4.160  1.000 12.806 ? 112 PHE A C   1 
ATOM   894  O O   . PHE A 1 114 ? 6.755   -8.747  -2.955  1.000 12.537 ? 112 PHE A O   1 
ATOM   895  C CB  . PHE A 1 114 ? 5.094   -7.069  -4.799  1.000 12.426 ? 112 PHE A CB  1 
ATOM   896  C CG  . PHE A 1 114 ? 6.131   -6.175  -5.435  1.000 12.508 ? 112 PHE A CG  1 
ATOM   897  C CD1 . PHE A 1 114 ? 5.999   -5.762  -6.755  1.000 12.980 ? 112 PHE A CD1 1 
ATOM   898  C CD2 . PHE A 1 114 ? 7.201   -5.692  -4.700  1.000 12.326 ? 112 PHE A CD2 1 
ATOM   899  C CE1 . PHE A 1 114 ? 6.941   -4.920  -7.326  1.000 13.161 ? 112 PHE A CE1 1 
ATOM   900  C CE2 . PHE A 1 114 ? 8.120   -4.820  -5.263  1.000 13.351 ? 112 PHE A CE2 1 
ATOM   901  C CZ  . PHE A 1 114 ? 7.984   -4.426  -6.575  1.000 13.609 ? 112 PHE A CZ  1 
ATOM   902  N N   . ASP A 1 115 ? 7.551   -9.627  -4.890  1.000 13.768 ? 113 ASP A N   1 
ATOM   903  C CA  . ASP A 1 115 ? 8.806   -10.153 -4.308  1.000 14.583 ? 113 ASP A CA  1 
ATOM   904  C C   . ASP A 1 115 ? 9.682   -8.983  -3.849  1.000 14.079 ? 113 ASP A C   1 
ATOM   905  O O   . ASP A 1 115 ? 9.718   -7.924  -4.530  1.000 12.801 ? 113 ASP A O   1 
ATOM   906  C CB  . ASP A 1 115 ? 9.555   -11.067 -5.274  1.000 16.254 ? 113 ASP A CB  1 
ATOM   907  C CG  . ASP A 1 115 ? 8.926   -12.438 -5.466  1.000 18.728 ? 113 ASP A CG  1 
ATOM   908  O OD1 . ASP A 1 115 ? 7.844   -12.686 -4.913  1.000 18.680 ? 113 ASP A OD1 1 
ATOM   909  O OD2 . ASP A 1 115 ? 9.547   -13.244 -6.172  1.000 21.041 ? 113 ASP A OD2 1 
ATOM   910  N N   . HIS A 1 116 ? 10.364  -9.159  -2.714  1.000 13.987 ? 114 HIS A N   1 
ATOM   911  C CA  . HIS A 1 116 ? 11.291  -8.139  -2.160  1.000 13.476 ? 114 HIS A CA  1 
ATOM   912  C C   . HIS A 1 116 ? 12.394  -7.854  -3.177  1.000 14.679 ? 114 HIS A C   1 
ATOM   913  O O   . HIS A 1 116 ? 13.072  -8.806  -3.601  1.000 14.711 ? 114 HIS A O   1 
ATOM   914  C CB  . HIS A 1 116 ? 11.874  -8.568  -0.813  1.000 13.996 ? 114 HIS A CB  1 
ATOM   915  C CG  . HIS A 1 116 ? 10.846  -8.719  0.249   1.000 13.486 ? 114 HIS A CG  1 
ATOM   916  N ND1 . HIS A 1 116 ? 9.964   -7.704  0.569   1.000 12.687 ? 114 HIS A ND1 1 
ATOM   917  C CD2 . HIS A 1 116 ? 10.554  -9.757  1.055   1.000 13.415 ? 114 HIS A CD2 1 
ATOM   918  C CE1 . HIS A 1 116 ? 9.169   -8.119  1.532   1.000 13.083 ? 114 HIS A CE1 1 
ATOM   919  N NE2 . HIS A 1 116 ? 9.491   -9.385  1.831   1.000 13.439 ? 114 HIS A NE2 1 
ATOM   920  N N   . ARG A 1 117 ? 12.540  -6.593  -3.578  1.000 14.454 ? 115 ARG A N   1 
ATOM   921  C CA  . ARG A 1 117 ? 13.677  -6.117  -4.408  1.000 15.089 ? 115 ARG A CA  1 
ATOM   922  C C   . ARG A 1 117 ? 14.755  -5.493  -3.519  1.000 16.347 ? 115 ARG A C   1 
ATOM   923  O O   . ARG A 1 117 ? 15.928  -5.432  -3.949  1.000 16.305 ? 115 ARG A O   1 
ATOM   924  C CB  . ARG A 1 117 ? 13.152  -5.117  -5.431  1.000 14.700 ? 115 ARG A CB  1 
ATOM   925  C CG  . ARG A 1 117 ? 12.205  -5.740  -6.442  1.000 15.448 ? 115 ARG A CG  1 
ATOM   926  C CD  . ARG A 1 117 ? 11.646  -4.672  -7.356  1.000 15.105 ? 115 ARG A CD  1 
ATOM   927  N NE  . ARG A 1 117 ? 10.717  -5.242  -8.312  1.000 15.155 ? 115 ARG A NE  1 
ATOM   928  C CZ  . ARG A 1 117 ? 10.092  -4.554  -9.263  1.000 15.535 ? 115 ARG A CZ  1 
ATOM   929  N NH1 . ARG A 1 117 ? 10.262  -3.248  -9.359  1.000 14.492 ? 115 ARG A NH1 1 
ATOM   930  N NH2 . ARG A 1 117 ? 9.252   -5.165  -10.083 1.000 15.317 ? 115 ARG A NH2 1 
ATOM   931  N N   . ILE A 1 118 ? 14.334  -4.948  -2.382  1.000 16.753 ? 116 ILE A N   1 
ATOM   932  C CA  . ILE A 1 118 ? 15.175  -4.316  -1.327  1.000 16.376 ? 116 ILE A CA  1 
ATOM   933  C C   . ILE A 1 118 ? 14.714  -4.958  -0.010  1.000 16.647 ? 116 ILE A C   1 
ATOM   934  O O   . ILE A 1 118 ? 13.513  -5.254  0.120   1.000 15.837 ? 116 ILE A O   1 
ATOM   935  C CB  . ILE A 1 118 ? 14.990  -2.784  -1.340  1.000 16.271 ? 116 ILE A CB  1 
ATOM   936  C CG1 . ILE A 1 118 ? 15.488  -2.148  -2.643  1.000 17.360 ? 116 ILE A CG1 1 
ATOM   937  C CG2 . ILE A 1 118 ? 15.609  -2.123  -0.109  1.000 16.348 ? 116 ILE A CG2 1 
ATOM   938  C CD1 . ILE A 1 118 ? 15.060  -0.712  -2.834  1.000 17.802 ? 116 ILE A CD1 1 
ATOM   939  N N   . LYS A 1 119 ? 15.608  -5.142  0.952   1.000 16.525 ? 117 LYS A N   1 
ATOM   940  C CA  . LYS A 1 119 ? 15.224  -5.747  2.253   1.000 17.721 ? 117 LYS A CA  1 
ATOM   941  C C   . LYS A 1 119 ? 14.160  -4.863  2.902   1.000 16.087 ? 117 LYS A C   1 
ATOM   942  O O   . LYS A 1 119 ? 14.247  -3.635  2.850   1.000 15.144 ? 117 LYS A O   1 
ATOM   943  C CB  . LYS A 1 119 ? 16.446  -5.924  3.157   1.000 19.572 ? 117 LYS A CB  1 
ATOM   944  C CG  . LYS A 1 119 ? 17.112  -4.640  3.616   1.000 22.135 ? 117 LYS A CG  1 
ATOM   945  C CD  . LYS A 1 119 ? 18.422  -4.892  4.307   1.000 24.790 ? 117 LYS A CD  1 
ATOM   946  C CE  . LYS A 1 119 ? 19.128  -3.615  4.692   1.000 27.507 ? 117 LYS A CE  1 
ATOM   947  N NZ  . LYS A 1 119 ? 20.222  -3.905  5.642   1.000 30.338 ? 117 LYS A NZ  1 
ATOM   948  N N   . PRO A 1 120 ? 13.106  -5.443  3.517   1.000 16.234 ? 118 PRO A N   1 
ATOM   949  C CA  . PRO A 1 120 ? 12.081  -4.631  4.176   1.000 15.753 ? 118 PRO A CA  1 
ATOM   950  C C   . PRO A 1 120 ? 12.633  -3.734  5.301   1.000 14.860 ? 118 PRO A C   1 
ATOM   951  O O   . PRO A 1 120 ? 12.044  -2.708  5.584   1.000 13.372 ? 118 PRO A O   1 
ATOM   952  C CB  . PRO A 1 120 ? 11.055  -5.649  4.704   1.000 16.148 ? 118 PRO A CB  1 
ATOM   953  C CG  . PRO A 1 120 ? 11.752  -6.991  4.655   1.000 17.096 ? 118 PRO A CG  1 
ATOM   954  C CD  . PRO A 1 120 ? 12.811  -6.884  3.577   1.000 16.695 ? 118 PRO A CD  1 
ATOM   955  N N   . GLU A 1 121 ? 13.785  -4.095  5.877   1.000 15.441 ? 119 GLU A N   1 
ATOM   956  C CA  . GLU A 1 121 ? 14.458  -3.317  6.961   1.000 15.399 ? 119 GLU A CA  1 
ATOM   957  C C   . GLU A 1 121 ? 14.890  -1.927  6.461   1.000 15.448 ? 119 GLU A C   1 
ATOM   958  O O   . GLU A 1 121 ? 15.178  -1.047  7.318   1.000 14.069 ? 119 GLU A O   1 
ATOM   959  C CB  . GLU A 1 121 ? 15.676  -4.096  7.469   1.000 17.197 ? 119 GLU A CB  1 
ATOM   960  C CG  . GLU A 1 121 ? 15.301  -5.320  8.285   1.000 18.420 ? 119 GLU A CG  1 
ATOM   961  C CD  . GLU A 1 121 ? 14.954  -6.607  7.553   1.000 20.604 ? 119 GLU A CD  1 
ATOM   962  O OE1 . GLU A 1 121 ? 15.020  -6.667  6.299   1.000 19.538 ? 119 GLU A OE1 1 
ATOM   963  O OE2 . GLU A 1 121 ? 14.654  -7.579  8.253   1.000 25.452 ? 119 GLU A OE2 1 
ATOM   964  N N   . ALA A 1 122 ? 14.944  -1.710  5.141   1.000 14.398 ? 120 ALA A N   1 
ATOM   965  C CA  . ALA A 1 122 ? 15.270  -0.389  4.549   1.000 14.096 ? 120 ALA A CA  1 
ATOM   966  C C   . ALA A 1 122 ? 14.103  0.595   4.739   1.000 14.701 ? 120 ALA A C   1 
ATOM   967  O O   . ALA A 1 122 ? 14.356  1.806   4.650   1.000 14.449 ? 120 ALA A O   1 
ATOM   968  C CB  . ALA A 1 122 ? 15.655  -0.531  3.105   1.000 13.646 ? 120 ALA A CB  1 
ATOM   969  N N   . VAL A 1 123 ? 12.883  0.112   4.995   1.000 14.312 ? 121 VAL A N   1 
ATOM   970  C CA  . VAL A 1 123 ? 11.677  0.977   5.154   1.000 13.899 ? 121 VAL A CA  1 
ATOM   971  C C   . VAL A 1 123 ? 11.784  1.833   6.420   1.000 13.927 ? 121 VAL A C   1 
ATOM   972  O O   . VAL A 1 123 ? 12.046  1.273   7.524   1.000 14.301 ? 121 VAL A O   1 
ATOM   973  C CB  . VAL A 1 123 ? 10.363  0.171   5.124   1.000 13.217 ? 121 VAL A CB  1 
ATOM   974  C CG1 . VAL A 1 123 ? 9.173   1.068   5.404   1.000 13.315 ? 121 VAL A CG1 1 
ATOM   975  C CG2 . VAL A 1 123 ? 10.182  -0.564  3.801   1.000 13.371 ? 121 VAL A CG2 1 
ATOM   976  N N   . LYS A 1 124 ? 11.528  3.135   6.277   1.000 13.453 ? 122 LYS A N   1 
ATOM   977  C CA  . LYS A 1 124 ? 11.456  4.098   7.401   1.000 14.130 ? 122 LYS A CA  1 
ATOM   978  C C   . LYS A 1 124 ? 10.120  4.845   7.442   1.000 13.778 ? 122 LYS A C   1 
ATOM   979  O O   . LYS A 1 124 ? 9.909   5.536   8.433   1.000 13.461 ? 122 LYS A O   1 
ATOM   980  C CB  . LYS A 1 124 ? 12.620  5.082   7.323   1.000 15.474 ? 122 LYS A CB  1 
ATOM   981  C CG  . LYS A 1 124 ? 13.973  4.463   7.641   1.000 16.743 ? 122 LYS A CG  1 
ATOM   982  C CD  . LYS A 1 124 ? 15.059  5.484   7.726   1.000 19.450 ? 122 LYS A CD  1 
ATOM   983  C CE  . LYS A 1 124 ? 16.434  4.856   7.745   1.000 22.628 ? 122 LYS A CE  1 
ATOM   984  N NZ  . LYS A 1 124 ? 17.460  5.913   7.640   1.000 26.837 ? 122 LYS A NZ  1 
ATOM   985  N N   . MET A 1 125 ? 9.249   4.725   6.431   1.000 13.137 ? 123 MET A N   1 
ATOM   986  C CA  . MET A 1 125 ? 8.012   5.544   6.370   1.000 13.186 ? 123 MET A CA  1 
ATOM   987  C C   . MET A 1 125 ? 7.000   4.848   5.453   1.000 12.648 ? 123 MET A C   1 
ATOM   988  O O   . MET A 1 125 ? 7.420   4.263   4.438   1.000 12.841 ? 123 MET A O   1 
ATOM   989  C CB  . MET A 1 125 ? 8.357   6.946   5.865   1.000 13.108 ? 123 MET A CB  1 
ATOM   990  C CG  . MET A 1 125 ? 7.182   7.884   5.739   1.000 13.462 ? 123 MET A CG  1 
ATOM   991  S SD  . MET A 1 125 ? 6.416   7.844   4.090   1.000 13.740 ? 123 MET A SD  1 
ATOM   992  C CE  . MET A 1 125 ? 7.409   9.088   3.265   1.000 13.860 ? 123 MET A CE  1 
ATOM   993  N N   . VAL A 1 126 ? 5.718   4.894   5.807   1.000 12.855 ? 124 VAL A N   1 
ATOM   994  C CA  . VAL A 1 126 ? 4.608   4.454   4.918   1.000 12.590 ? 124 VAL A CA  1 
ATOM   995  C C   . VAL A 1 126 ? 3.748   5.675   4.622   1.000 12.683 ? 124 VAL A C   1 
ATOM   996  O O   . VAL A 1 126 ? 3.367   6.413   5.571   1.000 11.567 ? 124 VAL A O   1 
ATOM   997  C CB  . VAL A 1 126 ? 3.779   3.307   5.537   1.000 13.140 ? 124 VAL A CB  1 
ATOM   998  C CG1 . VAL A 1 126 ? 2.682   2.847   4.589   1.000 13.406 ? 124 VAL A CG1 1 
ATOM   999  C CG2 . VAL A 1 126 ? 4.660   2.125   5.913   1.000 13.108 ? 124 VAL A CG2 1 
ATOM   1000 N N   . GLN A 1 127 ? 3.417   5.880   3.351   1.000 13.002 ? 125 GLN A N   1 
ATOM   1001 C CA  . GLN A 1 127 ? 2.453   6.937   2.961   1.000 12.716 ? 125 GLN A CA  1 
ATOM   1002 C C   . GLN A 1 127 ? 1.253   6.317   2.249   1.000 12.022 ? 125 GLN A C   1 
ATOM   1003 O O   . GLN A 1 127 ? 1.460   5.515   1.332   1.000 11.480 ? 125 GLN A O   1 
ATOM   1004 C CB  . GLN A 1 127 ? 3.125   7.960   2.058   1.000 13.814 ? 125 GLN A CB  1 
ATOM   1005 C CG  . GLN A 1 127 ? 2.169   9.085   1.693   1.000 15.485 ? 125 GLN A CG  1 
ATOM   1006 C CD  . GLN A 1 127 ? 2.914   10.285  1.179   1.000 16.475 ? 125 GLN A CD  1 
ATOM   1007 O OE1 . GLN A 1 127 ? 3.464   10.261  0.079   1.000 17.158 ? 125 GLN A OE1 1 
ATOM   1008 N NE2 . GLN A 1 127 ? 2.973   11.320  2.006   1.000 18.288 ? 125 GLN A NE2 1 
ATOM   1009 N N   . VAL A 1 128 ? 0.042   6.722   2.640   1.000 11.469 ? 126 VAL A N   1 
ATOM   1010 C CA  . VAL A 1 128 ? -1.232  6.283   2.006   1.000 11.938 ? 126 VAL A CA  1 
ATOM   1011 C C   . VAL A 1 128 ? -1.918  7.540   1.466   1.000 11.711 ? 126 VAL A C   1 
ATOM   1012 O O   . VAL A 1 128 ? -2.139  8.465   2.243   1.000 12.337 ? 126 VAL A O   1 
ATOM   1013 C CB  . VAL A 1 128 ? -2.136  5.517   2.994   1.000 12.001 ? 126 VAL A CB  1 
ATOM   1014 C CG1 . VAL A 1 128 ? -3.384  4.995   2.298   1.000 12.464 ? 126 VAL A CG1 1 
ATOM   1015 C CG2 . VAL A 1 128 ? -1.381  4.389   3.682   1.000 11.922 ? 126 VAL A CG2 1 
ATOM   1016 N N   . TRP A 1 129 ? -2.222  7.583   0.172   1.000 12.040 ? 127 TRP A N   1 
ATOM   1017 C CA  . TRP A 1 129 ? -2.698  8.836   -0.454  1.000 12.172 ? 127 TRP A CA  1 
ATOM   1018 C C   . TRP A 1 129 ? -3.486  8.555   -1.734  1.000 12.100 ? 127 TRP A C   1 
ATOM   1019 O O   . TRP A 1 129 ? -3.746  7.370   -2.028  1.000 11.348 ? 127 TRP A O   1 
ATOM   1020 C CB  . TRP A 1 129 ? -1.506  9.791   -0.646  1.000 12.295 ? 127 TRP A CB  1 
ATOM   1021 C CG  . TRP A 1 129 ? -0.455  9.362   -1.626  1.000 12.605 ? 127 TRP A CG  1 
ATOM   1022 C CD1 . TRP A 1 129 ? 0.383   8.279   -1.560  1.000 12.159 ? 127 TRP A CD1 1 
ATOM   1023 C CD2 . TRP A 1 129 ? -0.074  10.082  -2.809  1.000 12.481 ? 127 TRP A CD2 1 
ATOM   1024 N NE1 . TRP A 1 129 ? 1.243   8.276   -2.628  1.000 12.168 ? 127 TRP A NE1 1 
ATOM   1025 C CE2 . TRP A 1 129 ? 0.959   9.346   -3.431  1.000 12.573 ? 127 TRP A CE2 1 
ATOM   1026 C CE3 . TRP A 1 129 ? -0.535  11.247  -3.430  1.000 12.508 ? 127 TRP A CE3 1 
ATOM   1027 C CZ2 . TRP A 1 129 ? 1.551   9.762   -4.621  1.000 12.814 ? 127 TRP A CZ2 1 
ATOM   1028 C CZ3 . TRP A 1 129 ? 0.046   11.657  -4.614  1.000 13.170 ? 127 TRP A CZ3 1 
ATOM   1029 C CH2 . TRP A 1 129 ? 1.093   10.929  -5.189  1.000 13.544 ? 127 TRP A CH2 1 
ATOM   1030 N N   . ARG A 1 130 ? -3.896  9.645   -2.394  1.000 12.152 ? 128 ARG A N   1 
ATOM   1031 C CA  . ARG A 1 130 ? -4.813  9.719   -3.555  1.000 12.872 ? 128 ARG A CA  1 
ATOM   1032 C C   . ARG A 1 130 ? -6.249  9.717   -3.032  1.000 12.565 ? 128 ARG A C   1 
ATOM   1033 O O   . ARG A 1 130 ? -6.502  10.289  -1.926  1.000 13.063 ? 128 ARG A O   1 
ATOM   1034 C CB  . ARG A 1 130 ? -4.556  8.625   -4.596  1.000 13.342 ? 128 ARG A CB  1 
ATOM   1035 C CG  . ARG A 1 130 ? -3.086  8.364   -4.899  1.000 14.749 ? 128 ARG A CG  1 
ATOM   1036 C CD  . ARG A 1 130 ? -2.769  8.816   -6.282  1.000 14.035 ? 128 ARG A CD  1 
ATOM   1037 N NE  . ARG A 1 130 ? -1.411  8.556   -6.748  1.000 13.789 ? 128 ARG A NE  1 
ATOM   1038 C CZ  . ARG A 1 130 ? -0.713  9.410   -7.505  1.000 12.792 ? 128 ARG A CZ  1 
ATOM   1039 N NH1 . ARG A 1 130 ? -1.238  10.569  -7.849  1.000 12.865 ? 128 ARG A NH1 1 
ATOM   1040 N NH2 . ARG A 1 130 ? 0.496   9.102   -7.950  1.000 12.105 ? 128 ARG A NH2 1 
ATOM   1041 N N   . ASP A 1 131 ? -7.179  9.147   -3.799  1.000 12.250 ? 129 ASP A N   1 
ATOM   1042 C CA  . ASP A 1 131 ? -8.617  9.543   -3.753  1.000 12.536 ? 129 ASP A CA  1 
ATOM   1043 C C   . ASP A 1 131 ? -9.377  8.624   -2.784  1.000 12.513 ? 129 ASP A C   1 
ATOM   1044 O O   . ASP A 1 131 ? -10.399 8.032   -3.196  1.000 11.929 ? 129 ASP A O   1 
ATOM   1045 C CB  . ASP A 1 131 ? -9.224  9.534   -5.154  1.000 12.090 ? 129 ASP A CB  1 
ATOM   1046 C CG  . ASP A 1 131 ? -8.398  10.342  -6.130  1.000 12.678 ? 129 ASP A CG  1 
ATOM   1047 O OD1 . ASP A 1 131 ? -8.314  11.564  -5.926  1.000 12.627 ? 129 ASP A OD1 1 
ATOM   1048 O OD2 . ASP A 1 131 ? -7.808  9.735   -7.049  1.000 13.374 ? 129 ASP A OD2 1 
ATOM   1049 N N   . ILE A 1 132 ? -8.951  8.576   -1.518  1.000 12.740 ? 130 ILE A N   1 
ATOM   1050 C CA  . ILE A 1 132 ? -9.645  7.797   -0.452  1.000 13.104 ? 130 ILE A CA  1 
ATOM   1051 C C   . ILE A 1 132 ? -9.788  8.673   0.792   1.000 13.483 ? 130 ILE A C   1 
ATOM   1052 O O   . ILE A 1 132 ? -8.994  9.620   0.952   1.000 12.412 ? 130 ILE A O   1 
ATOM   1053 C CB  . ILE A 1 132 ? -8.929  6.474   -0.100  1.000 13.245 ? 130 ILE A CB  1 
ATOM   1054 C CG1 . ILE A 1 132 ? -7.626  6.661   0.692   1.000 14.361 ? 130 ILE A CG1 1 
ATOM   1055 C CG2 . ILE A 1 132 ? -8.777  5.595   -1.327  1.000 12.524 ? 130 ILE A CG2 1 
ATOM   1056 C CD1 . ILE A 1 132 ? -6.495  7.318   -0.039  1.000 15.280 ? 130 ILE A CD1 1 
ATOM   1057 N N   . SER A 1 133 ? -10.753 8.308   1.635   1.000 12.783 ? 131 SER A N   1 
ATOM   1058 C CA  . SER A 1 133 ? -10.789 8.583   3.083   1.000 13.554 ? 131 SER A CA  1 
ATOM   1059 C C   . SER A 1 133 ? -10.189 7.382   3.826   1.000 13.801 ? 131 SER A C   1 
ATOM   1060 O O   . SER A 1 133 ? -10.312 6.247   3.313   1.000 13.595 ? 131 SER A O   1 
ATOM   1061 C CB  . SER A 1 133 ? -12.199 8.878   3.551   1.000 13.482 ? 131 SER A CB  1 
ATOM   1062 O OG  . SER A 1 133 ? -13.034 7.755   3.397   1.000 13.447 ? 131 SER A OG  1 
ATOM   1063 N N   . LEU A 1 134 ? -9.562  7.630   4.974   1.000 14.549 ? 132 LEU A N   1 
ATOM   1064 C CA  . LEU A 1 134 ? -8.973  6.584   5.867   1.000 16.583 ? 132 LEU A CA  1 
ATOM   1065 C C   . LEU A 1 134 ? -9.599  6.698   7.254   1.000 17.390 ? 132 LEU A C   1 
ATOM   1066 O O   . LEU A 1 134 ? -9.564  7.808   7.800   1.000 17.343 ? 132 LEU A O   1 
ATOM   1067 C CB  . LEU A 1 134 ? -7.469  6.801   6.038   1.000 18.833 ? 132 LEU A CB  1 
ATOM   1068 C CG  . LEU A 1 134 ? -6.564  6.500   4.854   1.000 22.198 ? 132 LEU A CG  1 
ATOM   1069 C CD1 . LEU A 1 134 ? -5.115  6.540   5.321   1.000 23.233 ? 132 LEU A CD1 1 
ATOM   1070 C CD2 . LEU A 1 134 ? -6.896  5.159   4.214   1.000 23.812 ? 132 LEU A CD2 1 
ATOM   1071 N N   . THR A 1 135 ? -10.048 5.580   7.829   1.000 16.531 ? 133 THR A N   1 
ATOM   1072 C CA  . THR A 1 135 ? -10.488 5.495   9.241   1.000 17.225 ? 133 THR A CA  1 
ATOM   1073 C C   . THR A 1 135 ? -9.478  4.718   10.087  1.000 17.507 ? 133 THR A C   1 
ATOM   1074 O O   . THR A 1 135 ? -9.499  4.924   11.298  1.000 17.359 ? 133 THR A O   1 
ATOM   1075 C CB  . THR A 1 135 ? -11.898 4.904   9.357   1.000 18.000 ? 133 THR A CB  1 
ATOM   1076 O OG1 . THR A 1 135 ? -11.920 3.629   8.719   1.000 17.610 ? 133 THR A OG1 1 
ATOM   1077 C CG2 . THR A 1 135 ? -12.930 5.822   8.735   1.000 20.319 ? 133 THR A CG2 1 
ATOM   1078 N N   . LYS A 1 136 ? -8.659  3.839   9.512   1.000 16.967 ? 134 LYS A N   1 
ATOM   1079 C CA  . LYS A 1 136 ? -7.722  3.014   10.325  1.000 18.320 ? 134 LYS A CA  1 
ATOM   1080 C C   . LYS A 1 136 ? -6.415  2.812   9.573   1.000 16.099 ? 134 LYS A C   1 
ATOM   1081 O O   . LYS A 1 136 ? -6.448  2.538   8.351   1.000 15.426 ? 134 LYS A O   1 
ATOM   1082 C CB  . LYS A 1 136 ? -8.310  1.647   10.686  1.000 20.910 ? 134 LYS A CB  1 
ATOM   1083 C CG  . LYS A 1 136 ? -9.570  1.693   11.533  1.000 25.753 ? 134 LYS A CG  1 
ATOM   1084 C CD  . LYS A 1 136 ? -9.940  0.353   12.160  1.000 31.181 ? 134 LYS A CD  1 
ATOM   1085 C CE  . LYS A 1 136 ? -11.006 0.466   13.234  1.000 33.813 ? 134 LYS A CE  1 
ATOM   1086 N NZ  . LYS A 1 136 ? -11.513 -0.869  13.628  1.000 37.062 ? 134 LYS A NZ  1 
ATOM   1087 N N   . PHE A 1 137 ? -5.314  2.926   10.305  1.000 14.856 ? 135 PHE A N   1 
ATOM   1088 C CA  . PHE A 1 137 ? -3.968  2.544   9.832   1.000 14.587 ? 135 PHE A CA  1 
ATOM   1089 C C   . PHE A 1 137 ? -3.177  1.961   11.009  1.000 14.545 ? 135 PHE A C   1 
ATOM   1090 O O   . PHE A 1 137 ? -3.111  2.581   12.091  1.000 15.646 ? 135 PHE A O   1 
ATOM   1091 C CB  . PHE A 1 137 ? -3.270  3.735   9.179   1.000 14.349 ? 135 PHE A CB  1 
ATOM   1092 C CG  . PHE A 1 137 ? -1.872  3.435   8.713   1.000 14.438 ? 135 PHE A CG  1 
ATOM   1093 C CD1 . PHE A 1 137 ? -0.814  3.406   9.610   1.000 14.067 ? 135 PHE A CD1 1 
ATOM   1094 C CD2 . PHE A 1 137 ? -1.621  3.173   7.374   1.000 14.519 ? 135 PHE A CD2 1 
ATOM   1095 C CE1 . PHE A 1 137 ? 0.467   3.111   9.176   1.000 15.227 ? 135 PHE A CE1 1 
ATOM   1096 C CE2 . PHE A 1 137 ? -0.340  2.881   6.941   1.000 14.454 ? 135 PHE A CE2 1 
ATOM   1097 C CZ  . PHE A 1 137 ? 0.705   2.855   7.843   1.000 15.193 ? 135 PHE A CZ  1 
ATOM   1098 N N   . ASN A 1 138 ? -2.584  0.792   10.808  1.000 13.916 ? 136 ASN A N   1 
ATOM   1099 C CA  . ASN A 1 138 ? -1.766  0.122   11.843  1.000 14.366 ? 136 ASN A CA  1 
ATOM   1100 C C   . ASN A 1 138 ? -0.574  -0.558  11.166  1.000 14.021 ? 136 ASN A C   1 
ATOM   1101 O O   . ASN A 1 138 ? -0.775  -1.207  10.135  1.000 13.861 ? 136 ASN A O   1 
ATOM   1102 C CB  . ASN A 1 138 ? -2.587  -0.843  12.698  1.000 15.557 ? 136 ASN A CB  1 
ATOM   1103 C CG  . ASN A 1 138 ? -1.735  -1.512  13.756  1.000 18.229 ? 136 ASN A CG  1 
ATOM   1104 O OD1 . ASN A 1 138 ? -1.327  -2.666  13.588  1.000 18.887 ? 136 ASN A OD1 1 
ATOM   1105 N ND2 . ASN A 1 138 ? -1.380  -0.774  14.807  1.000 22.046 ? 136 ASN A ND2 1 
ATOM   1106 N N   . VAL A 1 139 ? 0.613   -0.421  11.762  1.000 13.847 ? 137 VAL A N   1 
ATOM   1107 C CA  . VAL A 1 139 ? 1.779   -1.324  11.545  1.000 13.430 ? 137 VAL A CA  1 
ATOM   1108 C C   . VAL A 1 139 ? 1.970   -2.155  12.813  1.000 14.124 ? 137 VAL A C   1 
ATOM   1109 O O   . VAL A 1 139 ? 2.041   -1.562  13.886  1.000 14.580 ? 137 VAL A O   1 
ATOM   1110 C CB  . VAL A 1 139 ? 3.041   -0.528  11.171  1.000 13.730 ? 137 VAL A CB  1 
ATOM   1111 C CG1 . VAL A 1 139 ? 4.251   -1.426  10.981  1.000 13.210 ? 137 VAL A CG1 1 
ATOM   1112 C CG2 . VAL A 1 139 ? 2.817   0.319   9.932   1.000 13.393 ? 137 VAL A CG2 1 
ATOM   1113 N N   . SER A 1 140 ? 2.025   -3.484  12.696  1.000 14.923 ? 138 SER A N   1 
ATOM   1114 C CA  . SER A 1 140 ? 2.252   -4.380  13.862  1.000 15.316 ? 138 SER A CA  1 
ATOM   1115 C C   . SER A 1 140 ? 3.744   -4.409  14.206  1.000 16.546 ? 138 SER A C   1 
ATOM   1116 O O   . SER A 1 140 ? 4.579   -4.306  13.290  1.000 16.262 ? 138 SER A O   1 
ATOM   1117 C CB  . SER A 1 140 ? 1.676   -5.754  13.644  1.000 15.111 ? 138 SER A CB  1 
ATOM   1118 O OG  . SER A 1 140 ? 2.406   -6.480  12.670  1.000 14.852 ? 138 SER A OG  1 
ATOM   1119 N N   . TYR A 1 141 ? 4.052   -4.538  15.501  1.000 16.563 ? 139 TYR A N   1 
ATOM   1120 C CA  . TYR A 1 141 ? 5.425   -4.509  16.052  1.000 17.295 ? 139 TYR A CA  1 
ATOM   1121 C C   . TYR A 1 141 ? 5.578   -5.616  17.100  1.000 19.139 ? 139 TYR A C   1 
ATOM   1122 O O   . TYR A 1 141 ? 6.266   -5.369  18.098  1.000 19.285 ? 139 TYR A O   1 
ATOM   1123 C CB  . TYR A 1 141 ? 5.707   -3.128  16.646  1.000 15.946 ? 139 TYR A CB  1 
ATOM   1124 C CG  . TYR A 1 141 ? 5.866   -2.032  15.618  1.000 15.825 ? 139 TYR A CG  1 
ATOM   1125 C CD1 . TYR A 1 141 ? 7.062   -1.846  14.937  1.000 15.586 ? 139 TYR A CD1 1 
ATOM   1126 C CD2 . TYR A 1 141 ? 4.821   -1.160  15.341  1.000 15.149 ? 139 TYR A CD2 1 
ATOM   1127 C CE1 . TYR A 1 141 ? 7.205   -0.842  13.989  1.000 15.854 ? 139 TYR A CE1 1 
ATOM   1128 C CE2 . TYR A 1 141 ? 4.952   -0.153  14.394  1.000 15.613 ? 139 TYR A CE2 1 
ATOM   1129 C CZ  . TYR A 1 141 ? 6.142   0.003   13.710  1.000 14.922 ? 139 TYR A CZ  1 
ATOM   1130 O OH  . TYR A 1 141 ? 6.262   1.017   12.796  1.000 15.561 ? 139 TYR A OH  1 
ATOM   1131 N N   . LEU A 1 142 ? 4.966   -6.786  16.886  1.000 19.464 ? 140 LEU A N   1 
ATOM   1132 C CA  . LEU A 1 142 ? 4.881   -7.849  17.933  1.000 21.082 ? 140 LEU A CA  1 
ATOM   1133 C C   . LEU A 1 142 ? 6.109   -8.768  17.866  1.000 21.965 ? 140 LEU A C   1 
ATOM   1134 O O   . LEU A 1 142 ? 6.405   -9.424  18.887  1.000 19.279 ? 140 LEU A O   1 
ATOM   1135 C CB  . LEU A 1 142 ? 3.600   -8.661  17.747  1.000 21.935 ? 140 LEU A CB  1 
ATOM   1136 C CG  . LEU A 1 142 ? 2.289   -7.889  17.855  1.000 23.757 ? 140 LEU A CG  1 
ATOM   1137 C CD1 . LEU A 1 142 ? 1.120   -8.872  17.883  1.000 24.989 ? 140 LEU A CD1 1 
ATOM   1138 C CD2 . LEU A 1 142 ? 2.269   -6.968  19.081  1.000 24.125 ? 140 LEU A CD2 1 
ATOM   1139 N N   . LYS A 1 143 ? 6.798   -8.836  16.719  1.000 23.993 ? 141 LYS A N   1 
ATOM   1140 C CA  . LYS A 1 143 ? 7.788   -9.914  16.446  1.000 26.692 ? 141 LYS A CA  1 
ATOM   1141 C C   . LYS A 1 143 ? 9.213   -9.384  16.645  1.000 25.614 ? 141 LYS A C   1 
ATOM   1142 O O   . LYS A 1 143 ? 9.460   -8.193  16.405  1.000 23.029 ? 141 LYS A O   1 
ATOM   1143 C CB  . LYS A 1 143 ? 7.522   -10.545 15.072  1.000 30.150 ? 141 LYS A CB  1 
ATOM   1144 C CG  . LYS A 1 143 ? 6.299   -11.459 15.054  1.000 33.497 ? 141 LYS A CG  1 
ATOM   1145 C CD  . LYS A 1 143 ? 6.137   -12.290 13.805  1.000 40.309 ? 141 LYS A CD  1 
ATOM   1146 C CE  . LYS A 1 143 ? 5.499   -13.638 14.068  1.000 44.630 ? 141 LYS A CE  1 
ATOM   1147 N NZ  . LYS A 1 143 ? 5.171   -14.333 12.798  1.000 49.168 ? 141 LYS A NZ  1 
ATOM   1148 N N   . ARG A 1 144 ? 10.108  -10.274 17.093  1.000 29.476 ? 142 ARG A N   1 
ATOM   1149 C CA  . ARG A 1 144 ? 11.571  -10.043 17.226  1.000 32.247 ? 142 ARG A CA  1 
ATOM   1150 C C   . ARG A 1 144 ? 12.146  -9.656  15.858  1.000 32.984 ? 142 ARG A C   1 
ATOM   1151 O O   . ARG A 1 144 ? 13.097  -8.878  15.779  1.000 32.674 ? 142 ARG A O   1 
ATOM   1152 C CB  . ARG A 1 144 ? 12.246  -11.305 17.772  1.000 35.599 ? 142 ARG A CB  1 
ATOM   1153 C CG  . ARG A 1 144 ? 13.737  -11.163 18.047  1.000 40.086 ? 142 ARG A CG  1 
ATOM   1154 C CD  . ARG A 1 144 ? 14.298  -12.463 18.599  1.000 44.959 ? 142 ARG A CD  1 
ATOM   1155 N NE  . ARG A 1 144 ? 15.275  -12.268 19.666  1.000 53.178 ? 142 ARG A NE  1 
ATOM   1156 C CZ  . ARG A 1 144 ? 15.928  -13.248 20.310  1.000 57.512 ? 142 ARG A CZ  1 
ATOM   1157 N NH1 . ARG A 1 144 ? 15.714  -14.521 20.005  1.000 59.057 ? 142 ARG A NH1 1 
ATOM   1158 N NH2 . ARG A 1 144 ? 16.797  -12.947 21.263  1.000 53.827 ? 142 ARG A NH2 1 
ATOM   1159 O OXT . ARG A 1 144 ? 11.658  -10.115 14.829  1.000 30.244 ? 142 ARG A OXT 1 
HETATM 1160 C C1  . BMA B 2 .   ? 5.623   5.638   -12.552 1.000 28.474 ? 201 BMA A C1  1 
HETATM 1161 C C2  . BMA B 2 .   ? 5.084   4.290   -12.075 1.000 28.378 ? 201 BMA A C2  1 
HETATM 1162 C C3  . BMA B 2 .   ? 5.977   3.143   -12.532 1.000 27.283 ? 201 BMA A C3  1 
HETATM 1163 C C4  . BMA B 2 .   ? 6.278   3.239   -14.042 1.000 28.363 ? 201 BMA A C4  1 
HETATM 1164 C C5  . BMA B 2 .   ? 6.796   4.616   -14.436 1.000 29.388 ? 201 BMA A C5  1 
HETATM 1165 C C6  . BMA B 2 .   ? 6.867   4.735   -15.957 1.000 31.312 ? 201 BMA A C6  1 
HETATM 1166 O O1  . BMA B 2 .   ? 4.629   6.623   -12.359 1.000 29.997 ? 201 BMA A O1  1 
HETATM 1167 O O2  . BMA B 2 .   ? 3.800   4.095   -12.660 1.000 28.472 ? 201 BMA A O2  1 
HETATM 1168 O O3  . BMA B 2 .   ? 5.309   1.933   -12.232 1.000 24.263 ? 201 BMA A O3  1 
HETATM 1169 O O4  . BMA B 2 .   ? 7.234   2.259   -14.492 1.000 25.715 ? 201 BMA A O4  1 
HETATM 1170 O O5  . BMA B 2 .   ? 5.965   5.680   -13.940 1.000 29.528 ? 201 BMA A O5  1 
HETATM 1171 O O6  . BMA B 2 .   ? 7.364   6.048   -16.259 1.000 32.338 ? 201 BMA A O6  1 
HETATM 1172 O O   . HOH C 3 .   ? -1.120  -4.179  15.561  1.000 19.626 ? 301 HOH A O   1 
HETATM 1173 O O   . HOH C 3 .   ? 10.955  -5.192  0.393   1.000 13.302 ? 302 HOH A O   1 
HETATM 1174 O O   . HOH C 3 .   ? 6.681   16.033  -1.710  1.000 21.855 ? 303 HOH A O   1 
HETATM 1175 O O   . HOH C 3 .   ? 7.280   13.100  5.554   1.000 26.806 ? 304 HOH A O   1 
HETATM 1176 O O   . HOH C 3 .   ? 3.404   11.443  -2.220  1.000 26.743 ? 305 HOH A O   1 
HETATM 1177 O O   . HOH C 3 .   ? -4.646  -7.004  9.257   1.000 27.840 ? 306 HOH A O   1 
HETATM 1178 O O   . HOH C 3 .   ? 1.227   13.265  5.036   1.000 25.971 ? 307 HOH A O   1 
HETATM 1179 O O   . HOH C 3 .   ? -13.444 6.226   5.447   1.000 22.094 ? 308 HOH A O   1 
HETATM 1180 O O   . HOH C 3 .   ? 0.142   -16.066 3.610   1.000 15.741 ? 309 HOH A O   1 
HETATM 1181 O O   . HOH C 3 .   ? 4.345   2.676   12.093  1.000 16.483 ? 310 HOH A O   1 
HETATM 1182 O O   . HOH C 3 .   ? 4.666   8.408   -1.533  1.000 16.068 ? 311 HOH A O   1 
HETATM 1183 O O   . HOH C 3 .   ? 9.494   -17.568 -2.907  1.000 17.724 ? 312 HOH A O   1 
HETATM 1184 O O   . HOH C 3 .   ? -18.530 10.912  -3.615  1.000 27.051 ? 313 HOH A O   1 
HETATM 1185 O O   . HOH C 3 .   ? 7.047   -3.876  12.166  1.000 14.907 ? 314 HOH A O   1 
HETATM 1186 O O   . HOH C 3 .   ? 16.584  3.236   4.502   1.000 21.634 ? 315 HOH A O   1 
HETATM 1187 O O   . HOH C 3 .   ? 1.202   -1.617  16.403  1.000 26.244 ? 316 HOH A O   1 
HETATM 1188 O O   . HOH C 3 .   ? 4.129   -7.896  14.116  1.000 22.717 ? 317 HOH A O   1 
HETATM 1189 O O   . HOH C 3 .   ? 11.947  -1.342  7.994   1.000 14.070 ? 318 HOH A O   1 
HETATM 1190 O O   . HOH C 3 .   ? -9.588  10.478  5.746   1.000 11.364 ? 319 HOH A O   1 
HETATM 1191 O O   . HOH C 3 .   ? -13.039 2.444   -13.049 1.000 15.343 ? 320 HOH A O   1 
HETATM 1192 O O   . HOH C 3 .   ? 5.349   -12.179 -5.781  1.000 18.872 ? 321 HOH A O   1 
HETATM 1193 O O   . HOH C 3 .   ? 9.515   -7.802  -7.211  1.000 14.917 ? 322 HOH A O   1 
HETATM 1194 O O   . HOH C 3 .   ? 11.148  -4.363  -2.441  1.000 14.061 ? 323 HOH A O   1 
HETATM 1195 O O   . HOH C 3 .   ? -20.684 -2.363  -5.263  1.000 25.119 ? 324 HOH A O   1 
HETATM 1196 O O   . HOH C 3 .   ? 14.243  9.585   7.232   1.000 21.841 ? 325 HOH A O   1 
HETATM 1197 O O   . HOH C 3 .   ? -12.103 -9.667  -1.585  1.000 28.421 ? 326 HOH A O   1 
HETATM 1198 O O   . HOH C 3 .   ? -11.923 10.240  -14.255 1.000 14.843 ? 327 HOH A O   1 
HETATM 1199 O O   . HOH C 3 .   ? -2.205  15.308  5.144   1.000 23.911 ? 328 HOH A O   1 
HETATM 1200 O O   . HOH C 3 .   ? -19.297 3.699   -10.900 1.000 16.878 ? 329 HOH A O   1 
HETATM 1201 O O   . HOH C 3 .   ? 6.583   -15.082 -4.801  1.000 23.508 ? 330 HOH A O   1 
HETATM 1202 O O   . HOH C 3 .   ? -9.783  -5.125  -13.961 1.000 21.247 ? 331 HOH A O   1 
HETATM 1203 O O   . HOH C 3 .   ? -5.222  16.816  1.671   1.000 21.752 ? 332 HOH A O   1 
HETATM 1204 O O   . HOH C 3 .   ? 12.932  1.658   10.192  1.000 20.573 ? 333 HOH A O   1 
HETATM 1205 O O   . HOH C 3 .   ? -13.045 3.609   6.234   1.000 25.954 ? 334 HOH A O   1 
HETATM 1206 O O   . HOH C 3 .   ? -16.975 5.080   -2.346  1.000 25.140 ? 335 HOH A O   1 
HETATM 1207 O O   . HOH C 3 .   ? -14.153 5.170   -16.366 1.000 23.873 ? 336 HOH A O   1 
HETATM 1208 O O   . HOH C 3 .   ? 8.268   -6.071  15.126  1.000 18.930 ? 337 HOH A O   1 
HETATM 1209 O O   . HOH C 3 .   ? -14.017 -0.361  -2.465  1.000 22.845 ? 338 HOH A O   1 
HETATM 1210 O O   . HOH C 3 .   ? 11.027  -10.251 4.773   1.000 28.873 ? 339 HOH A O   1 
HETATM 1211 O O   . HOH C 3 .   ? -9.433  12.280  1.589   1.000 15.912 ? 340 HOH A O   1 
HETATM 1212 O O   . HOH C 3 .   ? -16.448 4.090   -4.907  1.000 16.892 ? 341 HOH A O   1 
HETATM 1213 O O   . HOH C 3 .   ? -13.732 -7.675  -2.017  1.000 22.855 ? 342 HOH A O   1 
HETATM 1214 O O   . HOH C 3 .   ? 13.057  -3.353  10.576  1.000 19.271 ? 343 HOH A O   1 
HETATM 1215 O O   . HOH C 3 .   ? -6.309  12.998  -1.290  1.000 14.833 ? 344 HOH A O   1 
HETATM 1216 O O   . HOH C 3 .   ? 11.318  6.757   10.509  1.000 16.621 ? 345 HOH A O   1 
HETATM 1217 O O   . HOH C 3 .   ? 1.969   9.702   11.786  1.000 17.681 ? 346 HOH A O   1 
HETATM 1218 O O   . HOH C 3 .   ? -1.535  -4.261  11.276  1.000 17.289 ? 347 HOH A O   1 
HETATM 1219 O O   . HOH C 3 .   ? -9.733  13.688  -4.774  1.000 14.743 ? 348 HOH A O   1 
HETATM 1220 O O   . HOH C 3 .   ? 14.322  -7.189  17.676  1.000 17.332 ? 349 HOH A O   1 
HETATM 1221 O O   . HOH C 3 .   ? 14.853  -3.639  -8.973  1.000 28.336 ? 350 HOH A O   1 
HETATM 1222 O O   . HOH C 3 .   ? 0.656   1.748   13.799  1.000 16.862 ? 351 HOH A O   1 
HETATM 1223 O O   . HOH C 3 .   ? 9.280   -12.964 17.454  1.000 29.745 ? 352 HOH A O   1 
HETATM 1224 O O   . HOH C 3 .   ? -2.882  2.305   -11.125 1.000 20.301 ? 353 HOH A O   1 
HETATM 1225 O O   . HOH C 3 .   ? 2.065   -3.956  17.447  1.000 14.524 ? 354 HOH A O   1 
HETATM 1226 O O   . HOH C 3 .   ? -20.428 4.034   -6.372  1.000 25.711 ? 355 HOH A O   1 
HETATM 1227 O O   . HOH C 3 .   ? -6.359  12.709  -4.179  0.500 16.925 ? 356 HOH A O   1 
HETATM 1228 O O   . HOH C 3 .   ? 13.322  8.362   -5.040  1.000 13.615 ? 357 HOH A O   1 
HETATM 1229 O O   . HOH C 3 .   ? 7.670   -15.626 1.210   1.000 21.427 ? 358 HOH A O   1 
HETATM 1230 O O   . HOH C 3 .   ? -7.947  -7.699  4.051   1.000 14.050 ? 359 HOH A O   1 
HETATM 1231 O O   . HOH C 3 .   ? -7.174  -15.642 0.340   1.000 16.736 ? 360 HOH A O   1 
HETATM 1232 O O   . HOH C 3 .   ? -7.740  -13.325 5.594   1.000 21.559 ? 361 HOH A O   1 
HETATM 1233 O O   . HOH C 3 .   ? 9.289   -7.994  -10.708 1.000 21.434 ? 362 HOH A O   1 
HETATM 1234 O O   . HOH C 3 .   ? -7.383  14.122  0.893   1.000 18.731 ? 363 HOH A O   1 
HETATM 1235 O O   . HOH C 3 .   ? 8.398   -1.082  -16.416 1.000 26.779 ? 364 HOH A O   1 
HETATM 1236 O O   . HOH C 3 .   ? 14.389  -1.036  10.121  1.000 24.685 ? 365 HOH A O   1 
HETATM 1237 O O   . HOH C 3 .   ? 15.902  -10.084 21.494  1.000 28.820 ? 366 HOH A O   1 
HETATM 1238 O O   . HOH C 3 .   ? -5.166  10.835  -7.697  0.500 18.123 ? 367 HOH A O   1 
HETATM 1239 O O   . HOH C 3 .   ? 8.719   15.202  2.464   1.000 28.915 ? 368 HOH A O   1 
HETATM 1240 O O   . HOH C 3 .   ? -0.254  11.619  8.684   1.000 26.375 ? 369 HOH A O   1 
HETATM 1241 O O   . HOH C 3 .   ? -17.686 -3.195  -8.230  1.000 25.789 ? 370 HOH A O   1 
HETATM 1242 O O   . HOH C 3 .   ? -19.095 -0.462  2.647   1.000 30.890 ? 371 HOH A O   1 
HETATM 1243 O O   . HOH C 3 .   ? 16.055  7.855   -0.935  1.000 15.559 ? 372 HOH A O   1 
HETATM 1244 O O   . HOH C 3 .   ? 0.461   -9.634  -7.800  1.000 19.696 ? 373 HOH A O   1 
HETATM 1245 O O   . HOH C 3 .   ? 18.559  -4.995  0.330   1.000 17.888 ? 374 HOH A O   1 
HETATM 1246 O O   . HOH C 3 .   ? 7.605   -17.401 -0.958  1.000 23.618 ? 375 HOH A O   1 
HETATM 1247 O O   . HOH C 3 .   ? 12.294  6.731   -13.549 1.000 20.956 ? 376 HOH A O   1 
HETATM 1248 O O   . HOH C 3 .   ? -14.055 -3.113  -1.538  1.000 21.425 ? 377 HOH A O   1 
HETATM 1249 O O   . HOH C 3 .   ? 12.914  -4.220  -11.629 1.000 25.570 ? 378 HOH A O   1 
HETATM 1250 O O   . HOH C 3 .   ? -6.434  1.337   -17.166 1.000 36.881 ? 379 HOH A O   1 
HETATM 1251 O O   . HOH C 3 .   ? 6.537   -7.575  13.714  1.000 24.894 ? 380 HOH A O   1 
HETATM 1252 O O   . HOH C 3 .   ? 14.176  12.193  5.788   1.000 23.270 ? 381 HOH A O   1 
HETATM 1253 O O   . HOH C 3 .   ? -7.604  16.887  3.202   1.000 32.960 ? 382 HOH A O   1 
HETATM 1254 O O   . HOH C 3 .   ? 9.343   -4.328  13.343  1.000 24.029 ? 383 HOH A O   1 
HETATM 1255 O O   . HOH C 3 .   ? 11.624  -9.102  -8.090  1.000 23.301 ? 384 HOH A O   1 
HETATM 1256 O O   . HOH C 3 .   ? -1.690  11.361  11.078  1.000 24.248 ? 385 HOH A O   1 
# 
loop_
_pdbx_poly_seq_scheme.asym_id 
_pdbx_poly_seq_scheme.entity_id 
_pdbx_poly_seq_scheme.seq_id 
_pdbx_poly_seq_scheme.mon_id 
_pdbx_poly_seq_scheme.ndb_seq_num 
_pdbx_poly_seq_scheme.pdb_seq_num 
_pdbx_poly_seq_scheme.auth_seq_num 
_pdbx_poly_seq_scheme.pdb_mon_id 
_pdbx_poly_seq_scheme.auth_mon_id 
_pdbx_poly_seq_scheme.pdb_strand_id 
_pdbx_poly_seq_scheme.pdb_ins_code 
_pdbx_poly_seq_scheme.hetero 
A 1 1   GLY 1   -1  ?   ?   ?   A . n 
A 1 2   SER 2   0   ?   ?   ?   A . n 
A 1 3   MET 3   1   1   MET MET A . n 
A 1 4   SER 4   2   2   SER SER A . n 
A 1 5   LEU 5   3   3   LEU LEU A . n 
A 1 6   LEU 6   4   4   LEU LEU A . n 
A 1 7   PRO 7   5   5   PRO PRO A . n 
A 1 8   VAL 8   6   6   VAL VAL A . n 
A 1 9   PRO 9   7   7   PRO PRO A . n 
A 1 10  TYR 10  8   8   TYR TYR A . n 
A 1 11  THR 11  9   9   THR THR A . n 
A 1 12  GLU 12  10  10  GLU GLU A . n 
A 1 13  ALA 13  11  11  ALA ALA A . n 
A 1 14  ALA 14  12  12  ALA ALA A . n 
A 1 15  SER 15  13  13  SER SER A . n 
A 1 16  LEU 16  14  14  LEU LEU A . n 
A 1 17  SER 17  15  15  SER SER A . n 
A 1 18  THR 18  16  16  THR THR A . n 
A 1 19  GLY 19  17  17  GLY GLY A . n 
A 1 20  SER 20  18  18  SER SER A . n 
A 1 21  THR 21  19  19  THR THR A . n 
A 1 22  VAL 22  20  20  VAL VAL A . n 
A 1 23  THR 23  21  21  THR THR A . n 
A 1 24  ILE 24  22  22  ILE ILE A . n 
A 1 25  LYS 25  23  23  LYS LYS A . n 
A 1 26  GLY 26  24  24  GLY GLY A . n 
A 1 27  ARG 27  25  25  ARG ARG A . n 
A 1 28  PRO 28  26  26  PRO PRO A . n 
A 1 29  LEU 29  27  27  LEU LEU A . n 
A 1 30  VAL 30  28  28  VAL VAL A . n 
A 1 31  CYS 31  29  29  CYS CYS A . n 
A 1 32  PHE 32  30  30  PHE PHE A . n 
A 1 33  LEU 33  31  31  LEU LEU A . n 
A 1 34  ASN 34  32  32  ASN ASN A . n 
A 1 35  GLU 35  33  33  GLU GLU A . n 
A 1 36  PRO 36  34  34  PRO PRO A . n 
A 1 37  TYR 37  35  35  TYR TYR A . n 
A 1 38  LEU 38  36  36  LEU LEU A . n 
A 1 39  GLN 39  37  37  GLN GLN A . n 
A 1 40  VAL 40  38  38  VAL VAL A . n 
A 1 41  ASP 41  39  39  ASP ASP A . n 
A 1 42  PHE 42  40  40  PHE PHE A . n 
A 1 43  HIS 43  41  41  HIS HIS A . n 
A 1 44  THR 44  42  42  THR THR A . n 
A 1 45  GLU 45  43  43  GLU GLU A . n 
A 1 46  MET 46  44  44  MET MET A . n 
A 1 47  LYS 47  45  45  LYS LYS A . n 
A 1 48  GLU 48  46  46  GLU GLU A . n 
A 1 49  GLU 49  47  47  GLU GLU A . n 
A 1 50  SER 50  48  48  SER SER A . n 
A 1 51  ASP 51  49  49  ASP ASP A . n 
A 1 52  ILE 52  50  50  ILE ILE A . n 
A 1 53  VAL 53  51  51  VAL VAL A . n 
A 1 54  PHE 54  52  52  PHE PHE A . n 
A 1 55  HIS 55  53  53  HIS HIS A . n 
A 1 56  PHE 56  54  54  PHE PHE A . n 
A 1 57  GLN 57  55  55  GLN GLN A . n 
A 1 58  VAL 58  56  56  VAL VAL A . n 
A 1 59  CYS 59  57  57  CYS CYS A . n 
A 1 60  PHE 60  58  58  PHE PHE A . n 
A 1 61  GLY 61  59  59  GLY GLY A . n 
A 1 62  ARG 62  60  60  ARG ARG A . n 
A 1 63  ARG 63  61  61  ARG ARG A . n 
A 1 64  VAL 64  62  62  VAL VAL A . n 
A 1 65  VAL 65  63  63  VAL VAL A . n 
A 1 66  MET 66  64  64  MET MET A . n 
A 1 67  ASN 67  65  65  ASN ASN A . n 
A 1 68  SER 68  66  66  SER SER A . n 
A 1 69  ARG 69  67  67  ARG ARG A . n 
A 1 70  GLU 70  68  68  GLU GLU A . n 
A 1 71  TYR 71  69  69  TYR TYR A . n 
A 1 72  GLY 72  70  70  GLY GLY A . n 
A 1 73  ALA 73  71  71  ALA ALA A . n 
A 1 74  TRP 74  72  72  TRP TRP A . n 
A 1 75  LYS 75  73  73  LYS LYS A . n 
A 1 76  GLN 76  74  74  GLN GLN A . n 
A 1 77  GLN 77  75  75  GLN GLN A . n 
A 1 78  VAL 78  76  76  VAL VAL A . n 
A 1 79  GLU 79  77  77  GLU GLU A . n 
A 1 80  SER 80  78  78  SER SER A . n 
A 1 81  LYS 81  79  79  LYS LYS A . n 
A 1 82  ASN 82  80  80  ASN ASN A . n 
A 1 83  MET 83  81  81  MET MET A . n 
A 1 84  PRO 84  82  82  PRO PRO A . n 
A 1 85  PHE 85  83  83  PHE PHE A . n 
A 1 86  GLN 86  84  84  GLN GLN A . n 
A 1 87  ASP 87  85  85  ASP ASP A . n 
A 1 88  GLY 88  86  86  GLY GLY A . n 
A 1 89  GLN 89  87  87  GLN GLN A . n 
A 1 90  GLU 90  88  88  GLU GLU A . n 
A 1 91  PHE 91  89  89  PHE PHE A . n 
A 1 92  GLU 92  90  90  GLU GLU A . n 
A 1 93  LEU 93  91  91  LEU LEU A . n 
A 1 94  SER 94  92  92  SER SER A . n 
A 1 95  ILE 95  93  93  ILE ILE A . n 
A 1 96  SER 96  94  94  SER SER A . n 
A 1 97  VAL 97  95  95  VAL VAL A . n 
A 1 98  LEU 98  96  96  LEU LEU A . n 
A 1 99  PRO 99  97  97  PRO PRO A . n 
A 1 100 ASP 100 98  98  ASP ASP A . n 
A 1 101 LYS 101 99  99  LYS LYS A . n 
A 1 102 TYR 102 100 100 TYR TYR A . n 
A 1 103 GLN 103 101 101 GLN GLN A . n 
A 1 104 VAL 104 102 102 VAL VAL A . n 
A 1 105 MET 105 103 103 MET MET A . n 
A 1 106 VAL 106 104 104 VAL VAL A . n 
A 1 107 ASN 107 105 105 ASN ASN A . n 
A 1 108 GLY 108 106 106 GLY GLY A . n 
A 1 109 GLN 109 107 107 GLN GLN A . n 
A 1 110 SER 110 108 108 SER SER A . n 
A 1 111 SER 111 109 109 SER SER A . n 
A 1 112 TYR 112 110 110 TYR TYR A . n 
A 1 113 THR 113 111 111 THR THR A . n 
A 1 114 PHE 114 112 112 PHE PHE A . n 
A 1 115 ASP 115 113 113 ASP ASP A . n 
A 1 116 HIS 116 114 114 HIS HIS A . n 
A 1 117 ARG 117 115 115 ARG ARG A . n 
A 1 118 ILE 118 116 116 ILE ILE A . n 
A 1 119 LYS 119 117 117 LYS LYS A . n 
A 1 120 PRO 120 118 118 PRO PRO A . n 
A 1 121 GLU 121 119 119 GLU GLU A . n 
A 1 122 ALA 122 120 120 ALA ALA A . n 
A 1 123 VAL 123 121 121 VAL VAL A . n 
A 1 124 LYS 124 122 122 LYS LYS A . n 
A 1 125 MET 125 123 123 MET MET A . n 
A 1 126 VAL 126 124 124 VAL VAL A . n 
A 1 127 GLN 127 125 125 GLN GLN A . n 
A 1 128 VAL 128 126 126 VAL VAL A . n 
A 1 129 TRP 129 127 127 TRP TRP A . n 
A 1 130 ARG 130 128 128 ARG ARG A . n 
A 1 131 ASP 131 129 129 ASP ASP A . n 
A 1 132 ILE 132 130 130 ILE ILE A . n 
A 1 133 SER 133 131 131 SER SER A . n 
A 1 134 LEU 134 132 132 LEU LEU A . n 
A 1 135 THR 135 133 133 THR THR A . n 
A 1 136 LYS 136 134 134 LYS LYS A . n 
A 1 137 PHE 137 135 135 PHE PHE A . n 
A 1 138 ASN 138 136 136 ASN ASN A . n 
A 1 139 VAL 139 137 137 VAL VAL A . n 
A 1 140 SER 140 138 138 SER SER A . n 
A 1 141 TYR 141 139 139 TYR TYR A . n 
A 1 142 LEU 142 140 140 LEU LEU A . n 
A 1 143 LYS 143 141 141 LYS LYS A . n 
A 1 144 ARG 144 142 142 ARG ARG A . n 
# 
loop_
_pdbx_nonpoly_scheme.asym_id 
_pdbx_nonpoly_scheme.entity_id 
_pdbx_nonpoly_scheme.mon_id 
_pdbx_nonpoly_scheme.ndb_seq_num 
_pdbx_nonpoly_scheme.pdb_seq_num 
_pdbx_nonpoly_scheme.auth_seq_num 
_pdbx_nonpoly_scheme.pdb_mon_id 
_pdbx_nonpoly_scheme.auth_mon_id 
_pdbx_nonpoly_scheme.pdb_strand_id 
_pdbx_nonpoly_scheme.pdb_ins_code 
B 2 BMA 1  201 201 BMA BMA A . 
C 3 HOH 1  301 65  HOH HOH A . 
C 3 HOH 2  302 2   HOH HOH A . 
C 3 HOH 3  303 43  HOH HOH A . 
C 3 HOH 4  304 80  HOH HOH A . 
C 3 HOH 5  305 58  HOH HOH A . 
C 3 HOH 6  306 81  HOH HOH A . 
C 3 HOH 7  307 82  HOH HOH A . 
C 3 HOH 8  308 39  HOH HOH A . 
C 3 HOH 9  309 17  HOH HOH A . 
C 3 HOH 10 310 19  HOH HOH A . 
C 3 HOH 11 311 34  HOH HOH A . 
C 3 HOH 12 312 18  HOH HOH A . 
C 3 HOH 13 313 41  HOH HOH A . 
C 3 HOH 14 314 31  HOH HOH A . 
C 3 HOH 15 315 60  HOH HOH A . 
C 3 HOH 16 316 59  HOH HOH A . 
C 3 HOH 17 317 46  HOH HOH A . 
C 3 HOH 18 318 3   HOH HOH A . 
C 3 HOH 19 319 11  HOH HOH A . 
C 3 HOH 20 320 13  HOH HOH A . 
C 3 HOH 21 321 30  HOH HOH A . 
C 3 HOH 22 322 6   HOH HOH A . 
C 3 HOH 23 323 33  HOH HOH A . 
C 3 HOH 24 324 56  HOH HOH A . 
C 3 HOH 25 325 21  HOH HOH A . 
C 3 HOH 26 326 79  HOH HOH A . 
C 3 HOH 27 327 26  HOH HOH A . 
C 3 HOH 28 328 42  HOH HOH A . 
C 3 HOH 29 329 28  HOH HOH A . 
C 3 HOH 30 330 40  HOH HOH A . 
C 3 HOH 31 331 55  HOH HOH A . 
C 3 HOH 32 332 45  HOH HOH A . 
C 3 HOH 33 333 70  HOH HOH A . 
C 3 HOH 34 334 20  HOH HOH A . 
C 3 HOH 35 335 35  HOH HOH A . 
C 3 HOH 36 336 71  HOH HOH A . 
C 3 HOH 37 337 38  HOH HOH A . 
C 3 HOH 38 338 48  HOH HOH A . 
C 3 HOH 39 339 83  HOH HOH A . 
C 3 HOH 40 340 53  HOH HOH A . 
C 3 HOH 41 341 7   HOH HOH A . 
C 3 HOH 42 342 69  HOH HOH A . 
C 3 HOH 43 343 9   HOH HOH A . 
C 3 HOH 44 344 24  HOH HOH A . 
C 3 HOH 45 345 36  HOH HOH A . 
C 3 HOH 46 346 64  HOH HOH A . 
C 3 HOH 47 347 29  HOH HOH A . 
C 3 HOH 48 348 5   HOH HOH A . 
C 3 HOH 49 349 32  HOH HOH A . 
C 3 HOH 50 350 72  HOH HOH A . 
C 3 HOH 51 351 12  HOH HOH A . 
C 3 HOH 52 352 84  HOH HOH A . 
C 3 HOH 53 353 22  HOH HOH A . 
C 3 HOH 54 354 25  HOH HOH A . 
C 3 HOH 55 355 10  HOH HOH A . 
C 3 HOH 56 356 54  HOH HOH A . 
C 3 HOH 57 357 4   HOH HOH A . 
C 3 HOH 58 358 14  HOH HOH A . 
C 3 HOH 59 359 44  HOH HOH A . 
C 3 HOH 60 360 15  HOH HOH A . 
C 3 HOH 61 361 47  HOH HOH A . 
C 3 HOH 62 362 73  HOH HOH A . 
C 3 HOH 63 363 16  HOH HOH A . 
C 3 HOH 64 364 75  HOH HOH A . 
C 3 HOH 65 365 67  HOH HOH A . 
C 3 HOH 66 366 57  HOH HOH A . 
C 3 HOH 67 367 1   HOH HOH A . 
C 3 HOH 68 368 77  HOH HOH A . 
C 3 HOH 69 369 74  HOH HOH A . 
C 3 HOH 70 370 68  HOH HOH A . 
C 3 HOH 71 371 76  HOH HOH A . 
C 3 HOH 72 372 8   HOH HOH A . 
C 3 HOH 73 373 52  HOH HOH A . 
C 3 HOH 74 374 51  HOH HOH A . 
C 3 HOH 75 375 63  HOH HOH A . 
C 3 HOH 76 376 37  HOH HOH A . 
C 3 HOH 77 377 66  HOH HOH A . 
C 3 HOH 78 378 50  HOH HOH A . 
C 3 HOH 79 379 78  HOH HOH A . 
C 3 HOH 80 380 62  HOH HOH A . 
C 3 HOH 81 381 23  HOH HOH A . 
C 3 HOH 82 382 49  HOH HOH A . 
C 3 HOH 83 383 61  HOH HOH A . 
C 3 HOH 84 384 27  HOH HOH A . 
C 3 HOH 85 385 85  HOH HOH A . 
# 
_pdbx_struct_assembly.id                   1 
_pdbx_struct_assembly.details              author_defined_assembly 
_pdbx_struct_assembly.method_details       ? 
_pdbx_struct_assembly.oligomeric_details   dimeric 
_pdbx_struct_assembly.oligomeric_count     2 
# 
loop_
_pdbx_struct_assembly_gen.assembly_id 
_pdbx_struct_assembly_gen.oper_expression 
_pdbx_struct_assembly_gen.asym_id_list 
1 1 A,B,C 
1 2 A,B,C 
# 
loop_
_pdbx_struct_oper_list.id 
_pdbx_struct_oper_list.type 
_pdbx_struct_oper_list.name 
_pdbx_struct_oper_list.symmetry_operation 
_pdbx_struct_oper_list.matrix[1][1] 
_pdbx_struct_oper_list.matrix[1][2] 
_pdbx_struct_oper_list.matrix[1][3] 
_pdbx_struct_oper_list.vector[1] 
_pdbx_struct_oper_list.matrix[2][1] 
_pdbx_struct_oper_list.matrix[2][2] 
_pdbx_struct_oper_list.matrix[2][3] 
_pdbx_struct_oper_list.vector[2] 
_pdbx_struct_oper_list.matrix[3][1] 
_pdbx_struct_oper_list.matrix[3][2] 
_pdbx_struct_oper_list.matrix[3][3] 
_pdbx_struct_oper_list.vector[3] 
1 'identity operation'         1_555  x,y,z         1.0000000000  0.0000000000  0.0000000000  0.0000000000   0.0000000000  1.0000000000  0.0000000000 0.0000000000  0.0000000000  0.0000000000 1.0000000000 0.0000000000   
2 'crystal symmetry operation' 11_555 -x+y,y,-z+1/2 -0.8355802338 -0.2583343822 -0.4848391690 -10.4155836798 -0.2583343822 -0.5941080894 0.7617735392 21.8002831667 -0.4848391690 0.7617735392 0.4296883232 -15.1478902417 
# 
loop_
_pdbx_struct_special_symmetry.id 
_pdbx_struct_special_symmetry.PDB_model_num 
_pdbx_struct_special_symmetry.auth_asym_id 
_pdbx_struct_special_symmetry.auth_comp_id 
_pdbx_struct_special_symmetry.auth_seq_id 
_pdbx_struct_special_symmetry.PDB_ins_code 
_pdbx_struct_special_symmetry.label_asym_id 
_pdbx_struct_special_symmetry.label_comp_id 
_pdbx_struct_special_symmetry.label_seq_id 
1 1 A HOH 356 ? C HOH . 
2 1 A HOH 367 ? C HOH . 
# 
loop_
_pdbx_audit_revision_history.ordinal 
_pdbx_audit_revision_history.data_content_type 
_pdbx_audit_revision_history.major_revision 
_pdbx_audit_revision_history.minor_revision 
_pdbx_audit_revision_history.revision_date 
1 'Structure model' 1 0 2020-03-04 
2 'Structure model' 1 1 2020-07-29 
3 'Structure model' 1 2 2023-11-22 
# 
loop_
_pdbx_audit_revision_details.ordinal 
_pdbx_audit_revision_details.revision_ordinal 
_pdbx_audit_revision_details.data_content_type 
_pdbx_audit_revision_details.provider 
_pdbx_audit_revision_details.type 
_pdbx_audit_revision_details.description 
_pdbx_audit_revision_details.details 
1 1 'Structure model' repository 'Initial release' ?                          ? 
2 2 'Structure model' repository Remediation       'Carbohydrate remediation' ? 
# 
loop_
_pdbx_audit_revision_group.ordinal 
_pdbx_audit_revision_group.revision_ordinal 
_pdbx_audit_revision_group.data_content_type 
_pdbx_audit_revision_group.group 
1 2 'Structure model' 'Data collection'        
2 2 'Structure model' 'Derived calculations'   
3 2 'Structure model' 'Structure summary'      
4 3 'Structure model' 'Data collection'        
5 3 'Structure model' 'Database references'    
6 3 'Structure model' 'Derived calculations'   
7 3 'Structure model' 'Refinement description' 
8 3 'Structure model' 'Structure summary'      
# 
loop_
_pdbx_audit_revision_category.ordinal 
_pdbx_audit_revision_category.revision_ordinal 
_pdbx_audit_revision_category.data_content_type 
_pdbx_audit_revision_category.category 
1  2 'Structure model' chem_comp                     
2  2 'Structure model' entity                        
3  2 'Structure model' pdbx_chem_comp_identifier     
4  2 'Structure model' pdbx_entity_nonpoly           
5  3 'Structure model' atom_type                     
6  3 'Structure model' chem_comp                     
7  3 'Structure model' chem_comp_atom                
8  3 'Structure model' chem_comp_bond                
9  3 'Structure model' database_2                    
10 3 'Structure model' pdbx_initial_refinement_model 
# 
loop_
_pdbx_audit_revision_item.ordinal 
_pdbx_audit_revision_item.revision_ordinal 
_pdbx_audit_revision_item.data_content_type 
_pdbx_audit_revision_item.item 
1 2 'Structure model' '_chem_comp.name'                     
2 2 'Structure model' '_entity.pdbx_description'            
3 2 'Structure model' '_pdbx_entity_nonpoly.name'           
4 3 'Structure model' '_atom_type.pdbx_N_electrons'         
5 3 'Structure model' '_atom_type.pdbx_scat_Z'              
6 3 'Structure model' '_chem_comp.pdbx_synonyms'            
7 3 'Structure model' '_database_2.pdbx_DOI'                
8 3 'Structure model' '_database_2.pdbx_database_accession' 
# 
loop_
_software.citation_id 
_software.classification 
_software.compiler_name 
_software.compiler_version 
_software.contact_author 
_software.contact_author_email 
_software.date 
_software.description 
_software.dependencies 
_software.hardware 
_software.language 
_software.location 
_software.mods 
_software.name 
_software.os 
_software.os_version 
_software.type 
_software.version 
_software.pdbx_ordinal 
? refinement       ? ? ? ? ? ? ? ? ? ? ? REFMAC ? ? ? 5.8.0253 1 
? 'data reduction' ? ? ? ? ? ? ? ? ? ? ? XDS    ? ? ? .        2 
? 'data scaling'   ? ? ? ? ? ? ? ? ? ? ? XDS    ? ? ? .        3 
? phasing          ? ? ? ? ? ? ? ? ? ? ? MOLREP ? ? ? .        4 
# 
_pdbx_entry_details.entry_id                 6L6A 
_pdbx_entry_details.has_ligand_of_interest   Y 
_pdbx_entry_details.compound_details         ? 
_pdbx_entry_details.source_details           ? 
_pdbx_entry_details.nonpolymer_details       ? 
_pdbx_entry_details.sequence_details         ? 
# 
loop_
_pdbx_validate_torsion.id 
_pdbx_validate_torsion.PDB_model_num 
_pdbx_validate_torsion.auth_comp_id 
_pdbx_validate_torsion.auth_asym_id 
_pdbx_validate_torsion.auth_seq_id 
_pdbx_validate_torsion.PDB_ins_code 
_pdbx_validate_torsion.label_alt_id 
_pdbx_validate_torsion.phi 
_pdbx_validate_torsion.psi 
1 1 ARG A 60  ? ? -126.09 -68.67  
2 1 LYS A 73  ? ? -99.04  -146.80 
3 1 SER A 109 ? ? -130.33 -34.13  
4 1 ARG A 128 ? ? 84.27   -148.27 
5 1 ASP A 129 ? ? -94.02  57.94   
# 
loop_
_pdbx_unobs_or_zero_occ_residues.id 
_pdbx_unobs_or_zero_occ_residues.PDB_model_num 
_pdbx_unobs_or_zero_occ_residues.polymer_flag 
_pdbx_unobs_or_zero_occ_residues.occupancy_flag 
_pdbx_unobs_or_zero_occ_residues.auth_asym_id 
_pdbx_unobs_or_zero_occ_residues.auth_comp_id 
_pdbx_unobs_or_zero_occ_residues.auth_seq_id 
_pdbx_unobs_or_zero_occ_residues.PDB_ins_code 
_pdbx_unobs_or_zero_occ_residues.label_asym_id 
_pdbx_unobs_or_zero_occ_residues.label_comp_id 
_pdbx_unobs_or_zero_occ_residues.label_seq_id 
1 1 Y 1 A GLY -1 ? A GLY 1 
2 1 Y 1 A SER 0  ? A SER 2 
# 
loop_
_chem_comp_atom.comp_id 
_chem_comp_atom.atom_id 
_chem_comp_atom.type_symbol 
_chem_comp_atom.pdbx_aromatic_flag 
_chem_comp_atom.pdbx_stereo_config 
_chem_comp_atom.pdbx_ordinal 
ALA N    N N N 1   
ALA CA   C N S 2   
ALA C    C N N 3   
ALA O    O N N 4   
ALA CB   C N N 5   
ALA OXT  O N N 6   
ALA H    H N N 7   
ALA H2   H N N 8   
ALA HA   H N N 9   
ALA HB1  H N N 10  
ALA HB2  H N N 11  
ALA HB3  H N N 12  
ALA HXT  H N N 13  
ARG N    N N N 14  
ARG CA   C N S 15  
ARG C    C N N 16  
ARG O    O N N 17  
ARG CB   C N N 18  
ARG CG   C N N 19  
ARG CD   C N N 20  
ARG NE   N N N 21  
ARG CZ   C N N 22  
ARG NH1  N N N 23  
ARG NH2  N N N 24  
ARG OXT  O N N 25  
ARG H    H N N 26  
ARG H2   H N N 27  
ARG HA   H N N 28  
ARG HB2  H N N 29  
ARG HB3  H N N 30  
ARG HG2  H N N 31  
ARG HG3  H N N 32  
ARG HD2  H N N 33  
ARG HD3  H N N 34  
ARG HE   H N N 35  
ARG HH11 H N N 36  
ARG HH12 H N N 37  
ARG HH21 H N N 38  
ARG HH22 H N N 39  
ARG HXT  H N N 40  
ASN N    N N N 41  
ASN CA   C N S 42  
ASN C    C N N 43  
ASN O    O N N 44  
ASN CB   C N N 45  
ASN CG   C N N 46  
ASN OD1  O N N 47  
ASN ND2  N N N 48  
ASN OXT  O N N 49  
ASN H    H N N 50  
ASN H2   H N N 51  
ASN HA   H N N 52  
ASN HB2  H N N 53  
ASN HB3  H N N 54  
ASN HD21 H N N 55  
ASN HD22 H N N 56  
ASN HXT  H N N 57  
ASP N    N N N 58  
ASP CA   C N S 59  
ASP C    C N N 60  
ASP O    O N N 61  
ASP CB   C N N 62  
ASP CG   C N N 63  
ASP OD1  O N N 64  
ASP OD2  O N N 65  
ASP OXT  O N N 66  
ASP H    H N N 67  
ASP H2   H N N 68  
ASP HA   H N N 69  
ASP HB2  H N N 70  
ASP HB3  H N N 71  
ASP HD2  H N N 72  
ASP HXT  H N N 73  
BMA C1   C N R 74  
BMA C2   C N S 75  
BMA C3   C N S 76  
BMA C4   C N S 77  
BMA C5   C N R 78  
BMA C6   C N N 79  
BMA O1   O N N 80  
BMA O2   O N N 81  
BMA O3   O N N 82  
BMA O4   O N N 83  
BMA O5   O N N 84  
BMA O6   O N N 85  
BMA H1   H N N 86  
BMA H2   H N N 87  
BMA H3   H N N 88  
BMA H4   H N N 89  
BMA H5   H N N 90  
BMA H61  H N N 91  
BMA H62  H N N 92  
BMA HO1  H N N 93  
BMA HO2  H N N 94  
BMA HO3  H N N 95  
BMA HO4  H N N 96  
BMA HO6  H N N 97  
CYS N    N N N 98  
CYS CA   C N R 99  
CYS C    C N N 100 
CYS O    O N N 101 
CYS CB   C N N 102 
CYS SG   S N N 103 
CYS OXT  O N N 104 
CYS H    H N N 105 
CYS H2   H N N 106 
CYS HA   H N N 107 
CYS HB2  H N N 108 
CYS HB3  H N N 109 
CYS HG   H N N 110 
CYS HXT  H N N 111 
GLN N    N N N 112 
GLN CA   C N S 113 
GLN C    C N N 114 
GLN O    O N N 115 
GLN CB   C N N 116 
GLN CG   C N N 117 
GLN CD   C N N 118 
GLN OE1  O N N 119 
GLN NE2  N N N 120 
GLN OXT  O N N 121 
GLN H    H N N 122 
GLN H2   H N N 123 
GLN HA   H N N 124 
GLN HB2  H N N 125 
GLN HB3  H N N 126 
GLN HG2  H N N 127 
GLN HG3  H N N 128 
GLN HE21 H N N 129 
GLN HE22 H N N 130 
GLN HXT  H N N 131 
GLU N    N N N 132 
GLU CA   C N S 133 
GLU C    C N N 134 
GLU O    O N N 135 
GLU CB   C N N 136 
GLU CG   C N N 137 
GLU CD   C N N 138 
GLU OE1  O N N 139 
GLU OE2  O N N 140 
GLU OXT  O N N 141 
GLU H    H N N 142 
GLU H2   H N N 143 
GLU HA   H N N 144 
GLU HB2  H N N 145 
GLU HB3  H N N 146 
GLU HG2  H N N 147 
GLU HG3  H N N 148 
GLU HE2  H N N 149 
GLU HXT  H N N 150 
GLY N    N N N 151 
GLY CA   C N N 152 
GLY C    C N N 153 
GLY O    O N N 154 
GLY OXT  O N N 155 
GLY H    H N N 156 
GLY H2   H N N 157 
GLY HA2  H N N 158 
GLY HA3  H N N 159 
GLY HXT  H N N 160 
HIS N    N N N 161 
HIS CA   C N S 162 
HIS C    C N N 163 
HIS O    O N N 164 
HIS CB   C N N 165 
HIS CG   C Y N 166 
HIS ND1  N Y N 167 
HIS CD2  C Y N 168 
HIS CE1  C Y N 169 
HIS NE2  N Y N 170 
HIS OXT  O N N 171 
HIS H    H N N 172 
HIS H2   H N N 173 
HIS HA   H N N 174 
HIS HB2  H N N 175 
HIS HB3  H N N 176 
HIS HD1  H N N 177 
HIS HD2  H N N 178 
HIS HE1  H N N 179 
HIS HE2  H N N 180 
HIS HXT  H N N 181 
HOH O    O N N 182 
HOH H1   H N N 183 
HOH H2   H N N 184 
ILE N    N N N 185 
ILE CA   C N S 186 
ILE C    C N N 187 
ILE O    O N N 188 
ILE CB   C N S 189 
ILE CG1  C N N 190 
ILE CG2  C N N 191 
ILE CD1  C N N 192 
ILE OXT  O N N 193 
ILE H    H N N 194 
ILE H2   H N N 195 
ILE HA   H N N 196 
ILE HB   H N N 197 
ILE HG12 H N N 198 
ILE HG13 H N N 199 
ILE HG21 H N N 200 
ILE HG22 H N N 201 
ILE HG23 H N N 202 
ILE HD11 H N N 203 
ILE HD12 H N N 204 
ILE HD13 H N N 205 
ILE HXT  H N N 206 
LEU N    N N N 207 
LEU CA   C N S 208 
LEU C    C N N 209 
LEU O    O N N 210 
LEU CB   C N N 211 
LEU CG   C N N 212 
LEU CD1  C N N 213 
LEU CD2  C N N 214 
LEU OXT  O N N 215 
LEU H    H N N 216 
LEU H2   H N N 217 
LEU HA   H N N 218 
LEU HB2  H N N 219 
LEU HB3  H N N 220 
LEU HG   H N N 221 
LEU HD11 H N N 222 
LEU HD12 H N N 223 
LEU HD13 H N N 224 
LEU HD21 H N N 225 
LEU HD22 H N N 226 
LEU HD23 H N N 227 
LEU HXT  H N N 228 
LYS N    N N N 229 
LYS CA   C N S 230 
LYS C    C N N 231 
LYS O    O N N 232 
LYS CB   C N N 233 
LYS CG   C N N 234 
LYS CD   C N N 235 
LYS CE   C N N 236 
LYS NZ   N N N 237 
LYS OXT  O N N 238 
LYS H    H N N 239 
LYS H2   H N N 240 
LYS HA   H N N 241 
LYS HB2  H N N 242 
LYS HB3  H N N 243 
LYS HG2  H N N 244 
LYS HG3  H N N 245 
LYS HD2  H N N 246 
LYS HD3  H N N 247 
LYS HE2  H N N 248 
LYS HE3  H N N 249 
LYS HZ1  H N N 250 
LYS HZ2  H N N 251 
LYS HZ3  H N N 252 
LYS HXT  H N N 253 
MET N    N N N 254 
MET CA   C N S 255 
MET C    C N N 256 
MET O    O N N 257 
MET CB   C N N 258 
MET CG   C N N 259 
MET SD   S N N 260 
MET CE   C N N 261 
MET OXT  O N N 262 
MET H    H N N 263 
MET H2   H N N 264 
MET HA   H N N 265 
MET HB2  H N N 266 
MET HB3  H N N 267 
MET HG2  H N N 268 
MET HG3  H N N 269 
MET HE1  H N N 270 
MET HE2  H N N 271 
MET HE3  H N N 272 
MET HXT  H N N 273 
PHE N    N N N 274 
PHE CA   C N S 275 
PHE C    C N N 276 
PHE O    O N N 277 
PHE CB   C N N 278 
PHE CG   C Y N 279 
PHE CD1  C Y N 280 
PHE CD2  C Y N 281 
PHE CE1  C Y N 282 
PHE CE2  C Y N 283 
PHE CZ   C Y N 284 
PHE OXT  O N N 285 
PHE H    H N N 286 
PHE H2   H N N 287 
PHE HA   H N N 288 
PHE HB2  H N N 289 
PHE HB3  H N N 290 
PHE HD1  H N N 291 
PHE HD2  H N N 292 
PHE HE1  H N N 293 
PHE HE2  H N N 294 
PHE HZ   H N N 295 
PHE HXT  H N N 296 
PRO N    N N N 297 
PRO CA   C N S 298 
PRO C    C N N 299 
PRO O    O N N 300 
PRO CB   C N N 301 
PRO CG   C N N 302 
PRO CD   C N N 303 
PRO OXT  O N N 304 
PRO H    H N N 305 
PRO HA   H N N 306 
PRO HB2  H N N 307 
PRO HB3  H N N 308 
PRO HG2  H N N 309 
PRO HG3  H N N 310 
PRO HD2  H N N 311 
PRO HD3  H N N 312 
PRO HXT  H N N 313 
SER N    N N N 314 
SER CA   C N S 315 
SER C    C N N 316 
SER O    O N N 317 
SER CB   C N N 318 
SER OG   O N N 319 
SER OXT  O N N 320 
SER H    H N N 321 
SER H2   H N N 322 
SER HA   H N N 323 
SER HB2  H N N 324 
SER HB3  H N N 325 
SER HG   H N N 326 
SER HXT  H N N 327 
THR N    N N N 328 
THR CA   C N S 329 
THR C    C N N 330 
THR O    O N N 331 
THR CB   C N R 332 
THR OG1  O N N 333 
THR CG2  C N N 334 
THR OXT  O N N 335 
THR H    H N N 336 
THR H2   H N N 337 
THR HA   H N N 338 
THR HB   H N N 339 
THR HG1  H N N 340 
THR HG21 H N N 341 
THR HG22 H N N 342 
THR HG23 H N N 343 
THR HXT  H N N 344 
TRP N    N N N 345 
TRP CA   C N S 346 
TRP C    C N N 347 
TRP O    O N N 348 
TRP CB   C N N 349 
TRP CG   C Y N 350 
TRP CD1  C Y N 351 
TRP CD2  C Y N 352 
TRP NE1  N Y N 353 
TRP CE2  C Y N 354 
TRP CE3  C Y N 355 
TRP CZ2  C Y N 356 
TRP CZ3  C Y N 357 
TRP CH2  C Y N 358 
TRP OXT  O N N 359 
TRP H    H N N 360 
TRP H2   H N N 361 
TRP HA   H N N 362 
TRP HB2  H N N 363 
TRP HB3  H N N 364 
TRP HD1  H N N 365 
TRP HE1  H N N 366 
TRP HE3  H N N 367 
TRP HZ2  H N N 368 
TRP HZ3  H N N 369 
TRP HH2  H N N 370 
TRP HXT  H N N 371 
TYR N    N N N 372 
TYR CA   C N S 373 
TYR C    C N N 374 
TYR O    O N N 375 
TYR CB   C N N 376 
TYR CG   C Y N 377 
TYR CD1  C Y N 378 
TYR CD2  C Y N 379 
TYR CE1  C Y N 380 
TYR CE2  C Y N 381 
TYR CZ   C Y N 382 
TYR OH   O N N 383 
TYR OXT  O N N 384 
TYR H    H N N 385 
TYR H2   H N N 386 
TYR HA   H N N 387 
TYR HB2  H N N 388 
TYR HB3  H N N 389 
TYR HD1  H N N 390 
TYR HD2  H N N 391 
TYR HE1  H N N 392 
TYR HE2  H N N 393 
TYR HH   H N N 394 
TYR HXT  H N N 395 
VAL N    N N N 396 
VAL CA   C N S 397 
VAL C    C N N 398 
VAL O    O N N 399 
VAL CB   C N N 400 
VAL CG1  C N N 401 
VAL CG2  C N N 402 
VAL OXT  O N N 403 
VAL H    H N N 404 
VAL H2   H N N 405 
VAL HA   H N N 406 
VAL HB   H N N 407 
VAL HG11 H N N 408 
VAL HG12 H N N 409 
VAL HG13 H N N 410 
VAL HG21 H N N 411 
VAL HG22 H N N 412 
VAL HG23 H N N 413 
VAL HXT  H N N 414 
# 
loop_
_chem_comp_bond.comp_id 
_chem_comp_bond.atom_id_1 
_chem_comp_bond.atom_id_2 
_chem_comp_bond.value_order 
_chem_comp_bond.pdbx_aromatic_flag 
_chem_comp_bond.pdbx_stereo_config 
_chem_comp_bond.pdbx_ordinal 
ALA N   CA   sing N N 1   
ALA N   H    sing N N 2   
ALA N   H2   sing N N 3   
ALA CA  C    sing N N 4   
ALA CA  CB   sing N N 5   
ALA CA  HA   sing N N 6   
ALA C   O    doub N N 7   
ALA C   OXT  sing N N 8   
ALA CB  HB1  sing N N 9   
ALA CB  HB2  sing N N 10  
ALA CB  HB3  sing N N 11  
ALA OXT HXT  sing N N 12  
ARG N   CA   sing N N 13  
ARG N   H    sing N N 14  
ARG N   H2   sing N N 15  
ARG CA  C    sing N N 16  
ARG CA  CB   sing N N 17  
ARG CA  HA   sing N N 18  
ARG C   O    doub N N 19  
ARG C   OXT  sing N N 20  
ARG CB  CG   sing N N 21  
ARG CB  HB2  sing N N 22  
ARG CB  HB3  sing N N 23  
ARG CG  CD   sing N N 24  
ARG CG  HG2  sing N N 25  
ARG CG  HG3  sing N N 26  
ARG CD  NE   sing N N 27  
ARG CD  HD2  sing N N 28  
ARG CD  HD3  sing N N 29  
ARG NE  CZ   sing N N 30  
ARG NE  HE   sing N N 31  
ARG CZ  NH1  sing N N 32  
ARG CZ  NH2  doub N N 33  
ARG NH1 HH11 sing N N 34  
ARG NH1 HH12 sing N N 35  
ARG NH2 HH21 sing N N 36  
ARG NH2 HH22 sing N N 37  
ARG OXT HXT  sing N N 38  
ASN N   CA   sing N N 39  
ASN N   H    sing N N 40  
ASN N   H2   sing N N 41  
ASN CA  C    sing N N 42  
ASN CA  CB   sing N N 43  
ASN CA  HA   sing N N 44  
ASN C   O    doub N N 45  
ASN C   OXT  sing N N 46  
ASN CB  CG   sing N N 47  
ASN CB  HB2  sing N N 48  
ASN CB  HB3  sing N N 49  
ASN CG  OD1  doub N N 50  
ASN CG  ND2  sing N N 51  
ASN ND2 HD21 sing N N 52  
ASN ND2 HD22 sing N N 53  
ASN OXT HXT  sing N N 54  
ASP N   CA   sing N N 55  
ASP N   H    sing N N 56  
ASP N   H2   sing N N 57  
ASP CA  C    sing N N 58  
ASP CA  CB   sing N N 59  
ASP CA  HA   sing N N 60  
ASP C   O    doub N N 61  
ASP C   OXT  sing N N 62  
ASP CB  CG   sing N N 63  
ASP CB  HB2  sing N N 64  
ASP CB  HB3  sing N N 65  
ASP CG  OD1  doub N N 66  
ASP CG  OD2  sing N N 67  
ASP OD2 HD2  sing N N 68  
ASP OXT HXT  sing N N 69  
BMA C1  C2   sing N N 70  
BMA C1  O1   sing N N 71  
BMA C1  O5   sing N N 72  
BMA C1  H1   sing N N 73  
BMA C2  C3   sing N N 74  
BMA C2  O2   sing N N 75  
BMA C2  H2   sing N N 76  
BMA C3  C4   sing N N 77  
BMA C3  O3   sing N N 78  
BMA C3  H3   sing N N 79  
BMA C4  C5   sing N N 80  
BMA C4  O4   sing N N 81  
BMA C4  H4   sing N N 82  
BMA C5  C6   sing N N 83  
BMA C5  O5   sing N N 84  
BMA C5  H5   sing N N 85  
BMA C6  O6   sing N N 86  
BMA C6  H61  sing N N 87  
BMA C6  H62  sing N N 88  
BMA O1  HO1  sing N N 89  
BMA O2  HO2  sing N N 90  
BMA O3  HO3  sing N N 91  
BMA O4  HO4  sing N N 92  
BMA O6  HO6  sing N N 93  
CYS N   CA   sing N N 94  
CYS N   H    sing N N 95  
CYS N   H2   sing N N 96  
CYS CA  C    sing N N 97  
CYS CA  CB   sing N N 98  
CYS CA  HA   sing N N 99  
CYS C   O    doub N N 100 
CYS C   OXT  sing N N 101 
CYS CB  SG   sing N N 102 
CYS CB  HB2  sing N N 103 
CYS CB  HB3  sing N N 104 
CYS SG  HG   sing N N 105 
CYS OXT HXT  sing N N 106 
GLN N   CA   sing N N 107 
GLN N   H    sing N N 108 
GLN N   H2   sing N N 109 
GLN CA  C    sing N N 110 
GLN CA  CB   sing N N 111 
GLN CA  HA   sing N N 112 
GLN C   O    doub N N 113 
GLN C   OXT  sing N N 114 
GLN CB  CG   sing N N 115 
GLN CB  HB2  sing N N 116 
GLN CB  HB3  sing N N 117 
GLN CG  CD   sing N N 118 
GLN CG  HG2  sing N N 119 
GLN CG  HG3  sing N N 120 
GLN CD  OE1  doub N N 121 
GLN CD  NE2  sing N N 122 
GLN NE2 HE21 sing N N 123 
GLN NE2 HE22 sing N N 124 
GLN OXT HXT  sing N N 125 
GLU N   CA   sing N N 126 
GLU N   H    sing N N 127 
GLU N   H2   sing N N 128 
GLU CA  C    sing N N 129 
GLU CA  CB   sing N N 130 
GLU CA  HA   sing N N 131 
GLU C   O    doub N N 132 
GLU C   OXT  sing N N 133 
GLU CB  CG   sing N N 134 
GLU CB  HB2  sing N N 135 
GLU CB  HB3  sing N N 136 
GLU CG  CD   sing N N 137 
GLU CG  HG2  sing N N 138 
GLU CG  HG3  sing N N 139 
GLU CD  OE1  doub N N 140 
GLU CD  OE2  sing N N 141 
GLU OE2 HE2  sing N N 142 
GLU OXT HXT  sing N N 143 
GLY N   CA   sing N N 144 
GLY N   H    sing N N 145 
GLY N   H2   sing N N 146 
GLY CA  C    sing N N 147 
GLY CA  HA2  sing N N 148 
GLY CA  HA3  sing N N 149 
GLY C   O    doub N N 150 
GLY C   OXT  sing N N 151 
GLY OXT HXT  sing N N 152 
HIS N   CA   sing N N 153 
HIS N   H    sing N N 154 
HIS N   H2   sing N N 155 
HIS CA  C    sing N N 156 
HIS CA  CB   sing N N 157 
HIS CA  HA   sing N N 158 
HIS C   O    doub N N 159 
HIS C   OXT  sing N N 160 
HIS CB  CG   sing N N 161 
HIS CB  HB2  sing N N 162 
HIS CB  HB3  sing N N 163 
HIS CG  ND1  sing Y N 164 
HIS CG  CD2  doub Y N 165 
HIS ND1 CE1  doub Y N 166 
HIS ND1 HD1  sing N N 167 
HIS CD2 NE2  sing Y N 168 
HIS CD2 HD2  sing N N 169 
HIS CE1 NE2  sing Y N 170 
HIS CE1 HE1  sing N N 171 
HIS NE2 HE2  sing N N 172 
HIS OXT HXT  sing N N 173 
HOH O   H1   sing N N 174 
HOH O   H2   sing N N 175 
ILE N   CA   sing N N 176 
ILE N   H    sing N N 177 
ILE N   H2   sing N N 178 
ILE CA  C    sing N N 179 
ILE CA  CB   sing N N 180 
ILE CA  HA   sing N N 181 
ILE C   O    doub N N 182 
ILE C   OXT  sing N N 183 
ILE CB  CG1  sing N N 184 
ILE CB  CG2  sing N N 185 
ILE CB  HB   sing N N 186 
ILE CG1 CD1  sing N N 187 
ILE CG1 HG12 sing N N 188 
ILE CG1 HG13 sing N N 189 
ILE CG2 HG21 sing N N 190 
ILE CG2 HG22 sing N N 191 
ILE CG2 HG23 sing N N 192 
ILE CD1 HD11 sing N N 193 
ILE CD1 HD12 sing N N 194 
ILE CD1 HD13 sing N N 195 
ILE OXT HXT  sing N N 196 
LEU N   CA   sing N N 197 
LEU N   H    sing N N 198 
LEU N   H2   sing N N 199 
LEU CA  C    sing N N 200 
LEU CA  CB   sing N N 201 
LEU CA  HA   sing N N 202 
LEU C   O    doub N N 203 
LEU C   OXT  sing N N 204 
LEU CB  CG   sing N N 205 
LEU CB  HB2  sing N N 206 
LEU CB  HB3  sing N N 207 
LEU CG  CD1  sing N N 208 
LEU CG  CD2  sing N N 209 
LEU CG  HG   sing N N 210 
LEU CD1 HD11 sing N N 211 
LEU CD1 HD12 sing N N 212 
LEU CD1 HD13 sing N N 213 
LEU CD2 HD21 sing N N 214 
LEU CD2 HD22 sing N N 215 
LEU CD2 HD23 sing N N 216 
LEU OXT HXT  sing N N 217 
LYS N   CA   sing N N 218 
LYS N   H    sing N N 219 
LYS N   H2   sing N N 220 
LYS CA  C    sing N N 221 
LYS CA  CB   sing N N 222 
LYS CA  HA   sing N N 223 
LYS C   O    doub N N 224 
LYS C   OXT  sing N N 225 
LYS CB  CG   sing N N 226 
LYS CB  HB2  sing N N 227 
LYS CB  HB3  sing N N 228 
LYS CG  CD   sing N N 229 
LYS CG  HG2  sing N N 230 
LYS CG  HG3  sing N N 231 
LYS CD  CE   sing N N 232 
LYS CD  HD2  sing N N 233 
LYS CD  HD3  sing N N 234 
LYS CE  NZ   sing N N 235 
LYS CE  HE2  sing N N 236 
LYS CE  HE3  sing N N 237 
LYS NZ  HZ1  sing N N 238 
LYS NZ  HZ2  sing N N 239 
LYS NZ  HZ3  sing N N 240 
LYS OXT HXT  sing N N 241 
MET N   CA   sing N N 242 
MET N   H    sing N N 243 
MET N   H2   sing N N 244 
MET CA  C    sing N N 245 
MET CA  CB   sing N N 246 
MET CA  HA   sing N N 247 
MET C   O    doub N N 248 
MET C   OXT  sing N N 249 
MET CB  CG   sing N N 250 
MET CB  HB2  sing N N 251 
MET CB  HB3  sing N N 252 
MET CG  SD   sing N N 253 
MET CG  HG2  sing N N 254 
MET CG  HG3  sing N N 255 
MET SD  CE   sing N N 256 
MET CE  HE1  sing N N 257 
MET CE  HE2  sing N N 258 
MET CE  HE3  sing N N 259 
MET OXT HXT  sing N N 260 
PHE N   CA   sing N N 261 
PHE N   H    sing N N 262 
PHE N   H2   sing N N 263 
PHE CA  C    sing N N 264 
PHE CA  CB   sing N N 265 
PHE CA  HA   sing N N 266 
PHE C   O    doub N N 267 
PHE C   OXT  sing N N 268 
PHE CB  CG   sing N N 269 
PHE CB  HB2  sing N N 270 
PHE CB  HB3  sing N N 271 
PHE CG  CD1  doub Y N 272 
PHE CG  CD2  sing Y N 273 
PHE CD1 CE1  sing Y N 274 
PHE CD1 HD1  sing N N 275 
PHE CD2 CE2  doub Y N 276 
PHE CD2 HD2  sing N N 277 
PHE CE1 CZ   doub Y N 278 
PHE CE1 HE1  sing N N 279 
PHE CE2 CZ   sing Y N 280 
PHE CE2 HE2  sing N N 281 
PHE CZ  HZ   sing N N 282 
PHE OXT HXT  sing N N 283 
PRO N   CA   sing N N 284 
PRO N   CD   sing N N 285 
PRO N   H    sing N N 286 
PRO CA  C    sing N N 287 
PRO CA  CB   sing N N 288 
PRO CA  HA   sing N N 289 
PRO C   O    doub N N 290 
PRO C   OXT  sing N N 291 
PRO CB  CG   sing N N 292 
PRO CB  HB2  sing N N 293 
PRO CB  HB3  sing N N 294 
PRO CG  CD   sing N N 295 
PRO CG  HG2  sing N N 296 
PRO CG  HG3  sing N N 297 
PRO CD  HD2  sing N N 298 
PRO CD  HD3  sing N N 299 
PRO OXT HXT  sing N N 300 
SER N   CA   sing N N 301 
SER N   H    sing N N 302 
SER N   H2   sing N N 303 
SER CA  C    sing N N 304 
SER CA  CB   sing N N 305 
SER CA  HA   sing N N 306 
SER C   O    doub N N 307 
SER C   OXT  sing N N 308 
SER CB  OG   sing N N 309 
SER CB  HB2  sing N N 310 
SER CB  HB3  sing N N 311 
SER OG  HG   sing N N 312 
SER OXT HXT  sing N N 313 
THR N   CA   sing N N 314 
THR N   H    sing N N 315 
THR N   H2   sing N N 316 
THR CA  C    sing N N 317 
THR CA  CB   sing N N 318 
THR CA  HA   sing N N 319 
THR C   O    doub N N 320 
THR C   OXT  sing N N 321 
THR CB  OG1  sing N N 322 
THR CB  CG2  sing N N 323 
THR CB  HB   sing N N 324 
THR OG1 HG1  sing N N 325 
THR CG2 HG21 sing N N 326 
THR CG2 HG22 sing N N 327 
THR CG2 HG23 sing N N 328 
THR OXT HXT  sing N N 329 
TRP N   CA   sing N N 330 
TRP N   H    sing N N 331 
TRP N   H2   sing N N 332 
TRP CA  C    sing N N 333 
TRP CA  CB   sing N N 334 
TRP CA  HA   sing N N 335 
TRP C   O    doub N N 336 
TRP C   OXT  sing N N 337 
TRP CB  CG   sing N N 338 
TRP CB  HB2  sing N N 339 
TRP CB  HB3  sing N N 340 
TRP CG  CD1  doub Y N 341 
TRP CG  CD2  sing Y N 342 
TRP CD1 NE1  sing Y N 343 
TRP CD1 HD1  sing N N 344 
TRP CD2 CE2  doub Y N 345 
TRP CD2 CE3  sing Y N 346 
TRP NE1 CE2  sing Y N 347 
TRP NE1 HE1  sing N N 348 
TRP CE2 CZ2  sing Y N 349 
TRP CE3 CZ3  doub Y N 350 
TRP CE3 HE3  sing N N 351 
TRP CZ2 CH2  doub Y N 352 
TRP CZ2 HZ2  sing N N 353 
TRP CZ3 CH2  sing Y N 354 
TRP CZ3 HZ3  sing N N 355 
TRP CH2 HH2  sing N N 356 
TRP OXT HXT  sing N N 357 
TYR N   CA   sing N N 358 
TYR N   H    sing N N 359 
TYR N   H2   sing N N 360 
TYR CA  C    sing N N 361 
TYR CA  CB   sing N N 362 
TYR CA  HA   sing N N 363 
TYR C   O    doub N N 364 
TYR C   OXT  sing N N 365 
TYR CB  CG   sing N N 366 
TYR CB  HB2  sing N N 367 
TYR CB  HB3  sing N N 368 
TYR CG  CD1  doub Y N 369 
TYR CG  CD2  sing Y N 370 
TYR CD1 CE1  sing Y N 371 
TYR CD1 HD1  sing N N 372 
TYR CD2 CE2  doub Y N 373 
TYR CD2 HD2  sing N N 374 
TYR CE1 CZ   doub Y N 375 
TYR CE1 HE1  sing N N 376 
TYR CE2 CZ   sing Y N 377 
TYR CE2 HE2  sing N N 378 
TYR CZ  OH   sing N N 379 
TYR OH  HH   sing N N 380 
TYR OXT HXT  sing N N 381 
VAL N   CA   sing N N 382 
VAL N   H    sing N N 383 
VAL N   H2   sing N N 384 
VAL CA  C    sing N N 385 
VAL CA  CB   sing N N 386 
VAL CA  HA   sing N N 387 
VAL C   O    doub N N 388 
VAL C   OXT  sing N N 389 
VAL CB  CG1  sing N N 390 
VAL CB  CG2  sing N N 391 
VAL CB  HB   sing N N 392 
VAL CG1 HG11 sing N N 393 
VAL CG1 HG12 sing N N 394 
VAL CG1 HG13 sing N N 395 
VAL CG2 HG21 sing N N 396 
VAL CG2 HG22 sing N N 397 
VAL CG2 HG23 sing N N 398 
VAL OXT HXT  sing N N 399 
# 
loop_
_pdbx_chem_comp_identifier.comp_id 
_pdbx_chem_comp_identifier.type 
_pdbx_chem_comp_identifier.program 
_pdbx_chem_comp_identifier.program_version 
_pdbx_chem_comp_identifier.identifier 
BMA 'CONDENSED IUPAC CARBOHYDRATE SYMBOL' GMML     1.0 DManpb            
BMA 'COMMON NAME'                         GMML     1.0 b-D-mannopyranose 
BMA 'IUPAC CARBOHYDRATE SYMBOL'           PDB-CARE 1.0 b-D-Manp          
BMA 'SNFG CARBOHYDRATE SYMBOL'            GMML     1.0 Man               
# 
_pdbx_entity_instance_feature.ordinal        1 
_pdbx_entity_instance_feature.comp_id        BMA 
_pdbx_entity_instance_feature.asym_id        ? 
_pdbx_entity_instance_feature.seq_num        ? 
_pdbx_entity_instance_feature.auth_comp_id   BMA 
_pdbx_entity_instance_feature.auth_asym_id   ? 
_pdbx_entity_instance_feature.auth_seq_num   ? 
_pdbx_entity_instance_feature.feature_type   'SUBJECT OF INVESTIGATION' 
_pdbx_entity_instance_feature.details        ? 
# 
loop_
_pdbx_entity_nonpoly.entity_id 
_pdbx_entity_nonpoly.name 
_pdbx_entity_nonpoly.comp_id 
2 beta-D-mannopyranose BMA 
3 water                HOH 
# 
_pdbx_initial_refinement_model.id               1 
_pdbx_initial_refinement_model.entity_id_list   ? 
_pdbx_initial_refinement_model.type             'experimental model' 
_pdbx_initial_refinement_model.source_name      PDB 
_pdbx_initial_refinement_model.accession_code   1QKQ 
_pdbx_initial_refinement_model.details          ? 
# 
_pdbx_struct_assembly_auth_evidence.id                     1 
_pdbx_struct_assembly_auth_evidence.assembly_id            1 
_pdbx_struct_assembly_auth_evidence.experimental_support   'light scattering' 
_pdbx_struct_assembly_auth_evidence.details                ? 
# 
